data_3VXX
# 
_entry.id   3VXX 
# 
_audit_conform.dict_name       mmcif_pdbx.dic 
_audit_conform.dict_version    5.398 
_audit_conform.dict_location   http://mmcif.pdb.org/dictionaries/ascii/mmcif_pdbx.dic 
# 
loop_
_database_2.database_id 
_database_2.database_code 
_database_2.pdbx_database_accession 
_database_2.pdbx_DOI 
PDB   3VXX         pdb_00003vxx 10.2210/pdb3vxx/pdb 
NDB   NA2049       ?            ?                   
RCSB  RCSB095638   ?            ?                   
WWPDB D_1000095638 ?            ?                   
# 
loop_
_pdbx_audit_revision_history.ordinal 
_pdbx_audit_revision_history.data_content_type 
_pdbx_audit_revision_history.major_revision 
_pdbx_audit_revision_history.minor_revision 
_pdbx_audit_revision_history.revision_date 
1 'Structure model' 1 0 2013-01-16 
2 'Structure model' 1 1 2013-08-14 
3 'Structure model' 1 2 2023-11-08 
4 'Structure model' 1 3 2024-11-13 
# 
_pdbx_audit_revision_details.ordinal             1 
_pdbx_audit_revision_details.revision_ordinal    1 
_pdbx_audit_revision_details.data_content_type   'Structure model' 
_pdbx_audit_revision_details.provider            repository 
_pdbx_audit_revision_details.type                'Initial release' 
_pdbx_audit_revision_details.description         ? 
_pdbx_audit_revision_details.details             ? 
# 
loop_
_pdbx_audit_revision_group.ordinal 
_pdbx_audit_revision_group.revision_ordinal 
_pdbx_audit_revision_group.data_content_type 
_pdbx_audit_revision_group.group 
1 2 'Structure model' 'Database references'    
2 3 'Structure model' 'Data collection'        
3 3 'Structure model' 'Database references'    
4 3 'Structure model' 'Derived calculations'   
5 3 'Structure model' 'Refinement description' 
6 4 'Structure model' 'Structure summary'      
# 
loop_
_pdbx_audit_revision_category.ordinal 
_pdbx_audit_revision_category.revision_ordinal 
_pdbx_audit_revision_category.data_content_type 
_pdbx_audit_revision_category.category 
1 3 'Structure model' chem_comp_atom                
2 3 'Structure model' chem_comp_bond                
3 3 'Structure model' database_2                    
4 3 'Structure model' pdbx_initial_refinement_model 
5 3 'Structure model' struct_conn                   
6 3 'Structure model' struct_ref_seq_dif            
7 3 'Structure model' struct_site                   
8 4 'Structure model' pdbx_entry_details            
9 4 'Structure model' pdbx_modification_feature     
# 
loop_
_pdbx_audit_revision_item.ordinal 
_pdbx_audit_revision_item.revision_ordinal 
_pdbx_audit_revision_item.data_content_type 
_pdbx_audit_revision_item.item 
1 3 'Structure model' '_database_2.pdbx_DOI'                
2 3 'Structure model' '_database_2.pdbx_database_accession' 
3 3 'Structure model' '_struct_conn.pdbx_leaving_atom_flag' 
4 3 'Structure model' '_struct_ref_seq_dif.details'         
5 3 'Structure model' '_struct_site.pdbx_auth_asym_id'      
6 3 'Structure model' '_struct_site.pdbx_auth_comp_id'      
7 3 'Structure model' '_struct_site.pdbx_auth_seq_id'       
# 
_pdbx_database_status.status_code                     REL 
_pdbx_database_status.entry_id                        3VXX 
_pdbx_database_status.recvd_initial_deposition_date   2012-09-21 
_pdbx_database_status.deposit_site                    PDBJ 
_pdbx_database_status.process_site                    PDBJ 
_pdbx_database_status.methods_development_category    ? 
_pdbx_database_status.status_code_sf                  REL 
_pdbx_database_status.status_code_mr                  ? 
_pdbx_database_status.SG_entry                        ? 
_pdbx_database_status.status_code_cs                  ? 
_pdbx_database_status.pdb_format_compatible           Y 
_pdbx_database_status.status_code_nmr_data            ? 
# 
loop_
_pdbx_database_related.db_name 
_pdbx_database_related.db_id 
_pdbx_database_related.details 
_pdbx_database_related.content_type 
PDB 3VXV . unspecified 
PDB 3VYB . unspecified 
PDB 3VYQ . unspecified 
# 
loop_
_audit_author.name 
_audit_author.pdbx_ordinal 
'Otani, J.'     1 
'Arita, K.'     2 
'Kato, T.'      3 
'Kinoshita, M.' 4 
'Ariyoshi, M.'  5 
'Shirakawa, M.' 6 
# 
_citation.id                        primary 
_citation.title                     
'Structural basis of the versatile DNA recognition ability of the methyl-CpG binding domain of methyl-CpG binding domain protein 4' 
_citation.journal_abbrev            J.Biol.Chem. 
_citation.journal_volume            288 
_citation.page_first                6351 
_citation.page_last                 6362 
_citation.year                      2013 
_citation.journal_id_ASTM           JBCHA3 
_citation.country                   US 
_citation.journal_id_ISSN           0021-9258 
_citation.journal_id_CSD            0071 
_citation.book_publisher            ? 
_citation.pdbx_database_id_PubMed   23316048 
_citation.pdbx_database_id_DOI      10.1074/jbc.M112.431098 
# 
loop_
_citation_author.citation_id 
_citation_author.name 
_citation_author.ordinal 
_citation_author.identifier_ORCID 
primary 'Otani, J.'     1 ? 
primary 'Arita, K.'     2 ? 
primary 'Kato, T.'      3 ? 
primary 'Kinoshita, M.' 4 ? 
primary 'Kimura, H.'    5 ? 
primary 'Suetake, I.'   6 ? 
primary 'Tajima, S.'    7 ? 
primary 'Ariyoshi, M.'  8 ? 
primary 'Shirakawa, M.' 9 ? 
# 
loop_
_entity.id 
_entity.type 
_entity.src_method 
_entity.pdbx_description 
_entity.formula_weight 
_entity.pdbx_number_of_molecules 
_entity.pdbx_ec 
_entity.pdbx_mutation 
_entity.pdbx_fragment 
_entity.details 
1 polymer     man 'Methyl-CpG-binding domain protein 4'                          7829.089 1   3.2.2.- ? 
'methyl CpG binding domain, UNP residues 69-136' ? 
2 polymer     syn 
;DNA (5'-D(*GP*TP*CP*AP*CP*TP*AP*CP*(5CM)P*GP*GP*AP*CP*A)-3')
;
4263.809 1   ?       ? ?                                                ? 
3 polymer     syn 
;DNA (5'-D(*GP*TP*CP*(5CM)P*GP*GP*TP*AP*GP*TP*GP*AP*CP*T)-3')
;
4325.828 1   ?       ? ?                                                ? 
4 non-polymer syn 'ACETATE ION'                                                  59.044   6   ?       ? ? ? 
5 non-polymer syn 1,2-ETHANEDIOL                                                 62.068   3   ?       ? ? ? 
6 water       nat water                                                          18.015   123 ?       ? ? ? 
# 
_entity_name_com.entity_id   1 
_entity_name_com.name        'Methyl-CpG-binding protein MBD4, Mismatch-specific DNA N-glycosylase' 
# 
loop_
_entity_poly.entity_id 
_entity_poly.type 
_entity_poly.nstd_linkage 
_entity_poly.nstd_monomer 
_entity_poly.pdbx_seq_one_letter_code 
_entity_poly.pdbx_seq_one_letter_code_can 
_entity_poly.pdbx_strand_id 
_entity_poly.pdbx_target_identifier 
1 'polypeptide(L)'        no no  SGHKPVPCGWERVVKQRLSGKTAGKFDVYFISPQGLKFRSKRSLANYLLKNGETFLKPEDFNFTVLPKG 
SGHKPVPCGWERVVKQRLSGKTAGKFDVYFISPQGLKFRSKRSLANYLLKNGETFLKPEDFNFTVLPKG A ? 
2 polydeoxyribonucleotide no yes '(DG)(DT)(DC)(DA)(DC)(DT)(DA)(DC)(5CM)(DG)(DG)(DA)(DC)(DA)'           GTCACTACCGGACA B ? 
3 polydeoxyribonucleotide no yes '(DG)(DT)(DC)(5CM)(DG)(DG)(DT)(DA)(DG)(DT)(DG)(DA)(DC)(DT)'           GTCCGGTAGTGACT C ? 
# 
loop_
_pdbx_entity_nonpoly.entity_id 
_pdbx_entity_nonpoly.name 
_pdbx_entity_nonpoly.comp_id 
4 'ACETATE ION'  ACT 
5 1,2-ETHANEDIOL EDO 
6 water          HOH 
# 
loop_
_entity_poly_seq.entity_id 
_entity_poly_seq.num 
_entity_poly_seq.mon_id 
_entity_poly_seq.hetero 
1 1  SER n 
1 2  GLY n 
1 3  HIS n 
1 4  LYS n 
1 5  PRO n 
1 6  VAL n 
1 7  PRO n 
1 8  CYS n 
1 9  GLY n 
1 10 TRP n 
1 11 GLU n 
1 12 ARG n 
1 13 VAL n 
1 14 VAL n 
1 15 LYS n 
1 16 GLN n 
1 17 ARG n 
1 18 LEU n 
1 19 SER n 
1 20 GLY n 
1 21 LYS n 
1 22 THR n 
1 23 ALA n 
1 24 GLY n 
1 25 LYS n 
1 26 PHE n 
1 27 ASP n 
1 28 VAL n 
1 29 TYR n 
1 30 PHE n 
1 31 ILE n 
1 32 SER n 
1 33 PRO n 
1 34 GLN n 
1 35 GLY n 
1 36 LEU n 
1 37 LYS n 
1 38 PHE n 
1 39 ARG n 
1 40 SER n 
1 41 LYS n 
1 42 ARG n 
1 43 SER n 
1 44 LEU n 
1 45 ALA n 
1 46 ASN n 
1 47 TYR n 
1 48 LEU n 
1 49 LEU n 
1 50 LYS n 
1 51 ASN n 
1 52 GLY n 
1 53 GLU n 
1 54 THR n 
1 55 PHE n 
1 56 LEU n 
1 57 LYS n 
1 58 PRO n 
1 59 GLU n 
1 60 ASP n 
1 61 PHE n 
1 62 ASN n 
1 63 PHE n 
1 64 THR n 
1 65 VAL n 
1 66 LEU n 
1 67 PRO n 
1 68 LYS n 
1 69 GLY n 
2 1  DG  n 
2 2  DT  n 
2 3  DC  n 
2 4  DA  n 
2 5  DC  n 
2 6  DT  n 
2 7  DA  n 
2 8  DC  n 
2 9  5CM n 
2 10 DG  n 
2 11 DG  n 
2 12 DA  n 
2 13 DC  n 
2 14 DA  n 
3 1  DG  n 
3 2  DT  n 
3 3  DC  n 
3 4  5CM n 
3 5  DG  n 
3 6  DG  n 
3 7  DT  n 
3 8  DA  n 
3 9  DG  n 
3 10 DT  n 
3 11 DG  n 
3 12 DA  n 
3 13 DC  n 
3 14 DT  n 
# 
_entity_src_gen.entity_id                          1 
_entity_src_gen.pdbx_src_id                        1 
_entity_src_gen.pdbx_alt_source_flag               sample 
_entity_src_gen.pdbx_seq_type                      ? 
_entity_src_gen.pdbx_beg_seq_num                   ? 
_entity_src_gen.pdbx_end_seq_num                   ? 
_entity_src_gen.gene_src_common_name               mouse 
_entity_src_gen.gene_src_genus                     ? 
_entity_src_gen.pdbx_gene_src_gene                 Mbd4 
_entity_src_gen.gene_src_species                   ? 
_entity_src_gen.gene_src_strain                    ? 
_entity_src_gen.gene_src_tissue                    ? 
_entity_src_gen.gene_src_tissue_fraction           ? 
_entity_src_gen.gene_src_details                   ? 
_entity_src_gen.pdbx_gene_src_fragment             ? 
_entity_src_gen.pdbx_gene_src_scientific_name      'Mus musculus' 
_entity_src_gen.pdbx_gene_src_ncbi_taxonomy_id     10090 
_entity_src_gen.pdbx_gene_src_variant              ? 
_entity_src_gen.pdbx_gene_src_cell_line            ? 
_entity_src_gen.pdbx_gene_src_atcc                 ? 
_entity_src_gen.pdbx_gene_src_organ                ? 
_entity_src_gen.pdbx_gene_src_organelle            ? 
_entity_src_gen.pdbx_gene_src_cell                 ? 
_entity_src_gen.pdbx_gene_src_cellular_location    ? 
_entity_src_gen.host_org_common_name               ? 
_entity_src_gen.pdbx_host_org_scientific_name      'Escherichia coli' 
_entity_src_gen.pdbx_host_org_ncbi_taxonomy_id     562 
_entity_src_gen.host_org_genus                     ? 
_entity_src_gen.pdbx_host_org_gene                 ? 
_entity_src_gen.pdbx_host_org_organ                ? 
_entity_src_gen.host_org_species                   ? 
_entity_src_gen.pdbx_host_org_tissue               ? 
_entity_src_gen.pdbx_host_org_tissue_fraction      ? 
_entity_src_gen.pdbx_host_org_strain               'BL21(DE3)' 
_entity_src_gen.pdbx_host_org_variant              ? 
_entity_src_gen.pdbx_host_org_cell_line            ? 
_entity_src_gen.pdbx_host_org_atcc                 ? 
_entity_src_gen.pdbx_host_org_culture_collection   ? 
_entity_src_gen.pdbx_host_org_cell                 ? 
_entity_src_gen.pdbx_host_org_organelle            ? 
_entity_src_gen.pdbx_host_org_cellular_location    ? 
_entity_src_gen.pdbx_host_org_vector_type          plasmid 
_entity_src_gen.pdbx_host_org_vector               ? 
_entity_src_gen.host_org_details                   ? 
_entity_src_gen.expression_system_id               ? 
_entity_src_gen.plasmid_name                       ? 
_entity_src_gen.plasmid_details                    ? 
_entity_src_gen.pdbx_description                   ? 
# 
loop_
_pdbx_entity_src_syn.entity_id 
_pdbx_entity_src_syn.pdbx_src_id 
_pdbx_entity_src_syn.pdbx_alt_source_flag 
_pdbx_entity_src_syn.pdbx_beg_seq_num 
_pdbx_entity_src_syn.pdbx_end_seq_num 
_pdbx_entity_src_syn.organism_scientific 
_pdbx_entity_src_syn.organism_common_name 
_pdbx_entity_src_syn.ncbi_taxonomy_id 
_pdbx_entity_src_syn.details 
2 1 sample ? ? ? ? ? 'chemical synthesis' 
3 1 sample ? ? ? ? ? 'chemical synthesis' 
# 
loop_
_chem_comp.id 
_chem_comp.type 
_chem_comp.mon_nstd_flag 
_chem_comp.name 
_chem_comp.pdbx_synonyms 
_chem_comp.formula 
_chem_comp.formula_weight 
5CM 'DNA linking'       n "5-METHYL-2'-DEOXY-CYTIDINE-5'-MONOPHOSPHATE" ?                 'C10 H16 N3 O7 P' 321.224 
ACT non-polymer         . 'ACETATE ION'                                 ?                 'C2 H3 O2 -1'     59.044  
ALA 'L-peptide linking' y ALANINE                                       ?                 'C3 H7 N O2'      89.093  
ARG 'L-peptide linking' y ARGININE                                      ?                 'C6 H15 N4 O2 1'  175.209 
ASN 'L-peptide linking' y ASPARAGINE                                    ?                 'C4 H8 N2 O3'     132.118 
ASP 'L-peptide linking' y 'ASPARTIC ACID'                               ?                 'C4 H7 N O4'      133.103 
CYS 'L-peptide linking' y CYSTEINE                                      ?                 'C3 H7 N O2 S'    121.158 
DA  'DNA linking'       y "2'-DEOXYADENOSINE-5'-MONOPHOSPHATE"          ?                 'C10 H14 N5 O6 P' 331.222 
DC  'DNA linking'       y "2'-DEOXYCYTIDINE-5'-MONOPHOSPHATE"           ?                 'C9 H14 N3 O7 P'  307.197 
DG  'DNA linking'       y "2'-DEOXYGUANOSINE-5'-MONOPHOSPHATE"          ?                 'C10 H14 N5 O7 P' 347.221 
DT  'DNA linking'       y "THYMIDINE-5'-MONOPHOSPHATE"                  ?                 'C10 H15 N2 O8 P' 322.208 
EDO non-polymer         . 1,2-ETHANEDIOL                                'ETHYLENE GLYCOL' 'C2 H6 O2'        62.068  
GLN 'L-peptide linking' y GLUTAMINE                                     ?                 'C5 H10 N2 O3'    146.144 
GLU 'L-peptide linking' y 'GLUTAMIC ACID'                               ?                 'C5 H9 N O4'      147.129 
GLY 'peptide linking'   y GLYCINE                                       ?                 'C2 H5 N O2'      75.067  
HIS 'L-peptide linking' y HISTIDINE                                     ?                 'C6 H10 N3 O2 1'  156.162 
HOH non-polymer         . WATER                                         ?                 'H2 O'            18.015  
ILE 'L-peptide linking' y ISOLEUCINE                                    ?                 'C6 H13 N O2'     131.173 
LEU 'L-peptide linking' y LEUCINE                                       ?                 'C6 H13 N O2'     131.173 
LYS 'L-peptide linking' y LYSINE                                        ?                 'C6 H15 N2 O2 1'  147.195 
PHE 'L-peptide linking' y PHENYLALANINE                                 ?                 'C9 H11 N O2'     165.189 
PRO 'L-peptide linking' y PROLINE                                       ?                 'C5 H9 N O2'      115.130 
SER 'L-peptide linking' y SERINE                                        ?                 'C3 H7 N O3'      105.093 
THR 'L-peptide linking' y THREONINE                                     ?                 'C4 H9 N O3'      119.119 
TRP 'L-peptide linking' y TRYPTOPHAN                                    ?                 'C11 H12 N2 O2'   204.225 
TYR 'L-peptide linking' y TYROSINE                                      ?                 'C9 H11 N O3'     181.189 
VAL 'L-peptide linking' y VALINE                                        ?                 'C5 H11 N O2'     117.146 
# 
loop_
_pdbx_poly_seq_scheme.asym_id 
_pdbx_poly_seq_scheme.entity_id 
_pdbx_poly_seq_scheme.seq_id 
_pdbx_poly_seq_scheme.mon_id 
_pdbx_poly_seq_scheme.ndb_seq_num 
_pdbx_poly_seq_scheme.pdb_seq_num 
_pdbx_poly_seq_scheme.auth_seq_num 
_pdbx_poly_seq_scheme.pdb_mon_id 
_pdbx_poly_seq_scheme.auth_mon_id 
_pdbx_poly_seq_scheme.pdb_strand_id 
_pdbx_poly_seq_scheme.pdb_ins_code 
_pdbx_poly_seq_scheme.hetero 
A 1 1  SER 1  68  ?   ?   ?   A . n 
A 1 2  GLY 2  69  ?   ?   ?   A . n 
A 1 3  HIS 3  70  ?   ?   ?   A . n 
A 1 4  LYS 4  71  ?   ?   ?   A . n 
A 1 5  PRO 5  72  72  PRO PRO A . n 
A 1 6  VAL 6  73  73  VAL VAL A . n 
A 1 7  PRO 7  74  74  PRO PRO A . n 
A 1 8  CYS 8  75  75  CYS CYS A . n 
A 1 9  GLY 9  76  76  GLY GLY A . n 
A 1 10 TRP 10 77  77  TRP TRP A . n 
A 1 11 GLU 11 78  78  GLU GLU A . n 
A 1 12 ARG 12 79  79  ARG ARG A . n 
A 1 13 VAL 13 80  80  VAL VAL A . n 
A 1 14 VAL 14 81  81  VAL VAL A . n 
A 1 15 LYS 15 82  82  LYS LYS A . n 
A 1 16 GLN 16 83  83  GLN GLN A . n 
A 1 17 ARG 17 84  84  ARG ARG A . n 
A 1 18 LEU 18 85  85  LEU LEU A . n 
A 1 19 SER 19 86  86  SER SER A . n 
A 1 20 GLY 20 87  87  GLY GLY A . n 
A 1 21 LYS 21 88  88  LYS LYS A . n 
A 1 22 THR 22 89  89  THR THR A . n 
A 1 23 ALA 23 90  90  ALA ALA A . n 
A 1 24 GLY 24 91  91  GLY GLY A . n 
A 1 25 LYS 25 92  92  LYS LYS A . n 
A 1 26 PHE 26 93  93  PHE PHE A . n 
A 1 27 ASP 27 94  94  ASP ASP A . n 
A 1 28 VAL 28 95  95  VAL VAL A . n 
A 1 29 TYR 29 96  96  TYR TYR A . n 
A 1 30 PHE 30 97  97  PHE PHE A . n 
A 1 31 ILE 31 98  98  ILE ILE A . n 
A 1 32 SER 32 99  99  SER SER A . n 
A 1 33 PRO 33 100 100 PRO PRO A . n 
A 1 34 GLN 34 101 101 GLN GLN A . n 
A 1 35 GLY 35 102 102 GLY GLY A . n 
A 1 36 LEU 36 103 103 LEU LEU A . n 
A 1 37 LYS 37 104 104 LYS LYS A . n 
A 1 38 PHE 38 105 105 PHE PHE A . n 
A 1 39 ARG 39 106 106 ARG ARG A . n 
A 1 40 SER 40 107 107 SER SER A . n 
A 1 41 LYS 41 108 108 LYS LYS A . n 
A 1 42 ARG 42 109 109 ARG ARG A . n 
A 1 43 SER 43 110 110 SER SER A . n 
A 1 44 LEU 44 111 111 LEU LEU A . n 
A 1 45 ALA 45 112 112 ALA ALA A . n 
A 1 46 ASN 46 113 113 ASN ASN A . n 
A 1 47 TYR 47 114 114 TYR TYR A . n 
A 1 48 LEU 48 115 115 LEU LEU A . n 
A 1 49 LEU 49 116 116 LEU LEU A . n 
A 1 50 LYS 50 117 117 LYS LYS A . n 
A 1 51 ASN 51 118 118 ASN ASN A . n 
A 1 52 GLY 52 119 119 GLY GLY A . n 
A 1 53 GLU 53 120 120 GLU GLU A . n 
A 1 54 THR 54 121 121 THR THR A . n 
A 1 55 PHE 55 122 122 PHE PHE A . n 
A 1 56 LEU 56 123 123 LEU LEU A . n 
A 1 57 LYS 57 124 124 LYS LYS A . n 
A 1 58 PRO 58 125 125 PRO PRO A . n 
A 1 59 GLU 59 126 126 GLU GLU A . n 
A 1 60 ASP 60 127 127 ASP ASP A . n 
A 1 61 PHE 61 128 128 PHE PHE A . n 
A 1 62 ASN 62 129 129 ASN ASN A . n 
A 1 63 PHE 63 130 130 PHE PHE A . n 
A 1 64 THR 64 131 131 THR THR A . n 
A 1 65 VAL 65 132 132 VAL VAL A . n 
A 1 66 LEU 66 133 133 LEU LEU A . n 
A 1 67 PRO 67 134 134 PRO PRO A . n 
A 1 68 LYS 68 135 ?   ?   ?   A . n 
A 1 69 GLY 69 136 ?   ?   ?   A . n 
B 2 1  DG  1  1   1   DG  DG  B . n 
B 2 2  DT  2  2   2   DT  DT  B . n 
B 2 3  DC  3  3   3   DC  DC  B . n 
B 2 4  DA  4  4   4   DA  DA  B . n 
B 2 5  DC  5  5   5   DC  DC  B . n 
B 2 6  DT  6  6   6   DT  DT  B . n 
B 2 7  DA  7  7   7   DA  DA  B . n 
B 2 8  DC  8  8   8   DC  DC  B . n 
B 2 9  5CM 9  9   9   5CM 5CM B . n 
B 2 10 DG  10 10  10  DG  DG  B . n 
B 2 11 DG  11 11  11  DG  DG  B . n 
B 2 12 DA  12 12  12  DA  DA  B . n 
B 2 13 DC  13 13  13  DC  DC  B . n 
B 2 14 DA  14 14  14  DA  DA  B . n 
C 3 1  DG  1  1   1   DG  DG  C . n 
C 3 2  DT  2  2   2   DT  DT  C . n 
C 3 3  DC  3  3   3   DC  DC  C . n 
C 3 4  5CM 4  4   4   5CM 5CM C . n 
C 3 5  DG  5  5   5   DG  DG  C . n 
C 3 6  DG  6  6   6   DG  DG  C . n 
C 3 7  DT  7  7   7   DT  DT  C . n 
C 3 8  DA  8  8   8   DA  DA  C . n 
C 3 9  DG  9  9   9   DG  DG  C . n 
C 3 10 DT  10 10  10  DT  DT  C . n 
C 3 11 DG  11 11  11  DG  DG  C . n 
C 3 12 DA  12 12  12  DA  DA  C . n 
C 3 13 DC  13 13  13  DC  DC  C . n 
C 3 14 DT  14 14  14  DT  DT  C . n 
# 
loop_
_pdbx_nonpoly_scheme.asym_id 
_pdbx_nonpoly_scheme.entity_id 
_pdbx_nonpoly_scheme.mon_id 
_pdbx_nonpoly_scheme.ndb_seq_num 
_pdbx_nonpoly_scheme.pdb_seq_num 
_pdbx_nonpoly_scheme.auth_seq_num 
_pdbx_nonpoly_scheme.pdb_mon_id 
_pdbx_nonpoly_scheme.auth_mon_id 
_pdbx_nonpoly_scheme.pdb_strand_id 
_pdbx_nonpoly_scheme.pdb_ins_code 
D 4 ACT 1  201 1   ACT ACT A . 
E 4 ACT 1  202 2   ACT ACT A . 
F 4 ACT 1  203 5   ACT ACT A . 
G 4 ACT 1  204 6   ACT ACT A . 
H 5 EDO 1  205 10  EDO EDO A . 
I 5 EDO 1  206 12  EDO EDO A . 
J 5 EDO 1  207 13  EDO EDO A . 
K 4 ACT 1  101 4   ACT ACT B . 
L 4 ACT 1  101 3   ACT ACT C . 
M 6 HOH 1  301 2   HOH HOH A . 
M 6 HOH 2  302 3   HOH HOH A . 
M 6 HOH 3  303 7   HOH HOH A . 
M 6 HOH 4  304 11  HOH HOH A . 
M 6 HOH 5  305 12  HOH HOH A . 
M 6 HOH 6  306 14  HOH HOH A . 
M 6 HOH 7  307 16  HOH HOH A . 
M 6 HOH 8  308 19  HOH HOH A . 
M 6 HOH 9  309 24  HOH HOH A . 
M 6 HOH 10 310 26  HOH HOH A . 
M 6 HOH 11 311 27  HOH HOH A . 
M 6 HOH 12 312 28  HOH HOH A . 
M 6 HOH 13 313 34  HOH HOH A . 
M 6 HOH 14 314 36  HOH HOH A . 
M 6 HOH 15 315 39  HOH HOH A . 
M 6 HOH 16 316 40  HOH HOH A . 
M 6 HOH 17 317 42  HOH HOH A . 
M 6 HOH 18 318 44  HOH HOH A . 
M 6 HOH 19 319 46  HOH HOH A . 
M 6 HOH 20 320 47  HOH HOH A . 
M 6 HOH 21 321 49  HOH HOH A . 
M 6 HOH 22 322 52  HOH HOH A . 
M 6 HOH 23 323 53  HOH HOH A . 
M 6 HOH 24 324 54  HOH HOH A . 
M 6 HOH 25 325 58  HOH HOH A . 
M 6 HOH 26 326 63  HOH HOH A . 
M 6 HOH 27 327 64  HOH HOH A . 
M 6 HOH 28 328 65  HOH HOH A . 
M 6 HOH 29 329 68  HOH HOH A . 
M 6 HOH 30 330 70  HOH HOH A . 
M 6 HOH 31 331 72  HOH HOH A . 
M 6 HOH 32 332 75  HOH HOH A . 
M 6 HOH 33 333 80  HOH HOH A . 
M 6 HOH 34 334 83  HOH HOH A . 
M 6 HOH 35 335 84  HOH HOH A . 
M 6 HOH 36 336 87  HOH HOH A . 
M 6 HOH 37 337 94  HOH HOH A . 
M 6 HOH 38 338 96  HOH HOH A . 
M 6 HOH 39 339 99  HOH HOH A . 
M 6 HOH 40 340 100 HOH HOH A . 
M 6 HOH 41 341 101 HOH HOH A . 
M 6 HOH 42 342 104 HOH HOH A . 
M 6 HOH 43 343 105 HOH HOH A . 
M 6 HOH 44 344 106 HOH HOH A . 
M 6 HOH 45 345 108 HOH HOH A . 
M 6 HOH 46 346 109 HOH HOH A . 
M 6 HOH 47 347 110 HOH HOH A . 
M 6 HOH 48 348 116 HOH HOH A . 
M 6 HOH 49 349 119 HOH HOH A . 
M 6 HOH 50 350 123 HOH HOH A . 
M 6 HOH 51 351 32  HOH HOH A . 
M 6 HOH 52 352 15  HOH HOH A . 
N 6 HOH 1  201 8   HOH HOH B . 
N 6 HOH 2  202 9   HOH HOH B . 
N 6 HOH 3  203 10  HOH HOH B . 
N 6 HOH 4  204 17  HOH HOH B . 
N 6 HOH 5  205 18  HOH HOH B . 
N 6 HOH 6  206 20  HOH HOH B . 
N 6 HOH 7  207 22  HOH HOH B . 
N 6 HOH 8  208 30  HOH HOH B . 
N 6 HOH 9  209 38  HOH HOH B . 
N 6 HOH 10 210 41  HOH HOH B . 
N 6 HOH 11 211 45  HOH HOH B . 
N 6 HOH 12 212 48  HOH HOH B . 
N 6 HOH 13 213 51  HOH HOH B . 
N 6 HOH 14 214 55  HOH HOH B . 
N 6 HOH 15 215 61  HOH HOH B . 
N 6 HOH 16 216 62  HOH HOH B . 
N 6 HOH 17 217 66  HOH HOH B . 
N 6 HOH 18 218 69  HOH HOH B . 
N 6 HOH 19 219 76  HOH HOH B . 
N 6 HOH 20 220 79  HOH HOH B . 
N 6 HOH 21 221 88  HOH HOH B . 
N 6 HOH 22 222 89  HOH HOH B . 
N 6 HOH 23 223 90  HOH HOH B . 
N 6 HOH 24 224 93  HOH HOH B . 
N 6 HOH 25 225 97  HOH HOH B . 
N 6 HOH 26 226 102 HOH HOH B . 
N 6 HOH 27 227 111 HOH HOH B . 
N 6 HOH 28 228 112 HOH HOH B . 
N 6 HOH 29 229 114 HOH HOH B . 
N 6 HOH 30 230 115 HOH HOH B . 
N 6 HOH 31 231 117 HOH HOH B . 
N 6 HOH 32 232 122 HOH HOH B . 
O 6 HOH 1  201 92  HOH HOH C . 
O 6 HOH 2  202 1   HOH HOH C . 
O 6 HOH 3  203 4   HOH HOH C . 
O 6 HOH 4  204 5   HOH HOH C . 
O 6 HOH 5  205 6   HOH HOH C . 
O 6 HOH 6  206 13  HOH HOH C . 
O 6 HOH 7  207 21  HOH HOH C . 
O 6 HOH 8  208 23  HOH HOH C . 
O 6 HOH 9  209 25  HOH HOH C . 
O 6 HOH 10 210 29  HOH HOH C . 
O 6 HOH 11 211 31  HOH HOH C . 
O 6 HOH 12 212 33  HOH HOH C . 
O 6 HOH 13 213 35  HOH HOH C . 
O 6 HOH 14 214 37  HOH HOH C . 
O 6 HOH 15 215 43  HOH HOH C . 
O 6 HOH 16 216 50  HOH HOH C . 
O 6 HOH 17 217 56  HOH HOH C . 
O 6 HOH 18 218 57  HOH HOH C . 
O 6 HOH 19 219 59  HOH HOH C . 
O 6 HOH 20 220 60  HOH HOH C . 
O 6 HOH 21 221 67  HOH HOH C . 
O 6 HOH 22 222 71  HOH HOH C . 
O 6 HOH 23 223 73  HOH HOH C . 
O 6 HOH 24 224 74  HOH HOH C . 
O 6 HOH 25 225 77  HOH HOH C . 
O 6 HOH 26 226 78  HOH HOH C . 
O 6 HOH 27 227 81  HOH HOH C . 
O 6 HOH 28 228 82  HOH HOH C . 
O 6 HOH 29 229 85  HOH HOH C . 
O 6 HOH 30 230 86  HOH HOH C . 
O 6 HOH 31 231 91  HOH HOH C . 
O 6 HOH 32 232 95  HOH HOH C . 
O 6 HOH 33 233 98  HOH HOH C . 
O 6 HOH 34 234 103 HOH HOH C . 
O 6 HOH 35 235 107 HOH HOH C . 
O 6 HOH 36 236 113 HOH HOH C . 
O 6 HOH 37 237 118 HOH HOH C . 
O 6 HOH 38 238 120 HOH HOH C . 
O 6 HOH 39 239 121 HOH HOH C . 
# 
loop_
_software.name 
_software.classification 
_software.version 
_software.citation_id 
_software.pdbx_ordinal 
HKL-2000 'data collection' .                            ? 1 
MOLREP   phasing           .                            ? 2 
PHENIX   refinement        '(phenix.refine: 1.6.4_486)' ? 3 
HKL-2000 'data reduction'  .                            ? 4 
HKL-2000 'data scaling'    .                            ? 5 
# 
_cell.entry_id           3VXX 
_cell.length_a           89.182 
_cell.length_b           93.829 
_cell.length_c           55.357 
_cell.angle_alpha        90.00 
_cell.angle_beta         90.00 
_cell.angle_gamma        90.00 
_cell.Z_PDB              8 
_cell.pdbx_unique_axis   ? 
_cell.length_a_esd       ? 
_cell.length_b_esd       ? 
_cell.length_c_esd       ? 
_cell.angle_alpha_esd    ? 
_cell.angle_beta_esd     ? 
_cell.angle_gamma_esd    ? 
# 
_symmetry.entry_id                         3VXX 
_symmetry.space_group_name_H-M             'C 2 2 21' 
_symmetry.pdbx_full_space_group_name_H-M   ? 
_symmetry.cell_setting                     ? 
_symmetry.Int_Tables_number                20 
_symmetry.space_group_name_Hall            ? 
# 
_exptl.entry_id          3VXX 
_exptl.method            'X-RAY DIFFRACTION' 
_exptl.crystals_number   1 
# 
_exptl_crystal.id                    1 
_exptl_crystal.density_meas          ? 
_exptl_crystal.density_Matthews      3.53 
_exptl_crystal.density_percent_sol   65.12 
_exptl_crystal.description           ? 
_exptl_crystal.F_000                 ? 
_exptl_crystal.preparation           ? 
# 
_exptl_crystal_grow.crystal_id      1 
_exptl_crystal_grow.method          'VAPOR DIFFUSION, HANGING DROP' 
_exptl_crystal_grow.temp            293 
_exptl_crystal_grow.temp_details    ? 
_exptl_crystal_grow.pH              4.4 
_exptl_crystal_grow.pdbx_pH_range   ? 
_exptl_crystal_grow.pdbx_details    
'7% PEG 10000, 0.1M sodium acetate, 0.2M sodium chloride, pH 4.4, VAPOR DIFFUSION, HANGING DROP, temperature 293K' 
# 
_diffrn.id                     1 
_diffrn.ambient_temp           95 
_diffrn.ambient_temp_details   ? 
_diffrn.crystal_id             1 
# 
_diffrn_detector.diffrn_id              1 
_diffrn_detector.detector               CCD 
_diffrn_detector.type                   'ADSC QUANTUM 210' 
_diffrn_detector.pdbx_collection_date   2009-11-25 
_diffrn_detector.details                ? 
# 
_diffrn_radiation.diffrn_id                        1 
_diffrn_radiation.wavelength_id                    1 
_diffrn_radiation.pdbx_monochromatic_or_laue_m_l   M 
_diffrn_radiation.monochromator                    ? 
_diffrn_radiation.pdbx_diffrn_protocol             'SINGLE WAVELENGTH' 
_diffrn_radiation.pdbx_scattering_type             x-ray 
# 
_diffrn_radiation_wavelength.id           1 
_diffrn_radiation_wavelength.wavelength   1.0 
_diffrn_radiation_wavelength.wt           1.0 
# 
_diffrn_source.diffrn_id                   1 
_diffrn_source.source                      SYNCHROTRON 
_diffrn_source.type                        'PHOTON FACTORY BEAMLINE AR-NW12A' 
_diffrn_source.pdbx_synchrotron_site       'Photon Factory' 
_diffrn_source.pdbx_synchrotron_beamline   AR-NW12A 
_diffrn_source.pdbx_wavelength             ? 
_diffrn_source.pdbx_wavelength_list        1.0 
# 
_reflns.pdbx_diffrn_id               1 
_reflns.pdbx_ordinal                 1 
_reflns.entry_id                     3VXX 
_reflns.observed_criterion_sigma_I   1.0 
_reflns.observed_criterion_sigma_F   1.0 
_reflns.d_resolution_low             50 
_reflns.d_resolution_high            2.2 
_reflns.number_obs                   12048 
_reflns.number_all                   12096 
_reflns.percent_possible_obs         99.6 
_reflns.pdbx_Rmerge_I_obs            0.078 
_reflns.pdbx_Rsym_value              ? 
_reflns.pdbx_netI_over_sigmaI        12.4 
_reflns.B_iso_Wilson_estimate        41.310 
_reflns.pdbx_redundancy              7.2 
_reflns.R_free_details               ? 
_reflns.pdbx_chi_squared             ? 
_reflns.pdbx_scaling_rejects         ? 
# 
_reflns_shell.pdbx_diffrn_id         1 
_reflns_shell.pdbx_ordinal           1 
_reflns_shell.d_res_high             2.2 
_reflns_shell.d_res_low              2.28 
_reflns_shell.percent_possible_all   99.9 
_reflns_shell.Rmerge_I_obs           0.477 
_reflns_shell.pdbx_Rsym_value        ? 
_reflns_shell.meanI_over_sigI_obs    4.5 
_reflns_shell.pdbx_redundancy        7.3 
_reflns_shell.percent_possible_obs   ? 
_reflns_shell.number_unique_all      ? 
_reflns_shell.number_measured_all    ? 
_reflns_shell.number_measured_obs    ? 
_reflns_shell.number_unique_obs      ? 
_reflns_shell.pdbx_chi_squared       ? 
# 
_refine.pdbx_refine_id                           'X-RAY DIFFRACTION' 
_refine.entry_id                                 3VXX 
_refine.pdbx_diffrn_id                           1 
_refine.pdbx_TLS_residual_ADP_flag               ? 
_refine.ls_number_reflns_obs                     12027 
_refine.ls_number_reflns_all                     ? 
_refine.pdbx_ls_sigma_I                          ? 
_refine.pdbx_ls_sigma_F                          1.34 
_refine.pdbx_data_cutoff_high_absF               ? 
_refine.pdbx_data_cutoff_low_absF                ? 
_refine.pdbx_data_cutoff_high_rms_absF           ? 
_refine.ls_d_res_low                             28.339 
_refine.ls_d_res_high                            2.204 
_refine.ls_percent_reflns_obs                    99.54 
_refine.ls_R_factor_obs                          0.1965 
_refine.ls_R_factor_all                          ? 
_refine.ls_R_factor_R_work                       0.1955 
_refine.ls_R_factor_R_free                       0.2145 
_refine.ls_R_factor_R_free_error                 ? 
_refine.ls_R_factor_R_free_error_details         ? 
_refine.ls_percent_reflns_R_free                 4.77 
_refine.ls_number_reflns_R_free                  574 
_refine.ls_number_parameters                     ? 
_refine.ls_number_restraints                     ? 
_refine.correlation_coeff_Fo_to_Fc               ? 
_refine.correlation_coeff_Fo_to_Fc_free          ? 
_refine.B_iso_mean                               ? 
_refine.aniso_B[1][1]                            -13.1184 
_refine.aniso_B[2][2]                            11.4286 
_refine.aniso_B[3][3]                            1.6898 
_refine.aniso_B[1][2]                            0.0000 
_refine.aniso_B[1][3]                            0.0000 
_refine.aniso_B[2][3]                            -0.0000 
_refine.solvent_model_details                    'FLAT BULK SOLVENT MODEL' 
_refine.solvent_model_param_ksol                 0.347 
_refine.solvent_model_param_bsol                 42.734 
_refine.pdbx_solvent_vdw_probe_radii             0.90 
_refine.pdbx_solvent_ion_probe_radii             ? 
_refine.pdbx_solvent_shrinkage_radii             0.60 
_refine.pdbx_ls_cross_valid_method               ? 
_refine.details                                  ? 
_refine.pdbx_starting_model                      'PDB ENTRY 3VXV' 
_refine.pdbx_method_to_determine_struct          'MOLECULAR REPLACEMENT' 
_refine.pdbx_isotropic_thermal_model             ? 
_refine.pdbx_stereochemistry_target_values       ML 
_refine.pdbx_stereochem_target_val_spec_case     ? 
_refine.pdbx_R_Free_selection_details            ? 
_refine.pdbx_overall_ESU_R                       ? 
_refine.pdbx_overall_ESU_R_Free                  ? 
_refine.overall_SU_ML                            0.34 
_refine.B_iso_max                                78.830 
_refine.B_iso_min                                20.150 
_refine.pdbx_overall_phase_error                 25.1500 
_refine.occupancy_max                            1.000 
_refine.occupancy_min                            0.460 
_refine.ls_redundancy_reflns_obs                 ? 
_refine.overall_SU_B                             ? 
_refine.overall_SU_R_Cruickshank_DPI             ? 
_refine.overall_SU_R_free                        ? 
_refine.ls_wR_factor_R_free                      ? 
_refine.ls_wR_factor_R_work                      ? 
_refine.overall_FOM_free_R_set                   ? 
_refine.overall_FOM_work_R_set                   ? 
_refine.pdbx_overall_SU_R_free_Cruickshank_DPI   ? 
_refine.pdbx_overall_SU_R_Blow_DPI               ? 
_refine.pdbx_overall_SU_R_free_Blow_DPI          ? 
# 
_refine_hist.pdbx_refine_id                   'X-RAY DIFFRACTION' 
_refine_hist.cycle_id                         LAST 
_refine_hist.pdbx_number_atoms_protein        511 
_refine_hist.pdbx_number_atoms_nucleic_acid   570 
_refine_hist.pdbx_number_atoms_ligand         36 
_refine_hist.number_atoms_solvent             123 
_refine_hist.number_atoms_total               1240 
_refine_hist.d_res_high                       2.204 
_refine_hist.d_res_low                        28.339 
# 
loop_
_refine_ls_restr.type 
_refine_ls_restr.dev_ideal 
_refine_ls_restr.dev_ideal_target 
_refine_ls_restr.weight 
_refine_ls_restr.number 
_refine_ls_restr.pdbx_refine_id 
_refine_ls_restr.pdbx_restraint_function 
f_bond_d           0.006  ? ? 1201 'X-RAY DIFFRACTION' ? 
f_angle_d          1.193  ? ? 1727 'X-RAY DIFFRACTION' ? 
f_dihedral_angle_d 23.213 ? ? 471  'X-RAY DIFFRACTION' ? 
f_chiral_restr     0.062  ? ? 183  'X-RAY DIFFRACTION' ? 
f_plane_restr      0.006  ? ? 126  'X-RAY DIFFRACTION' ? 
# 
loop_
_refine_ls_shell.d_res_high 
_refine_ls_shell.d_res_low 
_refine_ls_shell.pdbx_total_number_of_bins_used 
_refine_ls_shell.percent_reflns_obs 
_refine_ls_shell.number_reflns_R_work 
_refine_ls_shell.R_factor_all 
_refine_ls_shell.R_factor_R_work 
_refine_ls_shell.R_factor_R_free 
_refine_ls_shell.percent_reflns_R_free 
_refine_ls_shell.number_reflns_R_free 
_refine_ls_shell.R_factor_R_free_error 
_refine_ls_shell.number_reflns_all 
_refine_ls_shell.number_reflns_obs 
_refine_ls_shell.pdbx_refine_id 
_refine_ls_shell.redundancy_reflns_obs 
2.2040 2.4257  4 100.0000 2830 . 0.2721 0.3409 . 142 . 2972 . 'X-RAY DIFFRACTION' . 
2.4257 2.7764  4 100.0000 2828 . 0.2601 0.3333 . 141 . 2969 . 'X-RAY DIFFRACTION' . 
2.7764 3.4970  4 100.0000 2858 . 0.1913 0.2073 . 133 . 2991 . 'X-RAY DIFFRACTION' . 
3.4970 28.3414 4 99.0000  2937 . 0.1684 0.1738 . 158 . 3095 . 'X-RAY DIFFRACTION' . 
# 
_struct.entry_id                  3VXX 
_struct.title                     'Crystal structure of methyl CpG binding domain of MBD4 in complex with the 5mCG/5mCG sequence' 
_struct.pdbx_model_details        ? 
_struct.pdbx_CASP_flag            ? 
_struct.pdbx_model_type_details   ? 
# 
_struct_keywords.entry_id        3VXX 
_struct_keywords.pdbx_keywords   HYDROLASE/DNA 
_struct_keywords.text            
'methyl CpG binding domain, protein-DNA complex, versatile base recognition, HYDROLASE-DNA complex' 
# 
loop_
_struct_asym.id 
_struct_asym.pdbx_blank_PDB_chainid_flag 
_struct_asym.pdbx_modified 
_struct_asym.entity_id 
_struct_asym.details 
A N N 1 ? 
B N N 2 ? 
C N N 3 ? 
D N N 4 ? 
E N N 4 ? 
F N N 4 ? 
G N N 4 ? 
H N N 5 ? 
I N N 5 ? 
J N N 5 ? 
K N N 4 ? 
L N N 4 ? 
M N N 6 ? 
N N N 6 ? 
O N N 6 ? 
# 
loop_
_struct_ref.id 
_struct_ref.db_name 
_struct_ref.db_code 
_struct_ref.pdbx_db_accession 
_struct_ref.entity_id 
_struct_ref.pdbx_seq_one_letter_code 
_struct_ref.pdbx_align_begin 
_struct_ref.pdbx_db_isoform 
1 UNP MBD4_MOUSE Q9Z2D7 1 GHKPVPCGWERVVKQRLSGKTAGKFDVYFISPQGLKFRSKRSLANYLLKNGETFLKPEDFNFTVLPKG 69 ? 
2 PDB 3VXX       3VXX   2 ?                                                                    ?  ? 
3 PDB 3VXX       3VXX   3 ?                                                                    ?  ? 
# 
loop_
_struct_ref_seq.align_id 
_struct_ref_seq.ref_id 
_struct_ref_seq.pdbx_PDB_id_code 
_struct_ref_seq.pdbx_strand_id 
_struct_ref_seq.seq_align_beg 
_struct_ref_seq.pdbx_seq_align_beg_ins_code 
_struct_ref_seq.seq_align_end 
_struct_ref_seq.pdbx_seq_align_end_ins_code 
_struct_ref_seq.pdbx_db_accession 
_struct_ref_seq.db_align_beg 
_struct_ref_seq.pdbx_db_align_beg_ins_code 
_struct_ref_seq.db_align_end 
_struct_ref_seq.pdbx_db_align_end_ins_code 
_struct_ref_seq.pdbx_auth_seq_align_beg 
_struct_ref_seq.pdbx_auth_seq_align_end 
1 1 3VXX A 2 ? 69 ? Q9Z2D7 69 ? 136 ? 69 136 
2 2 3VXX B 1 ? 14 ? 3VXX   1  ? 14  ? 1  14  
3 3 3VXX C 1 ? 14 ? 3VXX   1  ? 14  ? 1  14  
# 
_struct_ref_seq_dif.align_id                     1 
_struct_ref_seq_dif.pdbx_pdb_id_code             3VXX 
_struct_ref_seq_dif.mon_id                       SER 
_struct_ref_seq_dif.pdbx_pdb_strand_id           A 
_struct_ref_seq_dif.seq_num                      1 
_struct_ref_seq_dif.pdbx_pdb_ins_code            ? 
_struct_ref_seq_dif.pdbx_seq_db_name             UNP 
_struct_ref_seq_dif.pdbx_seq_db_accession_code   Q9Z2D7 
_struct_ref_seq_dif.db_mon_id                    ? 
_struct_ref_seq_dif.pdbx_seq_db_seq_num          ? 
_struct_ref_seq_dif.details                      'expression tag' 
_struct_ref_seq_dif.pdbx_auth_seq_num            68 
_struct_ref_seq_dif.pdbx_ordinal                 1 
# 
_pdbx_struct_assembly.id                   1 
_pdbx_struct_assembly.details              author_and_software_defined_assembly 
_pdbx_struct_assembly.method_details       PISA 
_pdbx_struct_assembly.oligomeric_details   trimeric 
_pdbx_struct_assembly.oligomeric_count     3 
# 
loop_
_pdbx_struct_assembly_prop.biol_id 
_pdbx_struct_assembly_prop.type 
_pdbx_struct_assembly_prop.value 
_pdbx_struct_assembly_prop.details 
1 'ABSA (A^2)' 5080  ? 
1 MORE         -4    ? 
1 'SSA (A^2)'  10280 ? 
# 
_pdbx_struct_assembly_gen.assembly_id       1 
_pdbx_struct_assembly_gen.oper_expression   1 
_pdbx_struct_assembly_gen.asym_id_list      A,B,C,D,E,F,G,H,I,J,K,L,M,N,O 
# 
_pdbx_struct_oper_list.id                   1 
_pdbx_struct_oper_list.type                 'identity operation' 
_pdbx_struct_oper_list.name                 1_555 
_pdbx_struct_oper_list.symmetry_operation   x,y,z 
_pdbx_struct_oper_list.matrix[1][1]         1.0000000000 
_pdbx_struct_oper_list.matrix[1][2]         0.0000000000 
_pdbx_struct_oper_list.matrix[1][3]         0.0000000000 
_pdbx_struct_oper_list.vector[1]            0.0000000000 
_pdbx_struct_oper_list.matrix[2][1]         0.0000000000 
_pdbx_struct_oper_list.matrix[2][2]         1.0000000000 
_pdbx_struct_oper_list.matrix[2][3]         0.0000000000 
_pdbx_struct_oper_list.vector[2]            0.0000000000 
_pdbx_struct_oper_list.matrix[3][1]         0.0000000000 
_pdbx_struct_oper_list.matrix[3][2]         0.0000000000 
_pdbx_struct_oper_list.matrix[3][3]         1.0000000000 
_pdbx_struct_oper_list.vector[3]            0.0000000000 
# 
_struct_biol.id        1 
_struct_biol.details   ? 
# 
loop_
_struct_conf.conf_type_id 
_struct_conf.id 
_struct_conf.pdbx_PDB_helix_id 
_struct_conf.beg_label_comp_id 
_struct_conf.beg_label_asym_id 
_struct_conf.beg_label_seq_id 
_struct_conf.pdbx_beg_PDB_ins_code 
_struct_conf.end_label_comp_id 
_struct_conf.end_label_asym_id 
_struct_conf.end_label_seq_id 
_struct_conf.pdbx_end_PDB_ins_code 
_struct_conf.beg_auth_comp_id 
_struct_conf.beg_auth_asym_id 
_struct_conf.beg_auth_seq_id 
_struct_conf.end_auth_comp_id 
_struct_conf.end_auth_asym_id 
_struct_conf.end_auth_seq_id 
_struct_conf.pdbx_PDB_helix_class 
_struct_conf.details 
_struct_conf.pdbx_PDB_helix_length 
HELX_P HELX_P1 1 SER A 40 ? GLY A 52 ? SER A 107 GLY A 119 1 ? 13 
HELX_P HELX_P2 2 LYS A 57 ? PHE A 61 ? LYS A 124 PHE A 128 5 ? 5  
# 
_struct_conf_type.id          HELX_P 
_struct_conf_type.criteria    ? 
_struct_conf_type.reference   ? 
# 
loop_
_struct_conn.id 
_struct_conn.conn_type_id 
_struct_conn.pdbx_leaving_atom_flag 
_struct_conn.pdbx_PDB_id 
_struct_conn.ptnr1_label_asym_id 
_struct_conn.ptnr1_label_comp_id 
_struct_conn.ptnr1_label_seq_id 
_struct_conn.ptnr1_label_atom_id 
_struct_conn.pdbx_ptnr1_label_alt_id 
_struct_conn.pdbx_ptnr1_PDB_ins_code 
_struct_conn.pdbx_ptnr1_standard_comp_id 
_struct_conn.ptnr1_symmetry 
_struct_conn.ptnr2_label_asym_id 
_struct_conn.ptnr2_label_comp_id 
_struct_conn.ptnr2_label_seq_id 
_struct_conn.ptnr2_label_atom_id 
_struct_conn.pdbx_ptnr2_label_alt_id 
_struct_conn.pdbx_ptnr2_PDB_ins_code 
_struct_conn.ptnr1_auth_asym_id 
_struct_conn.ptnr1_auth_comp_id 
_struct_conn.ptnr1_auth_seq_id 
_struct_conn.ptnr2_auth_asym_id 
_struct_conn.ptnr2_auth_comp_id 
_struct_conn.ptnr2_auth_seq_id 
_struct_conn.ptnr2_symmetry 
_struct_conn.pdbx_ptnr3_label_atom_id 
_struct_conn.pdbx_ptnr3_label_seq_id 
_struct_conn.pdbx_ptnr3_label_comp_id 
_struct_conn.pdbx_ptnr3_label_asym_id 
_struct_conn.pdbx_ptnr3_label_alt_id 
_struct_conn.pdbx_ptnr3_PDB_ins_code 
_struct_conn.details 
_struct_conn.pdbx_dist_value 
_struct_conn.pdbx_value_order 
_struct_conn.pdbx_role 
disulf1  disulf ?    ? A CYS 8  SG    ? ? ? 1_555 A CYS 8  SG ? ? A CYS 75 A CYS 75 3_555 ? ? ? ? ? ? ?            2.056 ? ? 
covale1  covale both ? B DC  8  "O3'" ? ? ? 1_555 B 5CM 9  P  ? ? B DC  8  B 5CM 9  1_555 ? ? ? ? ? ? ?            1.600 ? ? 
covale2  covale both ? B 5CM 9  "O3'" ? ? ? 1_555 B DG  10 P  ? ? B 5CM 9  B DG  10 1_555 ? ? ? ? ? ? ?            1.606 ? ? 
covale3  covale both ? C DC  3  "O3'" ? ? ? 1_555 C 5CM 4  P  ? ? C DC  3  C 5CM 4  1_555 ? ? ? ? ? ? ?            1.607 ? ? 
covale4  covale both ? C 5CM 4  "O3'" ? ? ? 1_555 C DG  5  P  ? ? C 5CM 4  C DG  5  1_555 ? ? ? ? ? ? ?            1.618 ? ? 
hydrog1  hydrog ?    ? B DG  1  N1    ? ? ? 1_555 C DC  13 N3 ? ? B DG  1  C DC  13 1_555 ? ? ? ? ? ? WATSON-CRICK ?     ? ? 
hydrog2  hydrog ?    ? B DG  1  N2    ? ? ? 1_555 C DC  13 O2 ? ? B DG  1  C DC  13 1_555 ? ? ? ? ? ? WATSON-CRICK ?     ? ? 
hydrog3  hydrog ?    ? B DG  1  O6    ? ? ? 1_555 C DC  13 N4 ? ? B DG  1  C DC  13 1_555 ? ? ? ? ? ? WATSON-CRICK ?     ? ? 
hydrog4  hydrog ?    ? B DT  2  N3    ? ? ? 1_555 C DA  12 N1 ? ? B DT  2  C DA  12 1_555 ? ? ? ? ? ? WATSON-CRICK ?     ? ? 
hydrog5  hydrog ?    ? B DT  2  O4    ? ? ? 1_555 C DA  12 N6 ? ? B DT  2  C DA  12 1_555 ? ? ? ? ? ? WATSON-CRICK ?     ? ? 
hydrog6  hydrog ?    ? B DC  3  N3    ? ? ? 1_555 C DG  11 N1 ? ? B DC  3  C DG  11 1_555 ? ? ? ? ? ? WATSON-CRICK ?     ? ? 
hydrog7  hydrog ?    ? B DC  3  N4    ? ? ? 1_555 C DG  11 O6 ? ? B DC  3  C DG  11 1_555 ? ? ? ? ? ? WATSON-CRICK ?     ? ? 
hydrog8  hydrog ?    ? B DC  3  O2    ? ? ? 1_555 C DG  11 N2 ? ? B DC  3  C DG  11 1_555 ? ? ? ? ? ? WATSON-CRICK ?     ? ? 
hydrog9  hydrog ?    ? B DA  4  N1    ? ? ? 1_555 C DT  10 N3 ? ? B DA  4  C DT  10 1_555 ? ? ? ? ? ? WATSON-CRICK ?     ? ? 
hydrog10 hydrog ?    ? B DA  4  N6    ? ? ? 1_555 C DT  10 O4 ? ? B DA  4  C DT  10 1_555 ? ? ? ? ? ? WATSON-CRICK ?     ? ? 
hydrog11 hydrog ?    ? B DC  5  N3    ? ? ? 1_555 C DG  9  N1 ? ? B DC  5  C DG  9  1_555 ? ? ? ? ? ? WATSON-CRICK ?     ? ? 
hydrog12 hydrog ?    ? B DC  5  N4    ? ? ? 1_555 C DG  9  O6 ? ? B DC  5  C DG  9  1_555 ? ? ? ? ? ? WATSON-CRICK ?     ? ? 
hydrog13 hydrog ?    ? B DC  5  O2    ? ? ? 1_555 C DG  9  N2 ? ? B DC  5  C DG  9  1_555 ? ? ? ? ? ? WATSON-CRICK ?     ? ? 
hydrog14 hydrog ?    ? B DT  6  N3    ? ? ? 1_555 C DA  8  N1 ? ? B DT  6  C DA  8  1_555 ? ? ? ? ? ? WATSON-CRICK ?     ? ? 
hydrog15 hydrog ?    ? B DT  6  O4    ? ? ? 1_555 C DA  8  N6 ? ? B DT  6  C DA  8  1_555 ? ? ? ? ? ? WATSON-CRICK ?     ? ? 
hydrog16 hydrog ?    ? B DA  7  N1    ? ? ? 1_555 C DT  7  N3 ? ? B DA  7  C DT  7  1_555 ? ? ? ? ? ? WATSON-CRICK ?     ? ? 
hydrog17 hydrog ?    ? B DA  7  N6    ? ? ? 1_555 C DT  7  O4 ? ? B DA  7  C DT  7  1_555 ? ? ? ? ? ? WATSON-CRICK ?     ? ? 
hydrog18 hydrog ?    ? B DC  8  N3    ? ? ? 1_555 C DG  6  N1 ? ? B DC  8  C DG  6  1_555 ? ? ? ? ? ? WATSON-CRICK ?     ? ? 
hydrog19 hydrog ?    ? B DC  8  N4    ? ? ? 1_555 C DG  6  O6 ? ? B DC  8  C DG  6  1_555 ? ? ? ? ? ? WATSON-CRICK ?     ? ? 
hydrog20 hydrog ?    ? B DC  8  O2    ? ? ? 1_555 C DG  6  N2 ? ? B DC  8  C DG  6  1_555 ? ? ? ? ? ? WATSON-CRICK ?     ? ? 
hydrog21 hydrog ?    ? B 5CM 9  N3    ? ? ? 1_555 C DG  5  N1 ? ? B 5CM 9  C DG  5  1_555 ? ? ? ? ? ? WATSON-CRICK ?     ? ? 
hydrog22 hydrog ?    ? B 5CM 9  N4    ? ? ? 1_555 C DG  5  O6 ? ? B 5CM 9  C DG  5  1_555 ? ? ? ? ? ? WATSON-CRICK ?     ? ? 
hydrog23 hydrog ?    ? B 5CM 9  O2    ? ? ? 1_555 C DG  5  N2 ? ? B 5CM 9  C DG  5  1_555 ? ? ? ? ? ? WATSON-CRICK ?     ? ? 
hydrog24 hydrog ?    ? B DG  10 N1    ? ? ? 1_555 C 5CM 4  N3 ? ? B DG  10 C 5CM 4  1_555 ? ? ? ? ? ? WATSON-CRICK ?     ? ? 
hydrog25 hydrog ?    ? B DG  10 N2    ? ? ? 1_555 C 5CM 4  O2 ? ? B DG  10 C 5CM 4  1_555 ? ? ? ? ? ? WATSON-CRICK ?     ? ? 
hydrog26 hydrog ?    ? B DG  10 O6    ? ? ? 1_555 C 5CM 4  N4 ? ? B DG  10 C 5CM 4  1_555 ? ? ? ? ? ? WATSON-CRICK ?     ? ? 
hydrog27 hydrog ?    ? B DG  11 N1    ? ? ? 1_555 C DC  3  N3 ? ? B DG  11 C DC  3  1_555 ? ? ? ? ? ? WATSON-CRICK ?     ? ? 
hydrog28 hydrog ?    ? B DG  11 N2    ? ? ? 1_555 C DC  3  O2 ? ? B DG  11 C DC  3  1_555 ? ? ? ? ? ? WATSON-CRICK ?     ? ? 
hydrog29 hydrog ?    ? B DG  11 O6    ? ? ? 1_555 C DC  3  N4 ? ? B DG  11 C DC  3  1_555 ? ? ? ? ? ? WATSON-CRICK ?     ? ? 
hydrog30 hydrog ?    ? B DA  12 N1    ? ? ? 1_555 C DT  2  N3 ? ? B DA  12 C DT  2  1_555 ? ? ? ? ? ? WATSON-CRICK ?     ? ? 
hydrog31 hydrog ?    ? B DA  12 N6    ? ? ? 1_555 C DT  2  O4 ? ? B DA  12 C DT  2  1_555 ? ? ? ? ? ? WATSON-CRICK ?     ? ? 
hydrog32 hydrog ?    ? B DC  13 N3    ? ? ? 1_555 C DG  1  N1 ? ? B DC  13 C DG  1  1_555 ? ? ? ? ? ? WATSON-CRICK ?     ? ? 
hydrog33 hydrog ?    ? B DC  13 N4    ? ? ? 1_555 C DG  1  O6 ? ? B DC  13 C DG  1  1_555 ? ? ? ? ? ? WATSON-CRICK ?     ? ? 
hydrog34 hydrog ?    ? B DC  13 O2    ? ? ? 1_555 C DG  1  N2 ? ? B DC  13 C DG  1  1_555 ? ? ? ? ? ? WATSON-CRICK ?     ? ? 
# 
loop_
_struct_conn_type.id 
_struct_conn_type.criteria 
_struct_conn_type.reference 
disulf ? ? 
covale ? ? 
hydrog ? ? 
# 
_pdbx_modification_feature.ordinal                            1 
_pdbx_modification_feature.label_comp_id                      CYS 
_pdbx_modification_feature.label_asym_id                      A 
_pdbx_modification_feature.label_seq_id                       8 
_pdbx_modification_feature.label_alt_id                       ? 
_pdbx_modification_feature.modified_residue_label_comp_id     CYS 
_pdbx_modification_feature.modified_residue_label_asym_id     A 
_pdbx_modification_feature.modified_residue_label_seq_id      8 
_pdbx_modification_feature.modified_residue_label_alt_id      ? 
_pdbx_modification_feature.auth_comp_id                       CYS 
_pdbx_modification_feature.auth_asym_id                       A 
_pdbx_modification_feature.auth_seq_id                        75 
_pdbx_modification_feature.PDB_ins_code                       ? 
_pdbx_modification_feature.symmetry                           1_555 
_pdbx_modification_feature.modified_residue_auth_comp_id      CYS 
_pdbx_modification_feature.modified_residue_auth_asym_id      A 
_pdbx_modification_feature.modified_residue_auth_seq_id       75 
_pdbx_modification_feature.modified_residue_PDB_ins_code      ? 
_pdbx_modification_feature.modified_residue_symmetry          3_555 
_pdbx_modification_feature.comp_id_linking_atom               SG 
_pdbx_modification_feature.modified_residue_id_linking_atom   SG 
_pdbx_modification_feature.modified_residue_id                . 
_pdbx_modification_feature.ref_pcm_id                         . 
_pdbx_modification_feature.ref_comp_id                        . 
_pdbx_modification_feature.type                               None 
_pdbx_modification_feature.category                           'Disulfide bridge' 
# 
_struct_sheet.id               A 
_struct_sheet.type             ? 
_struct_sheet.number_strands   3 
_struct_sheet.details          ? 
# 
loop_
_struct_sheet_order.sheet_id 
_struct_sheet_order.range_id_1 
_struct_sheet_order.range_id_2 
_struct_sheet_order.offset 
_struct_sheet_order.sense 
A 1 2 ? anti-parallel 
A 2 3 ? anti-parallel 
# 
loop_
_struct_sheet_range.sheet_id 
_struct_sheet_range.id 
_struct_sheet_range.beg_label_comp_id 
_struct_sheet_range.beg_label_asym_id 
_struct_sheet_range.beg_label_seq_id 
_struct_sheet_range.pdbx_beg_PDB_ins_code 
_struct_sheet_range.end_label_comp_id 
_struct_sheet_range.end_label_asym_id 
_struct_sheet_range.end_label_seq_id 
_struct_sheet_range.pdbx_end_PDB_ins_code 
_struct_sheet_range.beg_auth_comp_id 
_struct_sheet_range.beg_auth_asym_id 
_struct_sheet_range.beg_auth_seq_id 
_struct_sheet_range.end_auth_comp_id 
_struct_sheet_range.end_auth_asym_id 
_struct_sheet_range.end_auth_seq_id 
A 1 GLU A 11 ? GLN A 16 ? GLU A 78  GLN A 83  
A 2 PHE A 26 ? ILE A 31 ? PHE A 93  ILE A 98  
A 3 LYS A 37 ? PHE A 38 ? LYS A 104 PHE A 105 
# 
loop_
_pdbx_struct_sheet_hbond.sheet_id 
_pdbx_struct_sheet_hbond.range_id_1 
_pdbx_struct_sheet_hbond.range_id_2 
_pdbx_struct_sheet_hbond.range_1_label_atom_id 
_pdbx_struct_sheet_hbond.range_1_label_comp_id 
_pdbx_struct_sheet_hbond.range_1_label_asym_id 
_pdbx_struct_sheet_hbond.range_1_label_seq_id 
_pdbx_struct_sheet_hbond.range_1_PDB_ins_code 
_pdbx_struct_sheet_hbond.range_1_auth_atom_id 
_pdbx_struct_sheet_hbond.range_1_auth_comp_id 
_pdbx_struct_sheet_hbond.range_1_auth_asym_id 
_pdbx_struct_sheet_hbond.range_1_auth_seq_id 
_pdbx_struct_sheet_hbond.range_2_label_atom_id 
_pdbx_struct_sheet_hbond.range_2_label_comp_id 
_pdbx_struct_sheet_hbond.range_2_label_asym_id 
_pdbx_struct_sheet_hbond.range_2_label_seq_id 
_pdbx_struct_sheet_hbond.range_2_PDB_ins_code 
_pdbx_struct_sheet_hbond.range_2_auth_atom_id 
_pdbx_struct_sheet_hbond.range_2_auth_comp_id 
_pdbx_struct_sheet_hbond.range_2_auth_asym_id 
_pdbx_struct_sheet_hbond.range_2_auth_seq_id 
A 1 2 N VAL A 13 ? N VAL A 80 O TYR A 29 ? O TYR A 96  
A 2 3 N PHE A 30 ? N PHE A 97 O PHE A 38 ? O PHE A 105 
# 
loop_
_struct_site.id 
_struct_site.pdbx_evidence_code 
_struct_site.pdbx_auth_asym_id 
_struct_site.pdbx_auth_comp_id 
_struct_site.pdbx_auth_seq_id 
_struct_site.pdbx_auth_ins_code 
_struct_site.pdbx_num_residues 
_struct_site.details 
AC1 Software A ACT 201 ? 7 'BINDING SITE FOR RESIDUE ACT A 201' 
AC2 Software A ACT 202 ? 6 'BINDING SITE FOR RESIDUE ACT A 202' 
AC3 Software A ACT 203 ? 4 'BINDING SITE FOR RESIDUE ACT A 203' 
AC4 Software A ACT 204 ? 3 'BINDING SITE FOR RESIDUE ACT A 204' 
AC5 Software A EDO 205 ? 6 'BINDING SITE FOR RESIDUE EDO A 205' 
AC6 Software A EDO 206 ? 5 'BINDING SITE FOR RESIDUE EDO A 206' 
AC7 Software A EDO 207 ? 2 'BINDING SITE FOR RESIDUE EDO A 207' 
AC8 Software B ACT 101 ? 5 'BINDING SITE FOR RESIDUE ACT B 101' 
AC9 Software C ACT 101 ? 3 'BINDING SITE FOR RESIDUE ACT C 101' 
# 
loop_
_struct_site_gen.id 
_struct_site_gen.site_id 
_struct_site_gen.pdbx_num_res 
_struct_site_gen.label_comp_id 
_struct_site_gen.label_asym_id 
_struct_site_gen.label_seq_id 
_struct_site_gen.pdbx_auth_ins_code 
_struct_site_gen.auth_comp_id 
_struct_site_gen.auth_asym_id 
_struct_site_gen.auth_seq_id 
_struct_site_gen.label_atom_id 
_struct_site_gen.label_alt_id 
_struct_site_gen.symmetry 
_struct_site_gen.details 
1  AC1 7 GLU A 53 ? GLU A 120 . ? 1_555 ? 
2  AC1 7 GLU A 53 ? GLU A 120 . ? 3_555 ? 
3  AC1 7 PHE A 55 ? PHE A 122 . ? 1_555 ? 
4  AC1 7 DG  B 1  ? DG  B 1   . ? 8_455 ? 
5  AC1 7 ACT K .  ? ACT B 101 . ? 8_455 ? 
6  AC1 7 DT  C 14 ? DT  C 14  . ? 6_555 ? 
7  AC1 7 DT  C 14 ? DT  C 14  . ? 8_455 ? 
8  AC2 6 LYS A 25 ? LYS A 92  . ? 1_555 ? 
9  AC2 6 PHE A 26 ? PHE A 93  . ? 1_555 ? 
10 AC2 6 ASP A 27 ? ASP A 94  . ? 1_555 ? 
11 AC2 6 HOH M .  ? HOH A 331 . ? 1_555 ? 
12 AC2 6 DC  B 8  ? DC  B 8   . ? 1_555 ? 
13 AC2 6 HOH N .  ? HOH B 211 . ? 1_555 ? 
14 AC3 4 VAL A 6  ? VAL A 73  . ? 1_555 ? 
15 AC3 4 PRO A 7  ? PRO A 74  . ? 1_555 ? 
16 AC3 4 GLY A 9  ? GLY A 76  . ? 1_555 ? 
17 AC3 4 TRP A 10 ? TRP A 77  . ? 1_555 ? 
18 AC4 3 GLN A 34 ? GLN A 101 . ? 1_555 ? 
19 AC4 3 ASN A 51 ? ASN A 118 . ? 1_555 ? 
20 AC4 3 GLU A 53 ? GLU A 120 . ? 1_555 ? 
21 AC5 6 GLN A 16 ? GLN A 83  . ? 1_555 ? 
22 AC5 6 ARG A 17 ? ARG A 84  . ? 1_555 ? 
23 AC5 6 LEU A 18 ? LEU A 85  . ? 1_555 ? 
24 AC5 6 HOH M .  ? HOH A 319 . ? 1_555 ? 
25 AC5 6 DC  C 3  ? DC  C 3   . ? 1_555 ? 
26 AC5 6 5CM C 4  ? 5CM C 4   . ? 1_555 ? 
27 AC6 5 PHE A 26 ? PHE A 93  . ? 1_555 ? 
28 AC6 5 PHE A 63 ? PHE A 130 . ? 3_555 ? 
29 AC6 5 THR A 64 ? THR A 131 . ? 3_555 ? 
30 AC6 5 VAL A 65 ? VAL A 132 . ? 3_555 ? 
31 AC6 5 DA  B 7  ? DA  B 7   . ? 1_555 ? 
32 AC7 2 LEU A 66 ? LEU A 133 . ? 1_555 ? 
33 AC7 2 PRO A 67 ? PRO A 134 . ? 1_555 ? 
34 AC8 5 ACT D .  ? ACT A 201 . ? 8_555 ? 
35 AC8 5 DT  B 2  ? DT  B 2   . ? 1_555 ? 
36 AC8 5 DC  B 3  ? DC  B 3   . ? 1_555 ? 
37 AC8 5 DC  C 13 ? DC  C 13  . ? 1_555 ? 
38 AC8 5 DT  C 14 ? DT  C 14  . ? 3_654 ? 
39 AC9 3 DC  B 13 ? DC  B 13  . ? 1_555 ? 
40 AC9 3 DT  C 2  ? DT  C 2   . ? 1_555 ? 
41 AC9 3 DC  C 3  ? DC  C 3   . ? 1_555 ? 
# 
_pdbx_entry_details.entry_id                   3VXX 
_pdbx_entry_details.compound_details           ? 
_pdbx_entry_details.source_details             ? 
_pdbx_entry_details.nonpolymer_details         ? 
_pdbx_entry_details.sequence_details           ? 
_pdbx_entry_details.has_ligand_of_interest     ? 
_pdbx_entry_details.has_protein_modification   Y 
# 
_pdbx_validate_close_contact.id               1 
_pdbx_validate_close_contact.PDB_model_num    1 
_pdbx_validate_close_contact.auth_atom_id_1   O2 
_pdbx_validate_close_contact.auth_asym_id_1   C 
_pdbx_validate_close_contact.auth_comp_id_1   DT 
_pdbx_validate_close_contact.auth_seq_id_1    7 
_pdbx_validate_close_contact.PDB_ins_code_1   ? 
_pdbx_validate_close_contact.label_alt_id_1   ? 
_pdbx_validate_close_contact.auth_atom_id_2   O 
_pdbx_validate_close_contact.auth_asym_id_2   C 
_pdbx_validate_close_contact.auth_comp_id_2   HOH 
_pdbx_validate_close_contact.auth_seq_id_2    234 
_pdbx_validate_close_contact.PDB_ins_code_2   ? 
_pdbx_validate_close_contact.label_alt_id_2   ? 
_pdbx_validate_close_contact.dist             2.17 
# 
loop_
_pdbx_validate_rmsd_angle.id 
_pdbx_validate_rmsd_angle.PDB_model_num 
_pdbx_validate_rmsd_angle.auth_atom_id_1 
_pdbx_validate_rmsd_angle.auth_asym_id_1 
_pdbx_validate_rmsd_angle.auth_comp_id_1 
_pdbx_validate_rmsd_angle.auth_seq_id_1 
_pdbx_validate_rmsd_angle.PDB_ins_code_1 
_pdbx_validate_rmsd_angle.label_alt_id_1 
_pdbx_validate_rmsd_angle.auth_atom_id_2 
_pdbx_validate_rmsd_angle.auth_asym_id_2 
_pdbx_validate_rmsd_angle.auth_comp_id_2 
_pdbx_validate_rmsd_angle.auth_seq_id_2 
_pdbx_validate_rmsd_angle.PDB_ins_code_2 
_pdbx_validate_rmsd_angle.label_alt_id_2 
_pdbx_validate_rmsd_angle.auth_atom_id_3 
_pdbx_validate_rmsd_angle.auth_asym_id_3 
_pdbx_validate_rmsd_angle.auth_comp_id_3 
_pdbx_validate_rmsd_angle.auth_seq_id_3 
_pdbx_validate_rmsd_angle.PDB_ins_code_3 
_pdbx_validate_rmsd_angle.label_alt_id_3 
_pdbx_validate_rmsd_angle.angle_value 
_pdbx_validate_rmsd_angle.angle_target_value 
_pdbx_validate_rmsd_angle.angle_deviation 
_pdbx_validate_rmsd_angle.angle_standard_deviation 
_pdbx_validate_rmsd_angle.linker_flag 
1 1 "O4'" B DA 4  ? ? "C1'" B DA 4  ? ? N9    B DA 4  ? ? 110.56 108.30 2.26  0.30 N 
2 1 "O4'" B DC 5  ? ? "C1'" B DC 5  ? ? N1    B DC 5  ? ? 110.66 108.30 2.36  0.30 N 
3 1 "O4'" C DC 3  ? ? "C4'" C DC 3  ? ? "C3'" C DC 3  ? ? 101.36 104.50 -3.14 0.40 N 
4 1 "O4'" C DG 11 ? ? "C1'" C DG 11 ? ? N9    C DG 11 ? ? 110.98 108.30 2.68  0.30 N 
5 1 "O4'" C DA 12 ? ? "C1'" C DA 12 ? ? N9    C DA 12 ? ? 110.64 108.30 2.34  0.30 N 
# 
loop_
_pdbx_struct_mod_residue.id 
_pdbx_struct_mod_residue.label_asym_id 
_pdbx_struct_mod_residue.label_comp_id 
_pdbx_struct_mod_residue.label_seq_id 
_pdbx_struct_mod_residue.auth_asym_id 
_pdbx_struct_mod_residue.auth_comp_id 
_pdbx_struct_mod_residue.auth_seq_id 
_pdbx_struct_mod_residue.PDB_ins_code 
_pdbx_struct_mod_residue.parent_comp_id 
_pdbx_struct_mod_residue.details 
1 B 5CM 9 B 5CM 9 ? DC ? 
2 C 5CM 4 C 5CM 4 ? DC ? 
# 
_pdbx_struct_special_symmetry.id              1 
_pdbx_struct_special_symmetry.PDB_model_num   1 
_pdbx_struct_special_symmetry.auth_asym_id    B 
_pdbx_struct_special_symmetry.auth_comp_id    HOH 
_pdbx_struct_special_symmetry.auth_seq_id     207 
_pdbx_struct_special_symmetry.PDB_ins_code    ? 
_pdbx_struct_special_symmetry.label_asym_id   N 
_pdbx_struct_special_symmetry.label_comp_id   HOH 
_pdbx_struct_special_symmetry.label_seq_id    . 
# 
loop_
_pdbx_refine_tls.pdbx_refine_id 
_pdbx_refine_tls.id 
_pdbx_refine_tls.details 
_pdbx_refine_tls.method 
_pdbx_refine_tls.origin_x 
_pdbx_refine_tls.origin_y 
_pdbx_refine_tls.origin_z 
_pdbx_refine_tls.T[1][1] 
_pdbx_refine_tls.T[2][2] 
_pdbx_refine_tls.T[3][3] 
_pdbx_refine_tls.T[1][2] 
_pdbx_refine_tls.T[1][3] 
_pdbx_refine_tls.T[2][3] 
_pdbx_refine_tls.L[1][1] 
_pdbx_refine_tls.L[2][2] 
_pdbx_refine_tls.L[3][3] 
_pdbx_refine_tls.L[1][2] 
_pdbx_refine_tls.L[1][3] 
_pdbx_refine_tls.L[2][3] 
_pdbx_refine_tls.S[1][1] 
_pdbx_refine_tls.S[1][2] 
_pdbx_refine_tls.S[1][3] 
_pdbx_refine_tls.S[2][1] 
_pdbx_refine_tls.S[2][2] 
_pdbx_refine_tls.S[2][3] 
_pdbx_refine_tls.S[3][1] 
_pdbx_refine_tls.S[3][2] 
_pdbx_refine_tls.S[3][3] 
'X-RAY DIFFRACTION' 1 ? refined -0.0015 -0.4026  0.3021   0.1864 0.1986 0.2296 -0.0077 0.0048  -0.0324 0.7260 0.5337 0.3379 -0.2772 -0.1326 -0.3130 -0.0193 0.1128  -0.0964 -0.0551 0.0188 -0.1310 0.1012  0.0725  0.0231  
'X-RAY DIFFRACTION' 2 ? refined 6.3445  -9.2079  -21.0942 0.2937 0.1925 0.3584 0.0216  -0.0593 -0.0849 1.5058 1.3727 0.9170 1.4172  0.7688  0.8825  -0.3382 -0.2244 -0.0283 -0.3485 0.0355 -0.0207 -0.1652 -0.0945 0.2343  
'X-RAY DIFFRACTION' 3 ? refined 1.8916  -10.2786 -22.5196 0.2512 0.3525 0.2593 -0.0242 -0.0078 -0.0846 0.8679 0.7638 0.6911 -0.4555 0.7241  -0.1264 0.0420  -0.1061 -0.1880 -0.2592 0.0850 -0.2014 -0.0365 -0.1631 -0.1628  
# 
loop_
_pdbx_refine_tls_group.pdbx_refine_id 
_pdbx_refine_tls_group.id 
_pdbx_refine_tls_group.refine_tls_id 
_pdbx_refine_tls_group.beg_auth_asym_id 
_pdbx_refine_tls_group.beg_auth_seq_id 
_pdbx_refine_tls_group.beg_label_asym_id 
_pdbx_refine_tls_group.beg_label_seq_id 
_pdbx_refine_tls_group.end_auth_asym_id 
_pdbx_refine_tls_group.end_auth_seq_id 
_pdbx_refine_tls_group.end_label_asym_id 
_pdbx_refine_tls_group.end_label_seq_id 
_pdbx_refine_tls_group.selection 
_pdbx_refine_tls_group.selection_details 
'X-RAY DIFFRACTION' 1 1 A 72 ? ? A 134 ? ? ? 
;(chain 'A' and (resseq 72:134))
;
'X-RAY DIFFRACTION' 2 2 B 1  ? ? B 14  ? ? ? 
;(chain 'B' and (resseq 1:14))
;
'X-RAY DIFFRACTION' 3 3 C 1  ? ? C 14  ? ? ? 
;(chain 'C' and (resseq 1:14))
;
# 
loop_
_pdbx_unobs_or_zero_occ_residues.id 
_pdbx_unobs_or_zero_occ_residues.PDB_model_num 
_pdbx_unobs_or_zero_occ_residues.polymer_flag 
_pdbx_unobs_or_zero_occ_residues.occupancy_flag 
_pdbx_unobs_or_zero_occ_residues.auth_asym_id 
_pdbx_unobs_or_zero_occ_residues.auth_comp_id 
_pdbx_unobs_or_zero_occ_residues.auth_seq_id 
_pdbx_unobs_or_zero_occ_residues.PDB_ins_code 
_pdbx_unobs_or_zero_occ_residues.label_asym_id 
_pdbx_unobs_or_zero_occ_residues.label_comp_id 
_pdbx_unobs_or_zero_occ_residues.label_seq_id 
1 1 Y 1 A SER 68  ? A SER 1  
2 1 Y 1 A GLY 69  ? A GLY 2  
3 1 Y 1 A HIS 70  ? A HIS 3  
4 1 Y 1 A LYS 71  ? A LYS 4  
5 1 Y 1 A LYS 135 ? A LYS 68 
6 1 Y 1 A GLY 136 ? A GLY 69 
# 
loop_
_chem_comp_atom.comp_id 
_chem_comp_atom.atom_id 
_chem_comp_atom.type_symbol 
_chem_comp_atom.pdbx_aromatic_flag 
_chem_comp_atom.pdbx_stereo_config 
_chem_comp_atom.pdbx_ordinal 
5CM N1     N N N 1   
5CM C2     C N N 2   
5CM N3     N N N 3   
5CM C4     C N N 4   
5CM C5     C N N 5   
5CM C5A    C N N 6   
5CM C6     C N N 7   
5CM O2     O N N 8   
5CM N4     N N N 9   
5CM "C1'"  C N R 10  
5CM "C2'"  C N N 11  
5CM "C3'"  C N S 12  
5CM "C4'"  C N R 13  
5CM "O4'"  O N N 14  
5CM "O3'"  O N N 15  
5CM "C5'"  C N N 16  
5CM "O5'"  O N N 17  
5CM P      P N N 18  
5CM OP1    O N N 19  
5CM OP2    O N N 20  
5CM OP3    O N N 21  
5CM H5A1   H N N 22  
5CM H5A2   H N N 23  
5CM H5A3   H N N 24  
5CM H6     H N N 25  
5CM HN41   H N N 26  
5CM HN42   H N N 27  
5CM "H1'"  H N N 28  
5CM "H2'"  H N N 29  
5CM "H2''" H N N 30  
5CM "H3'"  H N N 31  
5CM "H4'"  H N N 32  
5CM "HO3'" H N N 33  
5CM "H5'"  H N N 34  
5CM "H5''" H N N 35  
5CM HOP2   H N N 36  
5CM HOP3   H N N 37  
ACT C      C N N 38  
ACT O      O N N 39  
ACT OXT    O N N 40  
ACT CH3    C N N 41  
ACT H1     H N N 42  
ACT H2     H N N 43  
ACT H3     H N N 44  
ALA N      N N N 45  
ALA CA     C N S 46  
ALA C      C N N 47  
ALA O      O N N 48  
ALA CB     C N N 49  
ALA OXT    O N N 50  
ALA H      H N N 51  
ALA H2     H N N 52  
ALA HA     H N N 53  
ALA HB1    H N N 54  
ALA HB2    H N N 55  
ALA HB3    H N N 56  
ALA HXT    H N N 57  
ARG N      N N N 58  
ARG CA     C N S 59  
ARG C      C N N 60  
ARG O      O N N 61  
ARG CB     C N N 62  
ARG CG     C N N 63  
ARG CD     C N N 64  
ARG NE     N N N 65  
ARG CZ     C N N 66  
ARG NH1    N N N 67  
ARG NH2    N N N 68  
ARG OXT    O N N 69  
ARG H      H N N 70  
ARG H2     H N N 71  
ARG HA     H N N 72  
ARG HB2    H N N 73  
ARG HB3    H N N 74  
ARG HG2    H N N 75  
ARG HG3    H N N 76  
ARG HD2    H N N 77  
ARG HD3    H N N 78  
ARG HE     H N N 79  
ARG HH11   H N N 80  
ARG HH12   H N N 81  
ARG HH21   H N N 82  
ARG HH22   H N N 83  
ARG HXT    H N N 84  
ASN N      N N N 85  
ASN CA     C N S 86  
ASN C      C N N 87  
ASN O      O N N 88  
ASN CB     C N N 89  
ASN CG     C N N 90  
ASN OD1    O N N 91  
ASN ND2    N N N 92  
ASN OXT    O N N 93  
ASN H      H N N 94  
ASN H2     H N N 95  
ASN HA     H N N 96  
ASN HB2    H N N 97  
ASN HB3    H N N 98  
ASN HD21   H N N 99  
ASN HD22   H N N 100 
ASN HXT    H N N 101 
ASP N      N N N 102 
ASP CA     C N S 103 
ASP C      C N N 104 
ASP O      O N N 105 
ASP CB     C N N 106 
ASP CG     C N N 107 
ASP OD1    O N N 108 
ASP OD2    O N N 109 
ASP OXT    O N N 110 
ASP H      H N N 111 
ASP H2     H N N 112 
ASP HA     H N N 113 
ASP HB2    H N N 114 
ASP HB3    H N N 115 
ASP HD2    H N N 116 
ASP HXT    H N N 117 
CYS N      N N N 118 
CYS CA     C N R 119 
CYS C      C N N 120 
CYS O      O N N 121 
CYS CB     C N N 122 
CYS SG     S N N 123 
CYS OXT    O N N 124 
CYS H      H N N 125 
CYS H2     H N N 126 
CYS HA     H N N 127 
CYS HB2    H N N 128 
CYS HB3    H N N 129 
CYS HG     H N N 130 
CYS HXT    H N N 131 
DA  OP3    O N N 132 
DA  P      P N N 133 
DA  OP1    O N N 134 
DA  OP2    O N N 135 
DA  "O5'"  O N N 136 
DA  "C5'"  C N N 137 
DA  "C4'"  C N R 138 
DA  "O4'"  O N N 139 
DA  "C3'"  C N S 140 
DA  "O3'"  O N N 141 
DA  "C2'"  C N N 142 
DA  "C1'"  C N R 143 
DA  N9     N Y N 144 
DA  C8     C Y N 145 
DA  N7     N Y N 146 
DA  C5     C Y N 147 
DA  C6     C Y N 148 
DA  N6     N N N 149 
DA  N1     N Y N 150 
DA  C2     C Y N 151 
DA  N3     N Y N 152 
DA  C4     C Y N 153 
DA  HOP3   H N N 154 
DA  HOP2   H N N 155 
DA  "H5'"  H N N 156 
DA  "H5''" H N N 157 
DA  "H4'"  H N N 158 
DA  "H3'"  H N N 159 
DA  "HO3'" H N N 160 
DA  "H2'"  H N N 161 
DA  "H2''" H N N 162 
DA  "H1'"  H N N 163 
DA  H8     H N N 164 
DA  H61    H N N 165 
DA  H62    H N N 166 
DA  H2     H N N 167 
DC  OP3    O N N 168 
DC  P      P N N 169 
DC  OP1    O N N 170 
DC  OP2    O N N 171 
DC  "O5'"  O N N 172 
DC  "C5'"  C N N 173 
DC  "C4'"  C N R 174 
DC  "O4'"  O N N 175 
DC  "C3'"  C N S 176 
DC  "O3'"  O N N 177 
DC  "C2'"  C N N 178 
DC  "C1'"  C N R 179 
DC  N1     N N N 180 
DC  C2     C N N 181 
DC  O2     O N N 182 
DC  N3     N N N 183 
DC  C4     C N N 184 
DC  N4     N N N 185 
DC  C5     C N N 186 
DC  C6     C N N 187 
DC  HOP3   H N N 188 
DC  HOP2   H N N 189 
DC  "H5'"  H N N 190 
DC  "H5''" H N N 191 
DC  "H4'"  H N N 192 
DC  "H3'"  H N N 193 
DC  "HO3'" H N N 194 
DC  "H2'"  H N N 195 
DC  "H2''" H N N 196 
DC  "H1'"  H N N 197 
DC  H41    H N N 198 
DC  H42    H N N 199 
DC  H5     H N N 200 
DC  H6     H N N 201 
DG  OP3    O N N 202 
DG  P      P N N 203 
DG  OP1    O N N 204 
DG  OP2    O N N 205 
DG  "O5'"  O N N 206 
DG  "C5'"  C N N 207 
DG  "C4'"  C N R 208 
DG  "O4'"  O N N 209 
DG  "C3'"  C N S 210 
DG  "O3'"  O N N 211 
DG  "C2'"  C N N 212 
DG  "C1'"  C N R 213 
DG  N9     N Y N 214 
DG  C8     C Y N 215 
DG  N7     N Y N 216 
DG  C5     C Y N 217 
DG  C6     C N N 218 
DG  O6     O N N 219 
DG  N1     N N N 220 
DG  C2     C N N 221 
DG  N2     N N N 222 
DG  N3     N N N 223 
DG  C4     C Y N 224 
DG  HOP3   H N N 225 
DG  HOP2   H N N 226 
DG  "H5'"  H N N 227 
DG  "H5''" H N N 228 
DG  "H4'"  H N N 229 
DG  "H3'"  H N N 230 
DG  "HO3'" H N N 231 
DG  "H2'"  H N N 232 
DG  "H2''" H N N 233 
DG  "H1'"  H N N 234 
DG  H8     H N N 235 
DG  H1     H N N 236 
DG  H21    H N N 237 
DG  H22    H N N 238 
DT  OP3    O N N 239 
DT  P      P N N 240 
DT  OP1    O N N 241 
DT  OP2    O N N 242 
DT  "O5'"  O N N 243 
DT  "C5'"  C N N 244 
DT  "C4'"  C N R 245 
DT  "O4'"  O N N 246 
DT  "C3'"  C N S 247 
DT  "O3'"  O N N 248 
DT  "C2'"  C N N 249 
DT  "C1'"  C N R 250 
DT  N1     N N N 251 
DT  C2     C N N 252 
DT  O2     O N N 253 
DT  N3     N N N 254 
DT  C4     C N N 255 
DT  O4     O N N 256 
DT  C5     C N N 257 
DT  C7     C N N 258 
DT  C6     C N N 259 
DT  HOP3   H N N 260 
DT  HOP2   H N N 261 
DT  "H5'"  H N N 262 
DT  "H5''" H N N 263 
DT  "H4'"  H N N 264 
DT  "H3'"  H N N 265 
DT  "HO3'" H N N 266 
DT  "H2'"  H N N 267 
DT  "H2''" H N N 268 
DT  "H1'"  H N N 269 
DT  H3     H N N 270 
DT  H71    H N N 271 
DT  H72    H N N 272 
DT  H73    H N N 273 
DT  H6     H N N 274 
EDO C1     C N N 275 
EDO O1     O N N 276 
EDO C2     C N N 277 
EDO O2     O N N 278 
EDO H11    H N N 279 
EDO H12    H N N 280 
EDO HO1    H N N 281 
EDO H21    H N N 282 
EDO H22    H N N 283 
EDO HO2    H N N 284 
GLN N      N N N 285 
GLN CA     C N S 286 
GLN C      C N N 287 
GLN O      O N N 288 
GLN CB     C N N 289 
GLN CG     C N N 290 
GLN CD     C N N 291 
GLN OE1    O N N 292 
GLN NE2    N N N 293 
GLN OXT    O N N 294 
GLN H      H N N 295 
GLN H2     H N N 296 
GLN HA     H N N 297 
GLN HB2    H N N 298 
GLN HB3    H N N 299 
GLN HG2    H N N 300 
GLN HG3    H N N 301 
GLN HE21   H N N 302 
GLN HE22   H N N 303 
GLN HXT    H N N 304 
GLU N      N N N 305 
GLU CA     C N S 306 
GLU C      C N N 307 
GLU O      O N N 308 
GLU CB     C N N 309 
GLU CG     C N N 310 
GLU CD     C N N 311 
GLU OE1    O N N 312 
GLU OE2    O N N 313 
GLU OXT    O N N 314 
GLU H      H N N 315 
GLU H2     H N N 316 
GLU HA     H N N 317 
GLU HB2    H N N 318 
GLU HB3    H N N 319 
GLU HG2    H N N 320 
GLU HG3    H N N 321 
GLU HE2    H N N 322 
GLU HXT    H N N 323 
GLY N      N N N 324 
GLY CA     C N N 325 
GLY C      C N N 326 
GLY O      O N N 327 
GLY OXT    O N N 328 
GLY H      H N N 329 
GLY H2     H N N 330 
GLY HA2    H N N 331 
GLY HA3    H N N 332 
GLY HXT    H N N 333 
HIS N      N N N 334 
HIS CA     C N S 335 
HIS C      C N N 336 
HIS O      O N N 337 
HIS CB     C N N 338 
HIS CG     C Y N 339 
HIS ND1    N Y N 340 
HIS CD2    C Y N 341 
HIS CE1    C Y N 342 
HIS NE2    N Y N 343 
HIS OXT    O N N 344 
HIS H      H N N 345 
HIS H2     H N N 346 
HIS HA     H N N 347 
HIS HB2    H N N 348 
HIS HB3    H N N 349 
HIS HD1    H N N 350 
HIS HD2    H N N 351 
HIS HE1    H N N 352 
HIS HE2    H N N 353 
HIS HXT    H N N 354 
HOH O      O N N 355 
HOH H1     H N N 356 
HOH H2     H N N 357 
ILE N      N N N 358 
ILE CA     C N S 359 
ILE C      C N N 360 
ILE O      O N N 361 
ILE CB     C N S 362 
ILE CG1    C N N 363 
ILE CG2    C N N 364 
ILE CD1    C N N 365 
ILE OXT    O N N 366 
ILE H      H N N 367 
ILE H2     H N N 368 
ILE HA     H N N 369 
ILE HB     H N N 370 
ILE HG12   H N N 371 
ILE HG13   H N N 372 
ILE HG21   H N N 373 
ILE HG22   H N N 374 
ILE HG23   H N N 375 
ILE HD11   H N N 376 
ILE HD12   H N N 377 
ILE HD13   H N N 378 
ILE HXT    H N N 379 
LEU N      N N N 380 
LEU CA     C N S 381 
LEU C      C N N 382 
LEU O      O N N 383 
LEU CB     C N N 384 
LEU CG     C N N 385 
LEU CD1    C N N 386 
LEU CD2    C N N 387 
LEU OXT    O N N 388 
LEU H      H N N 389 
LEU H2     H N N 390 
LEU HA     H N N 391 
LEU HB2    H N N 392 
LEU HB3    H N N 393 
LEU HG     H N N 394 
LEU HD11   H N N 395 
LEU HD12   H N N 396 
LEU HD13   H N N 397 
LEU HD21   H N N 398 
LEU HD22   H N N 399 
LEU HD23   H N N 400 
LEU HXT    H N N 401 
LYS N      N N N 402 
LYS CA     C N S 403 
LYS C      C N N 404 
LYS O      O N N 405 
LYS CB     C N N 406 
LYS CG     C N N 407 
LYS CD     C N N 408 
LYS CE     C N N 409 
LYS NZ     N N N 410 
LYS OXT    O N N 411 
LYS H      H N N 412 
LYS H2     H N N 413 
LYS HA     H N N 414 
LYS HB2    H N N 415 
LYS HB3    H N N 416 
LYS HG2    H N N 417 
LYS HG3    H N N 418 
LYS HD2    H N N 419 
LYS HD3    H N N 420 
LYS HE2    H N N 421 
LYS HE3    H N N 422 
LYS HZ1    H N N 423 
LYS HZ2    H N N 424 
LYS HZ3    H N N 425 
LYS HXT    H N N 426 
PHE N      N N N 427 
PHE CA     C N S 428 
PHE C      C N N 429 
PHE O      O N N 430 
PHE CB     C N N 431 
PHE CG     C Y N 432 
PHE CD1    C Y N 433 
PHE CD2    C Y N 434 
PHE CE1    C Y N 435 
PHE CE2    C Y N 436 
PHE CZ     C Y N 437 
PHE OXT    O N N 438 
PHE H      H N N 439 
PHE H2     H N N 440 
PHE HA     H N N 441 
PHE HB2    H N N 442 
PHE HB3    H N N 443 
PHE HD1    H N N 444 
PHE HD2    H N N 445 
PHE HE1    H N N 446 
PHE HE2    H N N 447 
PHE HZ     H N N 448 
PHE HXT    H N N 449 
PRO N      N N N 450 
PRO CA     C N S 451 
PRO C      C N N 452 
PRO O      O N N 453 
PRO CB     C N N 454 
PRO CG     C N N 455 
PRO CD     C N N 456 
PRO OXT    O N N 457 
PRO H      H N N 458 
PRO HA     H N N 459 
PRO HB2    H N N 460 
PRO HB3    H N N 461 
PRO HG2    H N N 462 
PRO HG3    H N N 463 
PRO HD2    H N N 464 
PRO HD3    H N N 465 
PRO HXT    H N N 466 
SER N      N N N 467 
SER CA     C N S 468 
SER C      C N N 469 
SER O      O N N 470 
SER CB     C N N 471 
SER OG     O N N 472 
SER OXT    O N N 473 
SER H      H N N 474 
SER H2     H N N 475 
SER HA     H N N 476 
SER HB2    H N N 477 
SER HB3    H N N 478 
SER HG     H N N 479 
SER HXT    H N N 480 
THR N      N N N 481 
THR CA     C N S 482 
THR C      C N N 483 
THR O      O N N 484 
THR CB     C N R 485 
THR OG1    O N N 486 
THR CG2    C N N 487 
THR OXT    O N N 488 
THR H      H N N 489 
THR H2     H N N 490 
THR HA     H N N 491 
THR HB     H N N 492 
THR HG1    H N N 493 
THR HG21   H N N 494 
THR HG22   H N N 495 
THR HG23   H N N 496 
THR HXT    H N N 497 
TRP N      N N N 498 
TRP CA     C N S 499 
TRP C      C N N 500 
TRP O      O N N 501 
TRP CB     C N N 502 
TRP CG     C Y N 503 
TRP CD1    C Y N 504 
TRP CD2    C Y N 505 
TRP NE1    N Y N 506 
TRP CE2    C Y N 507 
TRP CE3    C Y N 508 
TRP CZ2    C Y N 509 
TRP CZ3    C Y N 510 
TRP CH2    C Y N 511 
TRP OXT    O N N 512 
TRP H      H N N 513 
TRP H2     H N N 514 
TRP HA     H N N 515 
TRP HB2    H N N 516 
TRP HB3    H N N 517 
TRP HD1    H N N 518 
TRP HE1    H N N 519 
TRP HE3    H N N 520 
TRP HZ2    H N N 521 
TRP HZ3    H N N 522 
TRP HH2    H N N 523 
TRP HXT    H N N 524 
TYR N      N N N 525 
TYR CA     C N S 526 
TYR C      C N N 527 
TYR O      O N N 528 
TYR CB     C N N 529 
TYR CG     C Y N 530 
TYR CD1    C Y N 531 
TYR CD2    C Y N 532 
TYR CE1    C Y N 533 
TYR CE2    C Y N 534 
TYR CZ     C Y N 535 
TYR OH     O N N 536 
TYR OXT    O N N 537 
TYR H      H N N 538 
TYR H2     H N N 539 
TYR HA     H N N 540 
TYR HB2    H N N 541 
TYR HB3    H N N 542 
TYR HD1    H N N 543 
TYR HD2    H N N 544 
TYR HE1    H N N 545 
TYR HE2    H N N 546 
TYR HH     H N N 547 
TYR HXT    H N N 548 
VAL N      N N N 549 
VAL CA     C N S 550 
VAL C      C N N 551 
VAL O      O N N 552 
VAL CB     C N N 553 
VAL CG1    C N N 554 
VAL CG2    C N N 555 
VAL OXT    O N N 556 
VAL H      H N N 557 
VAL H2     H N N 558 
VAL HA     H N N 559 
VAL HB     H N N 560 
VAL HG11   H N N 561 
VAL HG12   H N N 562 
VAL HG13   H N N 563 
VAL HG21   H N N 564 
VAL HG22   H N N 565 
VAL HG23   H N N 566 
VAL HXT    H N N 567 
# 
loop_
_chem_comp_bond.comp_id 
_chem_comp_bond.atom_id_1 
_chem_comp_bond.atom_id_2 
_chem_comp_bond.value_order 
_chem_comp_bond.pdbx_aromatic_flag 
_chem_comp_bond.pdbx_stereo_config 
_chem_comp_bond.pdbx_ordinal 
5CM N1    C2     sing N N 1   
5CM N1    C6     sing N N 2   
5CM N1    "C1'"  sing N N 3   
5CM C2    N3     sing N N 4   
5CM C2    O2     doub N N 5   
5CM N3    C4     doub N N 6   
5CM C4    C5     sing N N 7   
5CM C4    N4     sing N N 8   
5CM C5    C5A    sing N N 9   
5CM C5    C6     doub N N 10  
5CM C5A   H5A1   sing N N 11  
5CM C5A   H5A2   sing N N 12  
5CM C5A   H5A3   sing N N 13  
5CM C6    H6     sing N N 14  
5CM N4    HN41   sing N N 15  
5CM N4    HN42   sing N N 16  
5CM "C1'" "C2'"  sing N N 17  
5CM "C1'" "O4'"  sing N N 18  
5CM "C1'" "H1'"  sing N N 19  
5CM "C2'" "C3'"  sing N N 20  
5CM "C2'" "H2'"  sing N N 21  
5CM "C2'" "H2''" sing N N 22  
5CM "C3'" "C4'"  sing N N 23  
5CM "C3'" "O3'"  sing N N 24  
5CM "C3'" "H3'"  sing N N 25  
5CM "C4'" "O4'"  sing N N 26  
5CM "C4'" "C5'"  sing N N 27  
5CM "C4'" "H4'"  sing N N 28  
5CM "O3'" "HO3'" sing N N 29  
5CM "C5'" "O5'"  sing N N 30  
5CM "C5'" "H5'"  sing N N 31  
5CM "C5'" "H5''" sing N N 32  
5CM "O5'" P      sing N N 33  
5CM P     OP1    doub N N 34  
5CM P     OP2    sing N N 35  
5CM P     OP3    sing N N 36  
5CM OP2   HOP2   sing N N 37  
5CM OP3   HOP3   sing N N 38  
ACT C     O      doub N N 39  
ACT C     OXT    sing N N 40  
ACT C     CH3    sing N N 41  
ACT CH3   H1     sing N N 42  
ACT CH3   H2     sing N N 43  
ACT CH3   H3     sing N N 44  
ALA N     CA     sing N N 45  
ALA N     H      sing N N 46  
ALA N     H2     sing N N 47  
ALA CA    C      sing N N 48  
ALA CA    CB     sing N N 49  
ALA CA    HA     sing N N 50  
ALA C     O      doub N N 51  
ALA C     OXT    sing N N 52  
ALA CB    HB1    sing N N 53  
ALA CB    HB2    sing N N 54  
ALA CB    HB3    sing N N 55  
ALA OXT   HXT    sing N N 56  
ARG N     CA     sing N N 57  
ARG N     H      sing N N 58  
ARG N     H2     sing N N 59  
ARG CA    C      sing N N 60  
ARG CA    CB     sing N N 61  
ARG CA    HA     sing N N 62  
ARG C     O      doub N N 63  
ARG C     OXT    sing N N 64  
ARG CB    CG     sing N N 65  
ARG CB    HB2    sing N N 66  
ARG CB    HB3    sing N N 67  
ARG CG    CD     sing N N 68  
ARG CG    HG2    sing N N 69  
ARG CG    HG3    sing N N 70  
ARG CD    NE     sing N N 71  
ARG CD    HD2    sing N N 72  
ARG CD    HD3    sing N N 73  
ARG NE    CZ     sing N N 74  
ARG NE    HE     sing N N 75  
ARG CZ    NH1    sing N N 76  
ARG CZ    NH2    doub N N 77  
ARG NH1   HH11   sing N N 78  
ARG NH1   HH12   sing N N 79  
ARG NH2   HH21   sing N N 80  
ARG NH2   HH22   sing N N 81  
ARG OXT   HXT    sing N N 82  
ASN N     CA     sing N N 83  
ASN N     H      sing N N 84  
ASN N     H2     sing N N 85  
ASN CA    C      sing N N 86  
ASN CA    CB     sing N N 87  
ASN CA    HA     sing N N 88  
ASN C     O      doub N N 89  
ASN C     OXT    sing N N 90  
ASN CB    CG     sing N N 91  
ASN CB    HB2    sing N N 92  
ASN CB    HB3    sing N N 93  
ASN CG    OD1    doub N N 94  
ASN CG    ND2    sing N N 95  
ASN ND2   HD21   sing N N 96  
ASN ND2   HD22   sing N N 97  
ASN OXT   HXT    sing N N 98  
ASP N     CA     sing N N 99  
ASP N     H      sing N N 100 
ASP N     H2     sing N N 101 
ASP CA    C      sing N N 102 
ASP CA    CB     sing N N 103 
ASP CA    HA     sing N N 104 
ASP C     O      doub N N 105 
ASP C     OXT    sing N N 106 
ASP CB    CG     sing N N 107 
ASP CB    HB2    sing N N 108 
ASP CB    HB3    sing N N 109 
ASP CG    OD1    doub N N 110 
ASP CG    OD2    sing N N 111 
ASP OD2   HD2    sing N N 112 
ASP OXT   HXT    sing N N 113 
CYS N     CA     sing N N 114 
CYS N     H      sing N N 115 
CYS N     H2     sing N N 116 
CYS CA    C      sing N N 117 
CYS CA    CB     sing N N 118 
CYS CA    HA     sing N N 119 
CYS C     O      doub N N 120 
CYS C     OXT    sing N N 121 
CYS CB    SG     sing N N 122 
CYS CB    HB2    sing N N 123 
CYS CB    HB3    sing N N 124 
CYS SG    HG     sing N N 125 
CYS OXT   HXT    sing N N 126 
DA  OP3   P      sing N N 127 
DA  OP3   HOP3   sing N N 128 
DA  P     OP1    doub N N 129 
DA  P     OP2    sing N N 130 
DA  P     "O5'"  sing N N 131 
DA  OP2   HOP2   sing N N 132 
DA  "O5'" "C5'"  sing N N 133 
DA  "C5'" "C4'"  sing N N 134 
DA  "C5'" "H5'"  sing N N 135 
DA  "C5'" "H5''" sing N N 136 
DA  "C4'" "O4'"  sing N N 137 
DA  "C4'" "C3'"  sing N N 138 
DA  "C4'" "H4'"  sing N N 139 
DA  "O4'" "C1'"  sing N N 140 
DA  "C3'" "O3'"  sing N N 141 
DA  "C3'" "C2'"  sing N N 142 
DA  "C3'" "H3'"  sing N N 143 
DA  "O3'" "HO3'" sing N N 144 
DA  "C2'" "C1'"  sing N N 145 
DA  "C2'" "H2'"  sing N N 146 
DA  "C2'" "H2''" sing N N 147 
DA  "C1'" N9     sing N N 148 
DA  "C1'" "H1'"  sing N N 149 
DA  N9    C8     sing Y N 150 
DA  N9    C4     sing Y N 151 
DA  C8    N7     doub Y N 152 
DA  C8    H8     sing N N 153 
DA  N7    C5     sing Y N 154 
DA  C5    C6     sing Y N 155 
DA  C5    C4     doub Y N 156 
DA  C6    N6     sing N N 157 
DA  C6    N1     doub Y N 158 
DA  N6    H61    sing N N 159 
DA  N6    H62    sing N N 160 
DA  N1    C2     sing Y N 161 
DA  C2    N3     doub Y N 162 
DA  C2    H2     sing N N 163 
DA  N3    C4     sing Y N 164 
DC  OP3   P      sing N N 165 
DC  OP3   HOP3   sing N N 166 
DC  P     OP1    doub N N 167 
DC  P     OP2    sing N N 168 
DC  P     "O5'"  sing N N 169 
DC  OP2   HOP2   sing N N 170 
DC  "O5'" "C5'"  sing N N 171 
DC  "C5'" "C4'"  sing N N 172 
DC  "C5'" "H5'"  sing N N 173 
DC  "C5'" "H5''" sing N N 174 
DC  "C4'" "O4'"  sing N N 175 
DC  "C4'" "C3'"  sing N N 176 
DC  "C4'" "H4'"  sing N N 177 
DC  "O4'" "C1'"  sing N N 178 
DC  "C3'" "O3'"  sing N N 179 
DC  "C3'" "C2'"  sing N N 180 
DC  "C3'" "H3'"  sing N N 181 
DC  "O3'" "HO3'" sing N N 182 
DC  "C2'" "C1'"  sing N N 183 
DC  "C2'" "H2'"  sing N N 184 
DC  "C2'" "H2''" sing N N 185 
DC  "C1'" N1     sing N N 186 
DC  "C1'" "H1'"  sing N N 187 
DC  N1    C2     sing N N 188 
DC  N1    C6     sing N N 189 
DC  C2    O2     doub N N 190 
DC  C2    N3     sing N N 191 
DC  N3    C4     doub N N 192 
DC  C4    N4     sing N N 193 
DC  C4    C5     sing N N 194 
DC  N4    H41    sing N N 195 
DC  N4    H42    sing N N 196 
DC  C5    C6     doub N N 197 
DC  C5    H5     sing N N 198 
DC  C6    H6     sing N N 199 
DG  OP3   P      sing N N 200 
DG  OP3   HOP3   sing N N 201 
DG  P     OP1    doub N N 202 
DG  P     OP2    sing N N 203 
DG  P     "O5'"  sing N N 204 
DG  OP2   HOP2   sing N N 205 
DG  "O5'" "C5'"  sing N N 206 
DG  "C5'" "C4'"  sing N N 207 
DG  "C5'" "H5'"  sing N N 208 
DG  "C5'" "H5''" sing N N 209 
DG  "C4'" "O4'"  sing N N 210 
DG  "C4'" "C3'"  sing N N 211 
DG  "C4'" "H4'"  sing N N 212 
DG  "O4'" "C1'"  sing N N 213 
DG  "C3'" "O3'"  sing N N 214 
DG  "C3'" "C2'"  sing N N 215 
DG  "C3'" "H3'"  sing N N 216 
DG  "O3'" "HO3'" sing N N 217 
DG  "C2'" "C1'"  sing N N 218 
DG  "C2'" "H2'"  sing N N 219 
DG  "C2'" "H2''" sing N N 220 
DG  "C1'" N9     sing N N 221 
DG  "C1'" "H1'"  sing N N 222 
DG  N9    C8     sing Y N 223 
DG  N9    C4     sing Y N 224 
DG  C8    N7     doub Y N 225 
DG  C8    H8     sing N N 226 
DG  N7    C5     sing Y N 227 
DG  C5    C6     sing N N 228 
DG  C5    C4     doub Y N 229 
DG  C6    O6     doub N N 230 
DG  C6    N1     sing N N 231 
DG  N1    C2     sing N N 232 
DG  N1    H1     sing N N 233 
DG  C2    N2     sing N N 234 
DG  C2    N3     doub N N 235 
DG  N2    H21    sing N N 236 
DG  N2    H22    sing N N 237 
DG  N3    C4     sing N N 238 
DT  OP3   P      sing N N 239 
DT  OP3   HOP3   sing N N 240 
DT  P     OP1    doub N N 241 
DT  P     OP2    sing N N 242 
DT  P     "O5'"  sing N N 243 
DT  OP2   HOP2   sing N N 244 
DT  "O5'" "C5'"  sing N N 245 
DT  "C5'" "C4'"  sing N N 246 
DT  "C5'" "H5'"  sing N N 247 
DT  "C5'" "H5''" sing N N 248 
DT  "C4'" "O4'"  sing N N 249 
DT  "C4'" "C3'"  sing N N 250 
DT  "C4'" "H4'"  sing N N 251 
DT  "O4'" "C1'"  sing N N 252 
DT  "C3'" "O3'"  sing N N 253 
DT  "C3'" "C2'"  sing N N 254 
DT  "C3'" "H3'"  sing N N 255 
DT  "O3'" "HO3'" sing N N 256 
DT  "C2'" "C1'"  sing N N 257 
DT  "C2'" "H2'"  sing N N 258 
DT  "C2'" "H2''" sing N N 259 
DT  "C1'" N1     sing N N 260 
DT  "C1'" "H1'"  sing N N 261 
DT  N1    C2     sing N N 262 
DT  N1    C6     sing N N 263 
DT  C2    O2     doub N N 264 
DT  C2    N3     sing N N 265 
DT  N3    C4     sing N N 266 
DT  N3    H3     sing N N 267 
DT  C4    O4     doub N N 268 
DT  C4    C5     sing N N 269 
DT  C5    C7     sing N N 270 
DT  C5    C6     doub N N 271 
DT  C7    H71    sing N N 272 
DT  C7    H72    sing N N 273 
DT  C7    H73    sing N N 274 
DT  C6    H6     sing N N 275 
EDO C1    O1     sing N N 276 
EDO C1    C2     sing N N 277 
EDO C1    H11    sing N N 278 
EDO C1    H12    sing N N 279 
EDO O1    HO1    sing N N 280 
EDO C2    O2     sing N N 281 
EDO C2    H21    sing N N 282 
EDO C2    H22    sing N N 283 
EDO O2    HO2    sing N N 284 
GLN N     CA     sing N N 285 
GLN N     H      sing N N 286 
GLN N     H2     sing N N 287 
GLN CA    C      sing N N 288 
GLN CA    CB     sing N N 289 
GLN CA    HA     sing N N 290 
GLN C     O      doub N N 291 
GLN C     OXT    sing N N 292 
GLN CB    CG     sing N N 293 
GLN CB    HB2    sing N N 294 
GLN CB    HB3    sing N N 295 
GLN CG    CD     sing N N 296 
GLN CG    HG2    sing N N 297 
GLN CG    HG3    sing N N 298 
GLN CD    OE1    doub N N 299 
GLN CD    NE2    sing N N 300 
GLN NE2   HE21   sing N N 301 
GLN NE2   HE22   sing N N 302 
GLN OXT   HXT    sing N N 303 
GLU N     CA     sing N N 304 
GLU N     H      sing N N 305 
GLU N     H2     sing N N 306 
GLU CA    C      sing N N 307 
GLU CA    CB     sing N N 308 
GLU CA    HA     sing N N 309 
GLU C     O      doub N N 310 
GLU C     OXT    sing N N 311 
GLU CB    CG     sing N N 312 
GLU CB    HB2    sing N N 313 
GLU CB    HB3    sing N N 314 
GLU CG    CD     sing N N 315 
GLU CG    HG2    sing N N 316 
GLU CG    HG3    sing N N 317 
GLU CD    OE1    doub N N 318 
GLU CD    OE2    sing N N 319 
GLU OE2   HE2    sing N N 320 
GLU OXT   HXT    sing N N 321 
GLY N     CA     sing N N 322 
GLY N     H      sing N N 323 
GLY N     H2     sing N N 324 
GLY CA    C      sing N N 325 
GLY CA    HA2    sing N N 326 
GLY CA    HA3    sing N N 327 
GLY C     O      doub N N 328 
GLY C     OXT    sing N N 329 
GLY OXT   HXT    sing N N 330 
HIS N     CA     sing N N 331 
HIS N     H      sing N N 332 
HIS N     H2     sing N N 333 
HIS CA    C      sing N N 334 
HIS CA    CB     sing N N 335 
HIS CA    HA     sing N N 336 
HIS C     O      doub N N 337 
HIS C     OXT    sing N N 338 
HIS CB    CG     sing N N 339 
HIS CB    HB2    sing N N 340 
HIS CB    HB3    sing N N 341 
HIS CG    ND1    sing Y N 342 
HIS CG    CD2    doub Y N 343 
HIS ND1   CE1    doub Y N 344 
HIS ND1   HD1    sing N N 345 
HIS CD2   NE2    sing Y N 346 
HIS CD2   HD2    sing N N 347 
HIS CE1   NE2    sing Y N 348 
HIS CE1   HE1    sing N N 349 
HIS NE2   HE2    sing N N 350 
HIS OXT   HXT    sing N N 351 
HOH O     H1     sing N N 352 
HOH O     H2     sing N N 353 
ILE N     CA     sing N N 354 
ILE N     H      sing N N 355 
ILE N     H2     sing N N 356 
ILE CA    C      sing N N 357 
ILE CA    CB     sing N N 358 
ILE CA    HA     sing N N 359 
ILE C     O      doub N N 360 
ILE C     OXT    sing N N 361 
ILE CB    CG1    sing N N 362 
ILE CB    CG2    sing N N 363 
ILE CB    HB     sing N N 364 
ILE CG1   CD1    sing N N 365 
ILE CG1   HG12   sing N N 366 
ILE CG1   HG13   sing N N 367 
ILE CG2   HG21   sing N N 368 
ILE CG2   HG22   sing N N 369 
ILE CG2   HG23   sing N N 370 
ILE CD1   HD11   sing N N 371 
ILE CD1   HD12   sing N N 372 
ILE CD1   HD13   sing N N 373 
ILE OXT   HXT    sing N N 374 
LEU N     CA     sing N N 375 
LEU N     H      sing N N 376 
LEU N     H2     sing N N 377 
LEU CA    C      sing N N 378 
LEU CA    CB     sing N N 379 
LEU CA    HA     sing N N 380 
LEU C     O      doub N N 381 
LEU C     OXT    sing N N 382 
LEU CB    CG     sing N N 383 
LEU CB    HB2    sing N N 384 
LEU CB    HB3    sing N N 385 
LEU CG    CD1    sing N N 386 
LEU CG    CD2    sing N N 387 
LEU CG    HG     sing N N 388 
LEU CD1   HD11   sing N N 389 
LEU CD1   HD12   sing N N 390 
LEU CD1   HD13   sing N N 391 
LEU CD2   HD21   sing N N 392 
LEU CD2   HD22   sing N N 393 
LEU CD2   HD23   sing N N 394 
LEU OXT   HXT    sing N N 395 
LYS N     CA     sing N N 396 
LYS N     H      sing N N 397 
LYS N     H2     sing N N 398 
LYS CA    C      sing N N 399 
LYS CA    CB     sing N N 400 
LYS CA    HA     sing N N 401 
LYS C     O      doub N N 402 
LYS C     OXT    sing N N 403 
LYS CB    CG     sing N N 404 
LYS CB    HB2    sing N N 405 
LYS CB    HB3    sing N N 406 
LYS CG    CD     sing N N 407 
LYS CG    HG2    sing N N 408 
LYS CG    HG3    sing N N 409 
LYS CD    CE     sing N N 410 
LYS CD    HD2    sing N N 411 
LYS CD    HD3    sing N N 412 
LYS CE    NZ     sing N N 413 
LYS CE    HE2    sing N N 414 
LYS CE    HE3    sing N N 415 
LYS NZ    HZ1    sing N N 416 
LYS NZ    HZ2    sing N N 417 
LYS NZ    HZ3    sing N N 418 
LYS OXT   HXT    sing N N 419 
PHE N     CA     sing N N 420 
PHE N     H      sing N N 421 
PHE N     H2     sing N N 422 
PHE CA    C      sing N N 423 
PHE CA    CB     sing N N 424 
PHE CA    HA     sing N N 425 
PHE C     O      doub N N 426 
PHE C     OXT    sing N N 427 
PHE CB    CG     sing N N 428 
PHE CB    HB2    sing N N 429 
PHE CB    HB3    sing N N 430 
PHE CG    CD1    doub Y N 431 
PHE CG    CD2    sing Y N 432 
PHE CD1   CE1    sing Y N 433 
PHE CD1   HD1    sing N N 434 
PHE CD2   CE2    doub Y N 435 
PHE CD2   HD2    sing N N 436 
PHE CE1   CZ     doub Y N 437 
PHE CE1   HE1    sing N N 438 
PHE CE2   CZ     sing Y N 439 
PHE CE2   HE2    sing N N 440 
PHE CZ    HZ     sing N N 441 
PHE OXT   HXT    sing N N 442 
PRO N     CA     sing N N 443 
PRO N     CD     sing N N 444 
PRO N     H      sing N N 445 
PRO CA    C      sing N N 446 
PRO CA    CB     sing N N 447 
PRO CA    HA     sing N N 448 
PRO C     O      doub N N 449 
PRO C     OXT    sing N N 450 
PRO CB    CG     sing N N 451 
PRO CB    HB2    sing N N 452 
PRO CB    HB3    sing N N 453 
PRO CG    CD     sing N N 454 
PRO CG    HG2    sing N N 455 
PRO CG    HG3    sing N N 456 
PRO CD    HD2    sing N N 457 
PRO CD    HD3    sing N N 458 
PRO OXT   HXT    sing N N 459 
SER N     CA     sing N N 460 
SER N     H      sing N N 461 
SER N     H2     sing N N 462 
SER CA    C      sing N N 463 
SER CA    CB     sing N N 464 
SER CA    HA     sing N N 465 
SER C     O      doub N N 466 
SER C     OXT    sing N N 467 
SER CB    OG     sing N N 468 
SER CB    HB2    sing N N 469 
SER CB    HB3    sing N N 470 
SER OG    HG     sing N N 471 
SER OXT   HXT    sing N N 472 
THR N     CA     sing N N 473 
THR N     H      sing N N 474 
THR N     H2     sing N N 475 
THR CA    C      sing N N 476 
THR CA    CB     sing N N 477 
THR CA    HA     sing N N 478 
THR C     O      doub N N 479 
THR C     OXT    sing N N 480 
THR CB    OG1    sing N N 481 
THR CB    CG2    sing N N 482 
THR CB    HB     sing N N 483 
THR OG1   HG1    sing N N 484 
THR CG2   HG21   sing N N 485 
THR CG2   HG22   sing N N 486 
THR CG2   HG23   sing N N 487 
THR OXT   HXT    sing N N 488 
TRP N     CA     sing N N 489 
TRP N     H      sing N N 490 
TRP N     H2     sing N N 491 
TRP CA    C      sing N N 492 
TRP CA    CB     sing N N 493 
TRP CA    HA     sing N N 494 
TRP C     O      doub N N 495 
TRP C     OXT    sing N N 496 
TRP CB    CG     sing N N 497 
TRP CB    HB2    sing N N 498 
TRP CB    HB3    sing N N 499 
TRP CG    CD1    doub Y N 500 
TRP CG    CD2    sing Y N 501 
TRP CD1   NE1    sing Y N 502 
TRP CD1   HD1    sing N N 503 
TRP CD2   CE2    doub Y N 504 
TRP CD2   CE3    sing Y N 505 
TRP NE1   CE2    sing Y N 506 
TRP NE1   HE1    sing N N 507 
TRP CE2   CZ2    sing Y N 508 
TRP CE3   CZ3    doub Y N 509 
TRP CE3   HE3    sing N N 510 
TRP CZ2   CH2    doub Y N 511 
TRP CZ2   HZ2    sing N N 512 
TRP CZ3   CH2    sing Y N 513 
TRP CZ3   HZ3    sing N N 514 
TRP CH2   HH2    sing N N 515 
TRP OXT   HXT    sing N N 516 
TYR N     CA     sing N N 517 
TYR N     H      sing N N 518 
TYR N     H2     sing N N 519 
TYR CA    C      sing N N 520 
TYR CA    CB     sing N N 521 
TYR CA    HA     sing N N 522 
TYR C     O      doub N N 523 
TYR C     OXT    sing N N 524 
TYR CB    CG     sing N N 525 
TYR CB    HB2    sing N N 526 
TYR CB    HB3    sing N N 527 
TYR CG    CD1    doub Y N 528 
TYR CG    CD2    sing Y N 529 
TYR CD1   CE1    sing Y N 530 
TYR CD1   HD1    sing N N 531 
TYR CD2   CE2    doub Y N 532 
TYR CD2   HD2    sing N N 533 
TYR CE1   CZ     doub Y N 534 
TYR CE1   HE1    sing N N 535 
TYR CE2   CZ     sing Y N 536 
TYR CE2   HE2    sing N N 537 
TYR CZ    OH     sing N N 538 
TYR OH    HH     sing N N 539 
TYR OXT   HXT    sing N N 540 
VAL N     CA     sing N N 541 
VAL N     H      sing N N 542 
VAL N     H2     sing N N 543 
VAL CA    C      sing N N 544 
VAL CA    CB     sing N N 545 
VAL CA    HA     sing N N 546 
VAL C     O      doub N N 547 
VAL C     OXT    sing N N 548 
VAL CB    CG1    sing N N 549 
VAL CB    CG2    sing N N 550 
VAL CB    HB     sing N N 551 
VAL CG1   HG11   sing N N 552 
VAL CG1   HG12   sing N N 553 
VAL CG1   HG13   sing N N 554 
VAL CG2   HG21   sing N N 555 
VAL CG2   HG22   sing N N 556 
VAL CG2   HG23   sing N N 557 
VAL OXT   HXT    sing N N 558 
# 
loop_
_ndb_struct_conf_na.entry_id 
_ndb_struct_conf_na.feature 
3VXX 'double helix'        
3VXX 'b-form double helix' 
# 
loop_
_ndb_struct_na_base_pair.model_number 
_ndb_struct_na_base_pair.i_label_asym_id 
_ndb_struct_na_base_pair.i_label_comp_id 
_ndb_struct_na_base_pair.i_label_seq_id 
_ndb_struct_na_base_pair.i_symmetry 
_ndb_struct_na_base_pair.j_label_asym_id 
_ndb_struct_na_base_pair.j_label_comp_id 
_ndb_struct_na_base_pair.j_label_seq_id 
_ndb_struct_na_base_pair.j_symmetry 
_ndb_struct_na_base_pair.shear 
_ndb_struct_na_base_pair.stretch 
_ndb_struct_na_base_pair.stagger 
_ndb_struct_na_base_pair.buckle 
_ndb_struct_na_base_pair.propeller 
_ndb_struct_na_base_pair.opening 
_ndb_struct_na_base_pair.pair_number 
_ndb_struct_na_base_pair.pair_name 
_ndb_struct_na_base_pair.i_auth_asym_id 
_ndb_struct_na_base_pair.i_auth_seq_id 
_ndb_struct_na_base_pair.i_PDB_ins_code 
_ndb_struct_na_base_pair.j_auth_asym_id 
_ndb_struct_na_base_pair.j_auth_seq_id 
_ndb_struct_na_base_pair.j_PDB_ins_code 
_ndb_struct_na_base_pair.hbond_type_28 
_ndb_struct_na_base_pair.hbond_type_12 
1 B DG  1  1_555 C DC  13 1_555 -0.204 -0.026 -0.021 -24.289 -16.683 0.991  1  B_DG1:DC13_C  B 1  ? C 13 ? 19 1 
1 B DT  2  1_555 C DA  12 1_555 -0.215 0.001  0.085  -11.881 -9.124  -3.086 2  B_DT2:DA12_C  B 2  ? C 12 ? 20 1 
1 B DC  3  1_555 C DG  11 1_555 0.105  -0.026 -0.223 -2.031  -7.799  1.764  3  B_DC3:DG11_C  B 3  ? C 11 ? 19 1 
1 B DA  4  1_555 C DT  10 1_555 0.169  -0.049 0.075  2.582   -10.531 2.068  4  B_DA4:DT10_C  B 4  ? C 10 ? 20 1 
1 B DC  5  1_555 C DG  9  1_555 0.554  -0.167 -0.115 7.609   -16.011 2.624  5  B_DC5:DG9_C   B 5  ? C 9  ? 19 1 
1 B DT  6  1_555 C DA  8  1_555 -0.085 -0.166 0.022  -3.137  -11.306 -0.206 6  B_DT6:DA8_C   B 6  ? C 8  ? 20 1 
1 B DA  7  1_555 C DT  7  1_555 -0.121 -0.107 -0.078 -9.830  -10.211 1.235  7  B_DA7:DT7_C   B 7  ? C 7  ? 20 1 
1 B DC  8  1_555 C DG  6  1_555 0.402  -0.124 0.367  -3.913  -7.029  -2.251 8  B_DC8:DG6_C   B 8  ? C 6  ? 19 1 
1 B 5CM 9  1_555 C DG  5  1_555 0.524  -0.173 -0.166 4.408   -7.874  -0.814 9  B_5CM9:DG5_C  B 9  ? C 5  ? 19 1 
1 B DG  10 1_555 C 5CM 4  1_555 -0.469 -0.195 0.034  3.276   6.643   -5.182 10 B_DG10:5CM4_C B 10 ? C 4  ? 19 1 
1 B DG  11 1_555 C DC  3  1_555 -0.334 0.014  0.179  19.190  -3.020  2.071  11 B_DG11:DC3_C  B 11 ? C 3  ? 19 1 
1 B DA  12 1_555 C DT  2  1_555 -0.042 -0.147 0.144  19.492  -21.036 3.697  12 B_DA12:DT2_C  B 12 ? C 2  ? 20 1 
1 B DC  13 1_555 C DG  1  1_555 0.351  -0.031 -0.099 13.527  -14.973 0.915  13 B_DC13:DG1_C  B 13 ? C 1  ? 19 1 
# 
loop_
_ndb_struct_na_base_pair_step.model_number 
_ndb_struct_na_base_pair_step.i_label_asym_id_1 
_ndb_struct_na_base_pair_step.i_label_comp_id_1 
_ndb_struct_na_base_pair_step.i_label_seq_id_1 
_ndb_struct_na_base_pair_step.i_symmetry_1 
_ndb_struct_na_base_pair_step.j_label_asym_id_1 
_ndb_struct_na_base_pair_step.j_label_comp_id_1 
_ndb_struct_na_base_pair_step.j_label_seq_id_1 
_ndb_struct_na_base_pair_step.j_symmetry_1 
_ndb_struct_na_base_pair_step.i_label_asym_id_2 
_ndb_struct_na_base_pair_step.i_label_comp_id_2 
_ndb_struct_na_base_pair_step.i_label_seq_id_2 
_ndb_struct_na_base_pair_step.i_symmetry_2 
_ndb_struct_na_base_pair_step.j_label_asym_id_2 
_ndb_struct_na_base_pair_step.j_label_comp_id_2 
_ndb_struct_na_base_pair_step.j_label_seq_id_2 
_ndb_struct_na_base_pair_step.j_symmetry_2 
_ndb_struct_na_base_pair_step.shift 
_ndb_struct_na_base_pair_step.slide 
_ndb_struct_na_base_pair_step.rise 
_ndb_struct_na_base_pair_step.tilt 
_ndb_struct_na_base_pair_step.roll 
_ndb_struct_na_base_pair_step.twist 
_ndb_struct_na_base_pair_step.x_displacement 
_ndb_struct_na_base_pair_step.y_displacement 
_ndb_struct_na_base_pair_step.helical_rise 
_ndb_struct_na_base_pair_step.inclination 
_ndb_struct_na_base_pair_step.tip 
_ndb_struct_na_base_pair_step.helical_twist 
_ndb_struct_na_base_pair_step.step_number 
_ndb_struct_na_base_pair_step.step_name 
_ndb_struct_na_base_pair_step.i_auth_asym_id_1 
_ndb_struct_na_base_pair_step.i_auth_seq_id_1 
_ndb_struct_na_base_pair_step.i_PDB_ins_code_1 
_ndb_struct_na_base_pair_step.j_auth_asym_id_1 
_ndb_struct_na_base_pair_step.j_auth_seq_id_1 
_ndb_struct_na_base_pair_step.j_PDB_ins_code_1 
_ndb_struct_na_base_pair_step.i_auth_asym_id_2 
_ndb_struct_na_base_pair_step.i_auth_seq_id_2 
_ndb_struct_na_base_pair_step.i_PDB_ins_code_2 
_ndb_struct_na_base_pair_step.j_auth_asym_id_2 
_ndb_struct_na_base_pair_step.j_auth_seq_id_2 
_ndb_struct_na_base_pair_step.j_PDB_ins_code_2 
1 B DG  1  1_555 C DC  13 1_555 B DT  2  1_555 C DA  12 1_555 -0.911 -0.730 2.965 -0.598 4.822  31.574 -2.107 1.558  2.841 8.796  
1.091  31.937 1  BB_DG1DT2:DA12DC13_CC  B 1  ? C 13 ? B 2  ? C 12 ? 
1 B DT  2  1_555 C DA  12 1_555 B DC  3  1_555 C DG  11 1_555 0.705  0.039  3.007 3.735  1.604  37.878 -0.129 -0.640 3.060 2.463  
-5.733 38.087 2  BB_DT2DC3:DG11DA12_CC  B 2  ? C 12 ? B 3  ? C 11 ? 
1 B DC  3  1_555 C DG  11 1_555 B DA  4  1_555 C DT  10 1_555 0.055  0.098  3.255 -1.324 12.235 28.268 -2.217 -0.363 3.031 23.683 
2.564  30.781 3  BB_DC3DA4:DT10DG11_CC  B 3  ? C 11 ? B 4  ? C 10 ? 
1 B DA  4  1_555 C DT  10 1_555 B DC  5  1_555 C DG  9  1_555 0.696  -0.694 3.131 2.241  1.367  33.499 -1.415 -0.851 3.139 2.367  
-3.880 33.599 4  BB_DA4DC5:DG9DT10_CC   B 4  ? C 10 ? B 5  ? C 9  ? 
1 B DC  5  1_555 C DG  9  1_555 B DT  6  1_555 C DA  8  1_555 -0.040 -0.616 3.508 3.129  8.270  31.389 -2.611 0.643  3.227 14.919 
-5.644 32.580 5  BB_DC5DT6:DA8DG9_CC    B 5  ? C 9  ? B 6  ? C 8  ? 
1 B DT  6  1_555 C DA  8  1_555 B DA  7  1_555 C DT  7  1_555 0.196  -0.288 3.503 1.923  7.352  33.169 -1.741 -0.009 3.370 12.672 
-3.315 34.005 6  BB_DT6DA7:DT7DA8_CC    B 6  ? C 8  ? B 7  ? C 7  ? 
1 B DA  7  1_555 C DT  7  1_555 B DC  8  1_555 C DG  6  1_555 -0.563 -0.499 3.251 -2.278 2.280  33.299 -1.241 0.603  3.241 3.967  
3.964  33.451 7  BB_DA7DC8:DG6DT7_CC    B 7  ? C 7  ? B 8  ? C 6  ? 
1 B DC  8  1_555 C DG  6  1_555 B 5CM 9  1_555 C DG  5  1_555 0.923  0.001  3.161 4.938  -0.049 30.949 0.010  -0.788 3.265 -0.091 
-9.181 31.331 8  BB_DC85CM9:DG5DG6_CC   B 8  ? C 6  ? B 9  ? C 5  ? 
1 B 5CM 9  1_555 C DG  5  1_555 B DG  10 1_555 C 5CM 4  1_555 -0.138 -0.190 3.583 -3.169 -4.665 36.122 0.406  -0.262 3.578 -7.467 
5.073  36.545 9  BB_5CM9DG10:5CM4DG5_CC B 9  ? C 5  ? B 10 ? C 4  ? 
1 B DG  10 1_555 C 5CM 4  1_555 B DG  11 1_555 C DC  3  1_555 0.045  -0.269 3.179 -4.461 3.605  30.464 -1.175 -0.916 3.090 6.785  
8.397  30.987 10 BB_DG10DG11:DC35CM4_CC B 10 ? C 4  ? B 11 ? C 3  ? 
1 B DG  11 1_555 C DC  3  1_555 B DA  12 1_555 C DT  2  1_555 -0.596 -0.735 3.298 -4.679 3.879  33.316 -1.893 0.263  3.246 6.696  
8.077  33.850 11 BB_DG11DA12:DT2DC3_CC  B 11 ? C 3  ? B 12 ? C 2  ? 
1 B DA  12 1_555 C DT  2  1_555 B DC  13 1_555 C DG  1  1_555 0.279  -1.263 3.509 -1.647 5.708  33.611 -3.094 -0.747 3.240 9.776  
2.821  34.117 12 BB_DA12DC13:DG1DT2_CC  B 12 ? C 2  ? B 13 ? C 1  ? 
# 
_pdbx_initial_refinement_model.id               1 
_pdbx_initial_refinement_model.entity_id_list   ? 
_pdbx_initial_refinement_model.type             'experimental model' 
_pdbx_initial_refinement_model.source_name      PDB 
_pdbx_initial_refinement_model.accession_code   3VXV 
_pdbx_initial_refinement_model.details          'PDB ENTRY 3VXV' 
# 
_atom_sites.entry_id                    3VXX 
_atom_sites.fract_transf_matrix[1][1]   -0.00622303 
_atom_sites.fract_transf_matrix[1][2]   -0.00201615 
_atom_sites.fract_transf_matrix[1][3]   -0.00910716 
_atom_sites.fract_transf_matrix[2][1]   -0.00206278 
_atom_sites.fract_transf_matrix[2][2]   -0.00982302 
_atom_sites.fract_transf_matrix[2][3]   0.00358415 
_atom_sites.fract_transf_matrix[3][1]   -0.01461518 
_atom_sites.fract_transf_matrix[3][2]   0.00621127 
_atom_sites.fract_transf_matrix[3][3]   0.00861167 
_atom_sites.fract_transf_vector[1]      0.041131 
_atom_sites.fract_transf_vector[2]      0.123890 
_atom_sites.fract_transf_vector[3]      0.079576 
# 
loop_
_atom_type.symbol 
C 
N 
O 
P 
S 
# 
loop_
_atom_site.group_PDB 
_atom_site.id 
_atom_site.type_symbol 
_atom_site.label_atom_id 
_atom_site.label_alt_id 
_atom_site.label_comp_id 
_atom_site.label_asym_id 
_atom_site.label_entity_id 
_atom_site.label_seq_id 
_atom_site.pdbx_PDB_ins_code 
_atom_site.Cartn_x 
_atom_site.Cartn_y 
_atom_site.Cartn_z 
_atom_site.occupancy 
_atom_site.B_iso_or_equiv 
_atom_site.pdbx_formal_charge 
_atom_site.auth_seq_id 
_atom_site.auth_comp_id 
_atom_site.auth_asym_id 
_atom_site.auth_atom_id 
_atom_site.pdbx_PDB_model_num 
ATOM   1    N N     . PRO A 1 5  ? -10.789 3.980   -1.635  1.00 58.50 ? 72  PRO A N     1 
ATOM   2    C CA    . PRO A 1 5  ? -10.452 3.528   -2.995  1.00 59.86 ? 72  PRO A CA    1 
ATOM   3    C C     . PRO A 1 5  ? -9.012  3.024   -3.034  1.00 52.05 ? 72  PRO A C     1 
ATOM   4    O O     . PRO A 1 5  ? -8.764  1.893   -3.456  1.00 50.23 ? 72  PRO A O     1 
ATOM   5    C CB    . PRO A 1 5  ? -10.618 4.795   -3.841  1.00 55.42 ? 72  PRO A CB    1 
ATOM   6    C CG    . PRO A 1 5  ? -11.620 5.618   -3.072  1.00 59.87 ? 72  PRO A CG    1 
ATOM   7    C CD    . PRO A 1 5  ? -11.309 5.358   -1.621  1.00 59.05 ? 72  PRO A CD    1 
ATOM   8    N N     . VAL A 1 6  ? -8.074  3.859   -2.603  1.00 36.26 ? 73  VAL A N     1 
ATOM   9    C CA    . VAL A 1 6  ? -6.772  3.356   -2.196  1.00 39.90 ? 73  VAL A CA    1 
ATOM   10   C C     . VAL A 1 6  ? -6.875  3.231   -0.679  1.00 40.22 ? 73  VAL A C     1 
ATOM   11   O O     . VAL A 1 6  ? -7.090  4.236   0.003   1.00 42.88 ? 73  VAL A O     1 
ATOM   12   C CB    . VAL A 1 6  ? -5.623  4.321   -2.583  1.00 35.27 ? 73  VAL A CB    1 
ATOM   13   C CG1   . VAL A 1 6  ? -4.297  3.780   -2.091  1.00 33.06 ? 73  VAL A CG1   1 
ATOM   14   C CG2   . VAL A 1 6  ? -5.583  4.534   -4.096  1.00 35.28 ? 73  VAL A CG2   1 
ATOM   15   N N     . PRO A 1 7  ? -6.769  1.998   -0.149  1.00 36.06 ? 74  PRO A N     1 
ATOM   16   C CA    . PRO A 1 7  ? -6.933  1.775   1.294   1.00 34.97 ? 74  PRO A CA    1 
ATOM   17   C C     . PRO A 1 7  ? -6.024  2.663   2.128   1.00 34.75 ? 74  PRO A C     1 
ATOM   18   O O     . PRO A 1 7  ? -4.917  3.000   1.710   1.00 34.48 ? 74  PRO A O     1 
ATOM   19   C CB    . PRO A 1 7  ? -6.535  0.307   1.471   1.00 29.93 ? 74  PRO A CB    1 
ATOM   20   C CG    . PRO A 1 7  ? -6.890  -0.316  0.172   1.00 35.13 ? 74  PRO A CG    1 
ATOM   21   C CD    . PRO A 1 7  ? -6.565  0.730   -0.874  1.00 35.61 ? 74  PRO A CD    1 
ATOM   22   N N     . CYS A 1 8  ? -6.511  3.031   3.304   1.00 34.04 ? 75  CYS A N     1 
ATOM   23   C CA    . CYS A 1 8  ? -5.847  3.969   4.191   1.00 34.47 ? 75  CYS A CA    1 
ATOM   24   C C     . CYS A 1 8  ? -4.396  3.574   4.466   1.00 29.19 ? 75  CYS A C     1 
ATOM   25   O O     . CYS A 1 8  ? -4.105  2.419   4.783   1.00 36.49 ? 75  CYS A O     1 
ATOM   26   C CB    . CYS A 1 8  ? -6.630  4.035   5.504   1.00 36.75 ? 75  CYS A CB    1 
ATOM   27   S SG    . CYS A 1 8  ? -6.219  5.450   6.509   1.00 50.75 ? 75  CYS A SG    1 
ATOM   28   N N     . GLY A 1 9  ? -3.481  4.529   4.327   1.00 35.35 ? 76  GLY A N     1 
ATOM   29   C CA    . GLY A 1 9  ? -2.067  4.269   4.561   1.00 32.29 ? 76  GLY A CA    1 
ATOM   30   C C     . GLY A 1 9  ? -1.299  3.735   3.357   1.00 33.28 ? 76  GLY A C     1 
ATOM   31   O O     . GLY A 1 9  ? -0.067  3.785   3.336   1.00 31.14 ? 76  GLY A O     1 
ATOM   32   N N     . TRP A 1 10 ? -2.010  3.221   2.352   1.00 26.27 ? 77  TRP A N     1 
ATOM   33   C CA    . TRP A 1 10 ? -1.357  2.698   1.150   1.00 25.06 ? 77  TRP A CA    1 
ATOM   34   C C     . TRP A 1 10 ? -1.202  3.773   0.080   1.00 29.79 ? 77  TRP A C     1 
ATOM   35   O O     . TRP A 1 10 ? -1.923  4.761   0.070   1.00 31.02 ? 77  TRP A O     1 
ATOM   36   C CB    . TRP A 1 10 ? -2.154  1.528   0.564   1.00 27.05 ? 77  TRP A CB    1 
ATOM   37   C CG    . TRP A 1 10 ? -2.167  0.300   1.427   1.00 27.92 ? 77  TRP A CG    1 
ATOM   38   C CD1   . TRP A 1 10 ? -2.786  0.150   2.640   1.00 25.57 ? 77  TRP A CD1   1 
ATOM   39   C CD2   . TRP A 1 10 ? -1.543  -0.955  1.133   1.00 28.47 ? 77  TRP A CD2   1 
ATOM   40   N NE1   . TRP A 1 10 ? -2.586  -1.125  3.121   1.00 22.93 ? 77  TRP A NE1   1 
ATOM   41   C CE2   . TRP A 1 10 ? -1.817  -1.823  2.219   1.00 29.11 ? 77  TRP A CE2   1 
ATOM   42   C CE3   . TRP A 1 10 ? -0.765  -1.433  0.063   1.00 26.52 ? 77  TRP A CE3   1 
ATOM   43   C CZ2   . TRP A 1 10 ? -1.355  -3.137  2.264   1.00 28.61 ? 77  TRP A CZ2   1 
ATOM   44   C CZ3   . TRP A 1 10 ? -0.297  -2.742  0.110   1.00 27.54 ? 77  TRP A CZ3   1 
ATOM   45   C CH2   . TRP A 1 10 ? -0.599  -3.579  1.204   1.00 26.86 ? 77  TRP A CH2   1 
ATOM   46   N N     . GLU A 1 11 ? -0.273  3.556   -0.842  1.00 23.71 ? 78  GLU A N     1 
ATOM   47   C CA    . GLU A 1 11 ? -0.050  4.492   -1.930  1.00 23.18 ? 78  GLU A CA    1 
ATOM   48   C C     . GLU A 1 11 ? -0.088  3.746   -3.250  1.00 30.86 ? 78  GLU A C     1 
ATOM   49   O O     . GLU A 1 11 ? 0.380   2.610   -3.345  1.00 27.80 ? 78  GLU A O     1 
ATOM   50   C CB    . GLU A 1 11 ? 1.305   5.206   -1.768  1.00 28.59 ? 78  GLU A CB    1 
ATOM   51   C CG    . GLU A 1 11 ? 1.621   6.166   -2.915  1.00 27.75 ? 78  GLU A CG    1 
ATOM   52   C CD    . GLU A 1 11 ? 3.023   6.771   -2.841  1.00 32.18 ? 78  GLU A CD    1 
ATOM   53   O OE1   . GLU A 1 11 ? 3.700   6.624   -1.801  1.00 30.72 ? 78  GLU A OE1   1 
ATOM   54   O OE2   . GLU A 1 11 ? 3.439   7.408   -3.832  1.00 32.10 ? 78  GLU A OE2   1 
ATOM   55   N N     . ARG A 1 12 ? -0.657  4.385   -4.263  1.00 24.92 ? 79  ARG A N     1 
ATOM   56   C CA    . ARG A 1 12 ? -0.740  3.795   -5.584  1.00 28.73 ? 79  ARG A CA    1 
ATOM   57   C C     . ARG A 1 12 ? 0.080   4.631   -6.552  1.00 26.58 ? 79  ARG A C     1 
ATOM   58   O O     . ARG A 1 12 ? -0.052  5.853   -6.598  1.00 28.91 ? 79  ARG A O     1 
ATOM   59   C CB    . ARG A 1 12 ? -2.191  3.753   -6.045  1.00 26.10 ? 79  ARG A CB    1 
ATOM   60   C CG    . ARG A 1 12 ? -2.387  3.192   -7.427  1.00 27.64 ? 79  ARG A CG    1 
ATOM   61   C CD    . ARG A 1 12 ? -3.767  3.621   -7.928  1.00 32.11 ? 79  ARG A CD    1 
ATOM   62   N NE    . ARG A 1 12 ? -4.267  2.715   -8.933  1.00 32.91 ? 79  ARG A NE    1 
ATOM   63   C CZ    . ARG A 1 12 ? -4.796  3.097   -10.090 1.00 38.60 ? 79  ARG A CZ    1 
ATOM   64   N NH1   . ARG A 1 12 ? -5.238  2.173   -10.937 1.00 32.52 ? 79  ARG A NH1   1 
ATOM   65   N NH2   . ARG A 1 12 ? -4.893  4.390   -10.394 1.00 32.30 ? 79  ARG A NH2   1 
ATOM   66   N N     . VAL A 1 13 ? 0.942   3.971   -7.318  1.00 24.57 ? 80  VAL A N     1 
ATOM   67   C CA    . VAL A 1 13 ? 1.742   4.667   -8.303  1.00 25.26 ? 80  VAL A CA    1 
ATOM   68   C C     . VAL A 1 13 ? 1.414   4.145   -9.691  1.00 25.57 ? 80  VAL A C     1 
ATOM   69   O O     . VAL A 1 13 ? 1.353   2.940   -9.906  1.00 25.00 ? 80  VAL A O     1 
ATOM   70   C CB    . VAL A 1 13 ? 3.239   4.496   -8.024  1.00 25.92 ? 80  VAL A CB    1 
ATOM   71   C CG1   . VAL A 1 13 ? 4.047   5.261   -9.053  1.00 22.70 ? 80  VAL A CG1   1 
ATOM   72   C CG2   . VAL A 1 13 ? 3.557   4.963   -6.601  1.00 24.19 ? 80  VAL A CG2   1 
ATOM   73   N N     . VAL A 1 14 ? 1.177   5.074   -10.613 1.00 26.90 ? 81  VAL A N     1 
ATOM   74   C CA    . VAL A 1 14 ? 0.911   4.782   -12.017 1.00 22.88 ? 81  VAL A CA    1 
ATOM   75   C C     . VAL A 1 14 ? 2.061   5.346   -12.843 1.00 23.63 ? 81  VAL A C     1 
ATOM   76   O O     . VAL A 1 14 ? 2.523   6.462   -12.588 1.00 26.22 ? 81  VAL A O     1 
ATOM   77   C CB    . VAL A 1 14 ? -0.384  5.484   -12.474 1.00 24.79 ? 81  VAL A CB    1 
ATOM   78   C CG1   . VAL A 1 14 ? -0.634  5.238   -13.961 1.00 26.26 ? 81  VAL A CG1   1 
ATOM   79   C CG2   . VAL A 1 14 ? -1.561  5.005   -11.651 1.00 27.88 ? 81  VAL A CG2   1 
ATOM   80   N N     . LYS A 1 15 ? 2.535   4.578   -13.818 1.00 25.47 ? 82  LYS A N     1 
ATOM   81   C CA    . LYS A 1 15 ? 3.553   5.055   -14.766 1.00 27.91 ? 82  LYS A CA    1 
ATOM   82   C C     . LYS A 1 15 ? 3.182   4.651   -16.191 1.00 28.19 ? 82  LYS A C     1 
ATOM   83   O O     . LYS A 1 15 ? 2.497   3.649   -16.393 1.00 29.37 ? 82  LYS A O     1 
ATOM   84   C CB    . LYS A 1 15 ? 4.941   4.495   -14.408 1.00 30.30 ? 82  LYS A CB    1 
ATOM   85   C CG    . LYS A 1 15 ? 5.710   5.331   -13.380 1.00 34.11 ? 82  LYS A CG    1 
ATOM   86   C CD    . LYS A 1 15 ? 6.999   4.668   -12.938 1.00 29.69 ? 82  LYS A CD    1 
ATOM   87   C CE    . LYS A 1 15 ? 7.745   5.551   -11.938 1.00 30.13 ? 82  LYS A CE    1 
ATOM   88   N NZ    . LYS A 1 15 ? 8.303   6.748   -12.641 1.00 33.36 ? 82  LYS A NZ    1 
ATOM   89   N N     . GLN A 1 16 ? 3.613   5.432   -17.183 1.00 28.77 ? 83  GLN A N     1 
ATOM   90   C CA    . GLN A 1 16 ? 3.424   5.044   -18.594 1.00 28.28 ? 83  GLN A CA    1 
ATOM   91   C C     . GLN A 1 16 ? 4.755   4.836   -19.299 1.00 34.41 ? 83  GLN A C     1 
ATOM   92   O O     . GLN A 1 16 ? 5.659   5.666   -19.192 1.00 30.08 ? 83  GLN A O     1 
ATOM   93   C CB    . GLN A 1 16 ? 2.609   6.084   -19.378 1.00 30.31 ? 83  GLN A CB    1 
ATOM   94   C CG    . GLN A 1 16 ? 2.281   5.606   -20.812 1.00 30.68 ? 83  GLN A CG    1 
ATOM   95   C CD    . GLN A 1 16 ? 1.322   6.517   -21.547 1.00 34.91 ? 83  GLN A CD    1 
ATOM   96   O OE1   . GLN A 1 16 ? 1.546   7.725   -21.640 1.00 38.11 ? 83  GLN A OE1   1 
ATOM   97   N NE2   . GLN A 1 16 ? 0.239   5.941   -22.078 1.00 31.32 ? 83  GLN A NE2   1 
ATOM   98   N N     . ARG A 1 17 ? 4.881   3.736   -20.029 1.00 27.71 ? 84  ARG A N     1 
ATOM   99   C CA    . ARG A 1 17 ? 6.107   3.498   -20.786 1.00 34.42 ? 84  ARG A CA    1 
ATOM   100  C C     . ARG A 1 17 ? 6.267   4.482   -21.941 1.00 35.81 ? 84  ARG A C     1 
ATOM   101  O O     . ARG A 1 17 ? 5.288   4.896   -22.557 1.00 29.66 ? 84  ARG A O     1 
ATOM   102  C CB    . ARG A 1 17 ? 6.164   2.052   -21.275 1.00 33.74 ? 84  ARG A CB    1 
ATOM   103  C CG    . ARG A 1 17 ? 6.091   1.081   -20.127 1.00 29.09 ? 84  ARG A CG    1 
ATOM   104  C CD    . ARG A 1 17 ? 6.272   -0.356  -20.563 1.00 28.28 ? 84  ARG A CD    1 
ATOM   105  N NE    . ARG A 1 17 ? 6.327   -1.210  -19.385 1.00 32.03 ? 84  ARG A NE    1 
ATOM   106  C CZ    . ARG A 1 17 ? 6.753   -2.465  -19.390 1.00 34.68 ? 84  ARG A CZ    1 
ATOM   107  N NH1   . ARG A 1 17 ? 7.174   -3.023  -20.523 1.00 32.78 ? 84  ARG A NH1   1 
ATOM   108  N NH2   . ARG A 1 17 ? 6.762   -3.157  -18.258 1.00 25.69 ? 84  ARG A NH2   1 
ATOM   109  N N     . LEU A 1 18 ? 7.509   4.855   -22.232 1.00 35.85 ? 85  LEU A N     1 
ATOM   110  C CA    . LEU A 1 18 ? 7.769   5.888   -23.230 1.00 40.58 ? 85  LEU A CA    1 
ATOM   111  C C     . LEU A 1 18 ? 8.373   5.353   -24.526 1.00 43.17 ? 85  LEU A C     1 
ATOM   112  O O     . LEU A 1 18 ? 8.095   5.873   -25.605 1.00 39.55 ? 85  LEU A O     1 
ATOM   113  C CB    . LEU A 1 18 ? 8.665   6.983   -22.644 1.00 33.83 ? 85  LEU A CB    1 
ATOM   114  C CG    . LEU A 1 18 ? 8.023   7.671   -21.432 1.00 50.90 ? 85  LEU A CG    1 
ATOM   115  C CD1   . LEU A 1 18 ? 8.892   8.792   -20.874 1.00 49.58 ? 85  LEU A CD1   1 
ATOM   116  C CD2   . LEU A 1 18 ? 6.633   8.190   -21.806 1.00 52.24 ? 85  LEU A CD2   1 
ATOM   117  N N     . SER A 1 19 ? 9.194   4.315   -24.424 1.00 38.42 ? 86  SER A N     1 
ATOM   118  C CA    . SER A 1 19 ? 9.936   3.849   -25.590 1.00 45.10 ? 86  SER A CA    1 
ATOM   119  C C     . SER A 1 19 ? 9.960   2.325   -25.704 1.00 48.28 ? 86  SER A C     1 
ATOM   120  O O     . SER A 1 19 ? 9.536   1.617   -24.792 1.00 40.27 ? 86  SER A O     1 
ATOM   121  C CB    . SER A 1 19 ? 11.362  4.400   -25.561 1.00 37.53 ? 86  SER A CB    1 
ATOM   122  O OG    . SER A 1 19 ? 12.089  3.808   -24.507 1.00 44.73 ? 86  SER A OG    1 
ATOM   123  N N     . GLY A 1 20 ? 10.458  1.830   -26.836 1.00 44.47 ? 87  GLY A N     1 
ATOM   124  C CA    . GLY A 1 20 ? 10.536  0.404   -27.089 1.00 35.68 ? 87  GLY A CA    1 
ATOM   125  C C     . GLY A 1 20 ? 9.216   -0.150  -27.583 1.00 36.38 ? 87  GLY A C     1 
ATOM   126  O O     . GLY A 1 20 ? 8.285   0.606   -27.857 1.00 40.54 ? 87  GLY A O     1 
ATOM   127  N N     . LYS A 1 21 ? 9.132   -1.473  -27.693 1.00 35.37 ? 88  LYS A N     1 
ATOM   128  C CA    . LYS A 1 21 ? 7.922   -2.132  -28.189 1.00 44.02 ? 88  LYS A CA    1 
ATOM   129  C C     . LYS A 1 21 ? 6.685   -1.806  -27.353 1.00 43.78 ? 88  LYS A C     1 
ATOM   130  O O     . LYS A 1 21 ? 5.591   -1.618  -27.892 1.00 38.86 ? 88  LYS A O     1 
ATOM   131  C CB    . LYS A 1 21 ? 8.126   -3.649  -28.223 1.00 47.13 ? 88  LYS A CB    1 
ATOM   132  C CG    . LYS A 1 21 ? 8.961   -4.143  -29.393 1.00 56.04 ? 88  LYS A CG    1 
ATOM   133  C CD    . LYS A 1 21 ? 9.547   -5.530  -29.110 1.00 71.24 ? 88  LYS A CD    1 
ATOM   134  C CE    . LYS A 1 21 ? 10.749  -5.447  -28.162 1.00 65.89 ? 88  LYS A CE    1 
ATOM   135  N NZ    . LYS A 1 21 ? 11.498  -6.734  -28.083 1.00 70.90 ? 88  LYS A NZ    1 
ATOM   136  N N     . THR A 1 22 ? 6.867   -1.743  -26.036 1.00 39.87 ? 89  THR A N     1 
ATOM   137  C CA    . THR A 1 22 ? 5.749   -1.566  -25.109 1.00 38.05 ? 89  THR A CA    1 
ATOM   138  C C     . THR A 1 22 ? 5.488   -0.103  -24.734 1.00 36.24 ? 89  THR A C     1 
ATOM   139  O O     . THR A 1 22 ? 4.907   0.175   -23.690 1.00 41.80 ? 89  THR A O     1 
ATOM   140  C CB    . THR A 1 22 ? 5.959   -2.389  -23.820 1.00 37.96 ? 89  THR A CB    1 
ATOM   141  O OG1   . THR A 1 22 ? 7.179   -1.980  -23.188 1.00 31.52 ? 89  THR A OG1   1 
ATOM   142  C CG2   . THR A 1 22 ? 6.036   -3.875  -24.140 1.00 39.34 ? 89  THR A CG2   1 
ATOM   143  N N     . ALA A 1 23 ? 5.921   0.826   -25.581 1.00 37.13 ? 90  ALA A N     1 
ATOM   144  C CA    . ALA A 1 23 ? 5.642   2.242   -25.370 1.00 35.49 ? 90  ALA A CA    1 
ATOM   145  C C     . ALA A 1 23 ? 4.137   2.462   -25.296 1.00 39.15 ? 90  ALA A C     1 
ATOM   146  O O     . ALA A 1 23 ? 3.386   1.893   -26.088 1.00 34.66 ? 90  ALA A O     1 
ATOM   147  C CB    . ALA A 1 23 ? 6.246   3.077   -26.499 1.00 33.44 ? 90  ALA A CB    1 
ATOM   148  N N     . GLY A 1 24 ? 3.695   3.272   -24.337 1.00 34.49 ? 91  GLY A N     1 
ATOM   149  C CA    . GLY A 1 24 ? 2.272   3.526   -24.156 1.00 30.47 ? 91  GLY A CA    1 
ATOM   150  C C     . GLY A 1 24 ? 1.581   2.634   -23.132 1.00 32.84 ? 91  GLY A C     1 
ATOM   151  O O     . GLY A 1 24 ? 0.507   2.969   -22.638 1.00 31.27 ? 91  GLY A O     1 
ATOM   152  N N     . LYS A 1 25 ? 2.184   1.492   -22.815 1.00 32.89 ? 92  LYS A N     1 
ATOM   153  C CA    . LYS A 1 25 ? 1.632   0.601   -21.795 1.00 33.91 ? 92  LYS A CA    1 
ATOM   154  C C     . LYS A 1 25 ? 1.794   1.226   -20.403 1.00 34.60 ? 92  LYS A C     1 
ATOM   155  O O     . LYS A 1 25 ? 2.628   2.104   -20.206 1.00 29.75 ? 92  LYS A O     1 
ATOM   156  C CB    . LYS A 1 25 ? 2.304   -0.778  -21.850 1.00 34.18 ? 92  LYS A CB    1 
ATOM   157  C CG    . LYS A 1 25 ? 2.133   -1.514  -23.190 1.00 47.87 ? 92  LYS A CG    1 
ATOM   158  C CD    . LYS A 1 25 ? 0.676   -1.935  -23.439 1.00 47.79 ? 92  LYS A CD    1 
ATOM   159  C CE    . LYS A 1 25 ? 0.548   -2.876  -24.636 1.00 55.48 ? 92  LYS A CE    1 
ATOM   160  N NZ    . LYS A 1 25 ? -0.881  -3.243  -24.897 1.00 65.07 ? 92  LYS A NZ    1 
ATOM   161  N N     . PHE A 1 26 ? 0.997   0.762   -19.444 1.00 34.74 ? 93  PHE A N     1 
ATOM   162  C CA    . PHE A 1 26 ? 1.007   1.299   -18.093 1.00 30.32 ? 93  PHE A CA    1 
ATOM   163  C C     . PHE A 1 26 ? 1.478   0.259   -17.088 1.00 31.77 ? 93  PHE A C     1 
ATOM   164  O O     . PHE A 1 26 ? 1.239   -0.933  -17.256 1.00 34.93 ? 93  PHE A O     1 
ATOM   165  C CB    . PHE A 1 26 ? -0.395  1.768   -17.700 1.00 25.54 ? 93  PHE A CB    1 
ATOM   166  C CG    . PHE A 1 26 ? -0.888  2.962   -18.483 1.00 31.89 ? 93  PHE A CG    1 
ATOM   167  C CD1   . PHE A 1 26 ? -0.633  4.252   -18.039 1.00 32.71 ? 93  PHE A CD1   1 
ATOM   168  C CD2   . PHE A 1 26 ? -1.626  2.795   -19.649 1.00 32.15 ? 93  PHE A CD2   1 
ATOM   169  C CE1   . PHE A 1 26 ? -1.091  5.353   -18.743 1.00 35.45 ? 93  PHE A CE1   1 
ATOM   170  C CE2   . PHE A 1 26 ? -2.083  3.895   -20.361 1.00 33.93 ? 93  PHE A CE2   1 
ATOM   171  C CZ    . PHE A 1 26 ? -1.816  5.179   -19.901 1.00 31.32 ? 93  PHE A CZ    1 
ATOM   172  N N     . ASP A 1 27 ? 2.142   0.724   -16.034 1.00 25.01 ? 94  ASP A N     1 
ATOM   173  C CA    . ASP A 1 27 ? 2.556   -0.135  -14.929 1.00 30.63 ? 94  ASP A CA    1 
ATOM   174  C C     . ASP A 1 27 ? 2.025   0.485   -13.643 1.00 29.60 ? 94  ASP A C     1 
ATOM   175  O O     . ASP A 1 27 ? 2.104   1.689   -13.455 1.00 28.17 ? 94  ASP A O     1 
ATOM   176  C CB    . ASP A 1 27 ? 4.087   -0.273  -14.856 1.00 29.61 ? 94  ASP A CB    1 
ATOM   177  C CG    . ASP A 1 27 ? 4.687   -0.972  -16.090 1.00 38.18 ? 94  ASP A CG    1 
ATOM   178  O OD1   . ASP A 1 27 ? 4.777   -2.226  -16.108 1.00 38.03 ? 94  ASP A OD1   1 
ATOM   179  O OD2   . ASP A 1 27 ? 5.085   -0.259  -17.036 1.00 36.92 ? 94  ASP A OD2   1 
ATOM   180  N N     . VAL A 1 28 ? 1.466   -0.344  -12.775 1.00 30.26 ? 95  VAL A N     1 
ATOM   181  C CA    . VAL A 1 28 ? 0.910   0.115   -11.520 1.00 29.31 ? 95  VAL A CA    1 
ATOM   182  C C     . VAL A 1 28 ? 1.563   -0.686  -10.415 1.00 29.31 ? 95  VAL A C     1 
ATOM   183  O O     . VAL A 1 28 ? 1.777   -1.889  -10.555 1.00 26.70 ? 95  VAL A O     1 
ATOM   184  C CB    . VAL A 1 28 ? -0.620  -0.106  -11.469 1.00 29.35 ? 95  VAL A CB    1 
ATOM   185  C CG1   . VAL A 1 28 ? -1.187  0.302   -10.104 1.00 23.89 ? 95  VAL A CG1   1 
ATOM   186  C CG2   . VAL A 1 28 ? -1.307  0.672   -12.579 1.00 25.14 ? 95  VAL A CG2   1 
ATOM   187  N N     . TYR A 1 29 ? 1.897   -0.020  -9.319  1.00 25.46 ? 96  TYR A N     1 
ATOM   188  C CA    . TYR A 1 29 ? 2.322   -0.730  -8.130  1.00 25.24 ? 96  TYR A CA    1 
ATOM   189  C C     . TYR A 1 29 ? 1.776   -0.044  -6.877  1.00 28.92 ? 96  TYR A C     1 
ATOM   190  O O     . TYR A 1 29 ? 1.325   1.102   -6.931  1.00 27.42 ? 96  TYR A O     1 
ATOM   191  C CB    . TYR A 1 29 ? 3.847   -0.904  -8.105  1.00 28.10 ? 96  TYR A CB    1 
ATOM   192  C CG    . TYR A 1 29 ? 4.681   0.343   -7.841  1.00 27.82 ? 96  TYR A CG    1 
ATOM   193  C CD1   . TYR A 1 29 ? 5.266   1.060   -8.887  1.00 27.73 ? 96  TYR A CD1   1 
ATOM   194  C CD2   . TYR A 1 29 ? 4.922   0.773   -6.542  1.00 28.44 ? 96  TYR A CD2   1 
ATOM   195  C CE1   . TYR A 1 29 ? 6.054   2.192   -8.639  1.00 23.28 ? 96  TYR A CE1   1 
ATOM   196  C CE2   . TYR A 1 29 ? 5.697   1.899   -6.283  1.00 29.03 ? 96  TYR A CE2   1 
ATOM   197  C CZ    . TYR A 1 29 ? 6.259   2.606   -7.330  1.00 35.36 ? 96  TYR A CZ    1 
ATOM   198  O OH    . TYR A 1 29 ? 7.035   3.723   -7.052  1.00 32.71 ? 96  TYR A OH    1 
ATOM   199  N N     . PHE A 1 30 ? 1.777   -0.770  -5.764  1.00 29.09 ? 97  PHE A N     1 
ATOM   200  C CA    . PHE A 1 30 ? 1.306   -0.251  -4.485  1.00 25.43 ? 97  PHE A CA    1 
ATOM   201  C C     . PHE A 1 30 ? 2.432   -0.271  -3.458  1.00 29.47 ? 97  PHE A C     1 
ATOM   202  O O     . PHE A 1 30 ? 3.284   -1.164  -3.455  1.00 25.26 ? 97  PHE A O     1 
ATOM   203  C CB    . PHE A 1 30 ? 0.103   -1.055  -3.969  1.00 20.55 ? 97  PHE A CB    1 
ATOM   204  C CG    . PHE A 1 30 ? -1.187  -0.759  -4.710  1.00 25.30 ? 97  PHE A CG    1 
ATOM   205  C CD1   . PHE A 1 30 ? -2.104  0.148   -4.204  1.00 27.95 ? 97  PHE A CD1   1 
ATOM   206  C CD2   . PHE A 1 30 ? -1.463  -1.368  -5.926  1.00 27.52 ? 97  PHE A CD2   1 
ATOM   207  C CE1   . PHE A 1 30 ? -3.287  0.434   -4.889  1.00 25.41 ? 97  PHE A CE1   1 
ATOM   208  C CE2   . PHE A 1 30 ? -2.638  -1.084  -6.610  1.00 29.52 ? 97  PHE A CE2   1 
ATOM   209  C CZ    . PHE A 1 30 ? -3.548  -0.184  -6.084  1.00 25.25 ? 97  PHE A CZ    1 
ATOM   210  N N     . ILE A 1 31 ? 2.436   0.731   -2.595  1.00 25.96 ? 98  ILE A N     1 
ATOM   211  C CA    . ILE A 1 31 ? 3.342   0.752   -1.459  1.00 22.82 ? 98  ILE A CA    1 
ATOM   212  C C     . ILE A 1 31 ? 2.488   0.656   -0.203  1.00 25.97 ? 98  ILE A C     1 
ATOM   213  O O     . ILE A 1 31 ? 1.529   1.410   -0.052  1.00 25.38 ? 98  ILE A O     1 
ATOM   214  C CB    . ILE A 1 31 ? 4.185   2.046   -1.461  1.00 28.11 ? 98  ILE A CB    1 
ATOM   215  C CG1   . ILE A 1 31 ? 4.828   2.258   -2.837  1.00 27.16 ? 98  ILE A CG1   1 
ATOM   216  C CG2   . ILE A 1 31 ? 5.263   2.000   -0.394  1.00 25.38 ? 98  ILE A CG2   1 
ATOM   217  C CD1   . ILE A 1 31 ? 5.623   3.538   -2.933  1.00 32.95 ? 98  ILE A CD1   1 
ATOM   218  N N     . SER A 1 32 ? 2.815   -0.290  0.680   1.00 23.55 ? 99  SER A N     1 
ATOM   219  C CA    . SER A 1 32 ? 2.083   -0.499  1.927   1.00 26.85 ? 99  SER A CA    1 
ATOM   220  C C     . SER A 1 32 ? 2.522   0.511   2.989   1.00 28.19 ? 99  SER A C     1 
ATOM   221  O O     . SER A 1 32 ? 3.522   1.201   2.806   1.00 27.70 ? 99  SER A O     1 
ATOM   222  C CB    . SER A 1 32 ? 2.332   -1.920  2.443   1.00 28.23 ? 99  SER A CB    1 
ATOM   223  O OG    . SER A 1 32 ? 3.577   -1.980  3.119   1.00 26.66 ? 99  SER A OG    1 
ATOM   224  N N     . PRO A 1 33 ? 1.777   0.604   4.107   1.00 28.26 ? 100 PRO A N     1 
ATOM   225  C CA    . PRO A 1 33 ? 2.175   1.559   5.144   1.00 32.22 ? 100 PRO A CA    1 
ATOM   226  C C     . PRO A 1 33 ? 3.575   1.312   5.701   1.00 36.36 ? 100 PRO A C     1 
ATOM   227  O O     . PRO A 1 33 ? 4.158   2.235   6.267   1.00 37.03 ? 100 PRO A O     1 
ATOM   228  C CB    . PRO A 1 33 ? 1.124   1.338   6.237   1.00 36.55 ? 100 PRO A CB    1 
ATOM   229  C CG    . PRO A 1 33 ? -0.089  0.946   5.489   1.00 31.28 ? 100 PRO A CG    1 
ATOM   230  C CD    . PRO A 1 33 ? 0.427   0.061   4.368   1.00 33.65 ? 100 PRO A CD    1 
ATOM   231  N N     . GLN A 1 34 ? 4.108   0.102   5.537   1.00 30.65 ? 101 GLN A N     1 
ATOM   232  C CA    . GLN A 1 34 ? 5.462   -0.202  6.007   1.00 38.40 ? 101 GLN A CA    1 
ATOM   233  C C     . GLN A 1 34 ? 6.501   -0.071  4.898   1.00 38.93 ? 101 GLN A C     1 
ATOM   234  O O     . GLN A 1 34 ? 7.668   -0.398  5.104   1.00 39.04 ? 101 GLN A O     1 
ATOM   235  C CB    . GLN A 1 34 ? 5.551   -1.610  6.618   1.00 35.20 ? 101 GLN A CB    1 
ATOM   236  C CG    . GLN A 1 34 ? 4.539   -1.895  7.709   1.00 44.32 ? 101 GLN A CG    1 
ATOM   237  C CD    . GLN A 1 34 ? 3.176   -2.279  7.144   1.00 56.71 ? 101 GLN A CD    1 
ATOM   238  O OE1   . GLN A 1 34 ? 3.073   -2.861  6.050   1.00 59.05 ? 101 GLN A OE1   1 
ATOM   239  N NE2   . GLN A 1 34 ? 2.120   -1.933  7.875   1.00 63.28 ? 101 GLN A NE2   1 
ATOM   240  N N     . GLY A 1 35 ? 6.078   0.384   3.720   1.00 26.59 ? 102 GLY A N     1 
ATOM   241  C CA    . GLY A 1 35 ? 7.006   0.625   2.625   1.00 20.95 ? 102 GLY A CA    1 
ATOM   242  C C     . GLY A 1 35 ? 7.259   -0.577  1.722   1.00 27.69 ? 102 GLY A C     1 
ATOM   243  O O     . GLY A 1 35 ? 8.126   -0.521  0.855   1.00 32.03 ? 102 GLY A O     1 
ATOM   244  N N     . LEU A 1 36 ? 6.515   -1.664  1.920   1.00 32.26 ? 103 LEU A N     1 
ATOM   245  C CA    . LEU A 1 36 ? 6.584   -2.822  1.017   1.00 26.36 ? 103 LEU A CA    1 
ATOM   246  C C     . LEU A 1 36 ? 5.989   -2.474  -0.340  1.00 33.60 ? 103 LEU A C     1 
ATOM   247  O O     . LEU A 1 36 ? 4.888   -1.930  -0.412  1.00 28.00 ? 103 LEU A O     1 
ATOM   248  C CB    . LEU A 1 36 ? 5.818   -4.017  1.607   1.00 22.91 ? 103 LEU A CB    1 
ATOM   249  C CG    . LEU A 1 36 ? 6.347   -4.572  2.943   1.00 41.25 ? 103 LEU A CG    1 
ATOM   250  C CD1   . LEU A 1 36 ? 5.538   -5.777  3.387   1.00 35.56 ? 103 LEU A CD1   1 
ATOM   251  C CD2   . LEU A 1 36 ? 7.821   -4.954  2.823   1.00 37.83 ? 103 LEU A CD2   1 
ATOM   252  N N     . LYS A 1 37 ? 6.703   -2.802  -1.415  1.00 30.46 ? 104 LYS A N     1 
ATOM   253  C CA    . LYS A 1 37 ? 6.247   -2.520  -2.780  1.00 31.12 ? 104 LYS A CA    1 
ATOM   254  C C     . LYS A 1 37 ? 5.644   -3.771  -3.433  1.00 31.82 ? 104 LYS A C     1 
ATOM   255  O O     . LYS A 1 37 ? 6.241   -4.839  -3.374  1.00 30.01 ? 104 LYS A O     1 
ATOM   256  C CB    . LYS A 1 37 ? 7.427   -1.991  -3.618  1.00 33.69 ? 104 LYS A CB    1 
ATOM   257  C CG    . LYS A 1 37 ? 7.123   -1.700  -5.098  1.00 40.43 ? 104 LYS A CG    1 
ATOM   258  C CD    . LYS A 1 37 ? 8.302   -0.988  -5.774  1.00 39.81 ? 104 LYS A CD    1 
ATOM   259  C CE    . LYS A 1 37 ? 8.280   -1.134  -7.300  1.00 38.04 ? 104 LYS A CE    1 
ATOM   260  N NZ    . LYS A 1 37 ? 9.449   -0.436  -7.948  1.00 31.81 ? 104 LYS A NZ    1 
ATOM   261  N N     . PHE A 1 38 ? 4.465   -3.641  -4.048  1.00 30.56 ? 105 PHE A N     1 
ATOM   262  C CA    . PHE A 1 38 ? 3.818   -4.756  -4.755  1.00 25.24 ? 105 PHE A CA    1 
ATOM   263  C C     . PHE A 1 38 ? 3.518   -4.387  -6.201  1.00 28.84 ? 105 PHE A C     1 
ATOM   264  O O     . PHE A 1 38 ? 2.746   -3.465  -6.456  1.00 26.54 ? 105 PHE A O     1 
ATOM   265  C CB    . PHE A 1 38 ? 2.510   -5.159  -4.065  1.00 27.76 ? 105 PHE A CB    1 
ATOM   266  C CG    . PHE A 1 38 ? 2.702   -5.685  -2.663  1.00 29.03 ? 105 PHE A CG    1 
ATOM   267  C CD1   . PHE A 1 38 ? 2.948   -7.030  -2.439  1.00 29.80 ? 105 PHE A CD1   1 
ATOM   268  C CD2   . PHE A 1 38 ? 2.651   -4.831  -1.575  1.00 27.98 ? 105 PHE A CD2   1 
ATOM   269  C CE1   . PHE A 1 38 ? 3.139   -7.517  -1.147  1.00 32.96 ? 105 PHE A CE1   1 
ATOM   270  C CE2   . PHE A 1 38 ? 2.849   -5.311  -0.276  1.00 32.27 ? 105 PHE A CE2   1 
ATOM   271  C CZ    . PHE A 1 38 ? 3.088   -6.655  -0.064  1.00 26.42 ? 105 PHE A CZ    1 
ATOM   272  N N     . ARG A 1 39 ? 4.101   -5.117  -7.148  1.00 28.48 ? 106 ARG A N     1 
ATOM   273  C CA    . ARG A 1 39 ? 3.939   -4.790  -8.570  1.00 27.18 ? 106 ARG A CA    1 
ATOM   274  C C     . ARG A 1 39 ? 2.917   -5.689  -9.286  1.00 31.32 ? 106 ARG A C     1 
ATOM   275  O O     . ARG A 1 39 ? 2.710   -5.569  -10.494 1.00 30.07 ? 106 ARG A O     1 
ATOM   276  C CB    . ARG A 1 39 ? 5.288   -4.876  -9.291  1.00 29.70 ? 106 ARG A CB    1 
ATOM   277  C CG    . ARG A 1 39 ? 6.471   -4.365  -8.488  1.00 37.16 ? 106 ARG A CG    1 
ATOM   278  C CD    . ARG A 1 39 ? 7.778   -4.940  -9.047  1.00 38.67 ? 106 ARG A CD    1 
ATOM   279  N NE    . ARG A 1 39 ? 7.953   -4.598  -10.455 1.00 37.35 ? 106 ARG A NE    1 
ATOM   280  C CZ    . ARG A 1 39 ? 8.595   -5.358  -11.340 1.00 37.32 ? 106 ARG A CZ    1 
ATOM   281  N NH1   . ARG A 1 39 ? 8.701   -4.956  -12.606 1.00 26.31 ? 106 ARG A NH1   1 
ATOM   282  N NH2   . ARG A 1 39 ? 9.120   -6.522  -10.967 1.00 28.51 ? 106 ARG A NH2   1 
ATOM   283  N N     . SER A 1 40 ? 2.286   -6.589  -8.542  1.00 25.77 ? 107 SER A N     1 
ATOM   284  C CA    . SER A 1 40 ? 1.297   -7.483  -9.126  1.00 35.83 ? 107 SER A CA    1 
ATOM   285  C C     . SER A 1 40 ? 0.145   -7.742  -8.166  1.00 28.34 ? 107 SER A C     1 
ATOM   286  O O     . SER A 1 40 ? 0.321   -7.697  -6.950  1.00 29.60 ? 107 SER A O     1 
ATOM   287  C CB    . SER A 1 40 ? 1.957   -8.811  -9.485  1.00 20.15 ? 107 SER A CB    1 
ATOM   288  O OG    . SER A 1 40 ? 2.320   -9.511  -8.307  1.00 32.22 ? 107 SER A OG    1 
ATOM   289  N N     . LYS A 1 41 ? -1.033  -8.019  -8.715  1.00 35.41 ? 108 LYS A N     1 
ATOM   290  C CA    . LYS A 1 41 ? -2.182  -8.409  -7.900  1.00 30.08 ? 108 LYS A CA    1 
ATOM   291  C C     . LYS A 1 41 ? -1.944  -9.779  -7.260  1.00 31.80 ? 108 LYS A C     1 
ATOM   292  O O     . LYS A 1 41 ? -2.350  -10.021 -6.120  1.00 32.57 ? 108 LYS A O     1 
ATOM   293  C CB    . LYS A 1 41 ? -3.482  -8.380  -8.722  1.00 38.33 ? 108 LYS A CB    1 
ATOM   294  C CG    . LYS A 1 41 ? -4.689  -9.037  -8.041  1.00 44.41 ? 108 LYS A CG    1 
ATOM   295  C CD    . LYS A 1 41 ? -5.991  -8.300  -8.352  1.00 48.91 ? 108 LYS A CD    1 
ATOM   296  C CE    . LYS A 1 41 ? -6.048  -6.979  -7.582  1.00 52.12 ? 108 LYS A CE    1 
ATOM   297  N NZ    . LYS A 1 41 ? -7.251  -6.153  -7.923  1.00 42.66 ? 108 LYS A NZ    1 
ATOM   298  N N     . ARG A 1 42 ? -1.257  -10.663 -7.982  1.00 33.36 ? 109 ARG A N     1 
ATOM   299  C CA    . ARG A 1 42 ? -0.910  -11.984 -7.453  1.00 33.33 ? 109 ARG A CA    1 
ATOM   300  C C     . ARG A 1 42 ? -0.059  -11.925 -6.188  1.00 27.70 ? 109 ARG A C     1 
ATOM   301  O O     . ARG A 1 42 ? -0.378  -12.592 -5.193  1.00 33.57 ? 109 ARG A O     1 
ATOM   302  C CB    . ARG A 1 42 ? -0.206  -12.844 -8.509  1.00 33.88 ? 109 ARG A CB    1 
ATOM   303  C CG    . ARG A 1 42 ? 0.358   -14.154 -7.969  1.00 36.27 ? 109 ARG A CG    1 
ATOM   304  C CD    . ARG A 1 42 ? 1.058   -14.943 -9.073  1.00 34.14 ? 109 ARG A CD    1 
ATOM   305  N NE    . ARG A 1 42 ? 0.210   -15.054 -10.257 1.00 35.71 ? 109 ARG A NE    1 
ATOM   306  C CZ    . ARG A 1 42 ? 0.636   -15.443 -11.459 1.00 41.21 ? 109 ARG A CZ    1 
ATOM   307  N NH1   . ARG A 1 42 ? -0.224  -15.512 -12.462 1.00 38.05 ? 109 ARG A NH1   1 
ATOM   308  N NH2   . ARG A 1 42 ? 1.915   -15.761 -11.664 1.00 38.98 ? 109 ARG A NH2   1 
ATOM   309  N N     . SER A 1 43 ? 1.027   -11.148 -6.208  1.00 30.29 ? 110 SER A N     1 
ATOM   310  C CA    . SER A 1 43 ? 1.875   -11.052 -5.010  1.00 27.81 ? 110 SER A CA    1 
ATOM   311  C C     . SER A 1 43 ? 1.163   -10.323 -3.876  1.00 30.19 ? 110 SER A C     1 
ATOM   312  O O     . SER A 1 43 ? 1.325   -10.676 -2.709  1.00 32.90 ? 110 SER A O     1 
ATOM   313  C CB    . SER A 1 43 ? 3.227   -10.385 -5.302  1.00 31.47 ? 110 SER A CB    1 
ATOM   314  O OG    . SER A 1 43 ? 3.064   -9.116  -5.924  1.00 40.88 ? 110 SER A OG    1 
ATOM   315  N N     . LEU A 1 44 ? 0.377   -9.305  -4.211  1.00 25.69 ? 111 LEU A N     1 
ATOM   316  C CA    . LEU A 1 44 ? -0.354  -8.584  -3.173  1.00 30.22 ? 111 LEU A CA    1 
ATOM   317  C C     . LEU A 1 44 ? -1.399  -9.486  -2.525  1.00 32.95 ? 111 LEU A C     1 
ATOM   318  O O     . LEU A 1 44 ? -1.529  -9.505  -1.303  1.00 33.12 ? 111 LEU A O     1 
ATOM   319  C CB    . LEU A 1 44 ? -0.978  -7.297  -3.711  1.00 28.43 ? 111 LEU A CB    1 
ATOM   320  C CG    . LEU A 1 44 ? -1.830  -6.460  -2.744  1.00 30.46 ? 111 LEU A CG    1 
ATOM   321  C CD1   . LEU A 1 44 ? -1.115  -6.205  -1.428  1.00 26.65 ? 111 LEU A CD1   1 
ATOM   322  C CD2   . LEU A 1 44 ? -2.201  -5.139  -3.408  1.00 30.09 ? 111 LEU A CD2   1 
ATOM   323  N N     . ALA A 1 45 ? -2.110  -10.266 -3.334  1.00 28.51 ? 112 ALA A N     1 
ATOM   324  C CA    . ALA A 1 45 ? -3.108  -11.194 -2.802  1.00 29.21 ? 112 ALA A CA    1 
ATOM   325  C C     . ALA A 1 45 ? -2.483  -12.266 -1.908  1.00 36.17 ? 112 ALA A C     1 
ATOM   326  O O     . ALA A 1 45 ? -3.045  -12.637 -0.881  1.00 42.98 ? 112 ALA A O     1 
ATOM   327  C CB    . ALA A 1 45 ? -3.907  -11.837 -3.937  1.00 37.14 ? 112 ALA A CB    1 
ATOM   328  N N     . ASN A 1 46 ? -1.312  -12.758 -2.290  1.00 33.07 ? 113 ASN A N     1 
ATOM   329  C CA    . ASN A 1 46 ? -0.601  -13.712 -1.446  1.00 34.23 ? 113 ASN A CA    1 
ATOM   330  C C     . ASN A 1 46 ? -0.235  -13.109 -0.096  1.00 42.48 ? 113 ASN A C     1 
ATOM   331  O O     . ASN A 1 46 ? -0.453  -13.730 0.951   1.00 40.62 ? 113 ASN A O     1 
ATOM   332  C CB    . ASN A 1 46 ? 0.656   -14.225 -2.147  1.00 36.75 ? 113 ASN A CB    1 
ATOM   333  C CG    . ASN A 1 46 ? 1.504   -15.096 -1.251  1.00 39.19 ? 113 ASN A CG    1 
ATOM   334  O OD1   . ASN A 1 46 ? 1.193   -16.267 -1.037  1.00 48.81 ? 113 ASN A OD1   1 
ATOM   335  N ND2   . ASN A 1 46 ? 2.587   -14.531 -0.724  1.00 46.96 ? 113 ASN A ND2   1 
ATOM   336  N N     . TYR A 1 47 ? 0.318   -11.896 -0.126  1.00 34.22 ? 114 TYR A N     1 
ATOM   337  C CA    . TYR A 1 47 ? 0.692   -11.176 1.090   1.00 35.85 ? 114 TYR A CA    1 
ATOM   338  C C     . TYR A 1 47 ? -0.519  -10.957 1.996   1.00 34.69 ? 114 TYR A C     1 
ATOM   339  O O     . TYR A 1 47 ? -0.475  -11.227 3.198   1.00 35.12 ? 114 TYR A O     1 
ATOM   340  C CB    . TYR A 1 47 ? 1.323   -9.833  0.714   1.00 31.40 ? 114 TYR A CB    1 
ATOM   341  C CG    . TYR A 1 47 ? 1.577   -8.903  1.878   1.00 34.15 ? 114 TYR A CG    1 
ATOM   342  C CD1   . TYR A 1 47 ? 0.697   -7.865  2.171   1.00 38.02 ? 114 TYR A CD1   1 
ATOM   343  C CD2   . TYR A 1 47 ? 2.709   -9.048  2.676   1.00 34.63 ? 114 TYR A CD2   1 
ATOM   344  C CE1   . TYR A 1 47 ? 0.935   -6.994  3.239   1.00 37.14 ? 114 TYR A CE1   1 
ATOM   345  C CE2   . TYR A 1 47 ? 2.951   -8.186  3.749   1.00 40.76 ? 114 TYR A CE2   1 
ATOM   346  C CZ    . TYR A 1 47 ? 2.060   -7.163  4.021   1.00 37.73 ? 114 TYR A CZ    1 
ATOM   347  O OH    . TYR A 1 47 ? 2.297   -6.312  5.073   1.00 39.70 ? 114 TYR A OH    1 
ATOM   348  N N     . LEU A 1 48 ? -1.600  -10.475 1.397   1.00 32.28 ? 115 LEU A N     1 
ATOM   349  C CA    . LEU A 1 48 ? -2.842  -10.169 2.102   1.00 32.33 ? 115 LEU A CA    1 
ATOM   350  C C     . LEU A 1 48 ? -3.453  -11.345 2.870   1.00 36.38 ? 115 LEU A C     1 
ATOM   351  O O     . LEU A 1 48 ? -4.172  -11.139 3.843   1.00 34.84 ? 115 LEU A O     1 
ATOM   352  C CB    . LEU A 1 48 ? -3.871  -9.622  1.107   1.00 33.17 ? 115 LEU A CB    1 
ATOM   353  C CG    . LEU A 1 48 ? -4.294  -8.154  1.221   1.00 36.45 ? 115 LEU A CG    1 
ATOM   354  C CD1   . LEU A 1 48 ? -3.131  -7.277  1.669   1.00 31.70 ? 115 LEU A CD1   1 
ATOM   355  C CD2   . LEU A 1 48 ? -4.876  -7.670  -0.114  1.00 28.89 ? 115 LEU A CD2   1 
ATOM   356  N N     . LEU A 1 49 ? -3.187  -12.569 2.423   1.00 38.29 ? 116 LEU A N     1 
ATOM   357  C CA    . LEU A 1 49 ? -3.723  -13.777 3.069   1.00 37.20 ? 116 LEU A CA    1 
ATOM   358  C C     . LEU A 1 49 ? -3.495  -13.795 4.583   1.00 40.56 ? 116 LEU A C     1 
ATOM   359  O O     . LEU A 1 49 ? -4.443  -13.934 5.352   1.00 39.78 ? 116 LEU A O     1 
ATOM   360  C CB    . LEU A 1 49 ? -3.126  -15.042 2.429   1.00 38.51 ? 116 LEU A CB    1 
ATOM   361  C CG    . LEU A 1 49 ? -4.006  -15.915 1.521   1.00 48.13 ? 116 LEU A CG    1 
ATOM   362  C CD1   . LEU A 1 49 ? -4.991  -15.100 0.714   1.00 42.64 ? 116 LEU A CD1   1 
ATOM   363  C CD2   . LEU A 1 49 ? -3.137  -16.764 0.596   1.00 41.39 ? 116 LEU A CD2   1 
ATOM   364  N N     . LYS A 1 50 ? -2.242  -13.632 5.007   1.00 38.02 ? 117 LYS A N     1 
ATOM   365  C CA    . LYS A 1 50 ? -1.905  -13.616 6.437   1.00 41.49 ? 117 LYS A CA    1 
ATOM   366  C C     . LYS A 1 50 ? -1.608  -12.218 7.000   1.00 42.26 ? 117 LYS A C     1 
ATOM   367  O O     . LYS A 1 50 ? -1.602  -12.021 8.221   1.00 36.35 ? 117 LYS A O     1 
ATOM   368  C CB    . LYS A 1 50 ? -0.701  -14.527 6.729   1.00 40.96 ? 117 LYS A CB    1 
ATOM   369  C CG    . LYS A 1 50 ? -0.890  -15.995 6.358   1.00 44.13 ? 117 LYS A CG    1 
ATOM   370  C CD    . LYS A 1 50 ? -1.689  -16.754 7.405   1.00 50.10 ? 117 LYS A CD    1 
ATOM   371  C CE    . LYS A 1 50 ? -1.882  -18.208 6.980   1.00 54.80 ? 117 LYS A CE    1 
ATOM   372  N NZ    . LYS A 1 50 ? -2.484  -19.047 8.051   1.00 46.72 ? 117 LYS A NZ    1 
ATOM   373  N N     . ASN A 1 51 ? -1.344  -11.255 6.119   1.00 36.79 ? 118 ASN A N     1 
ATOM   374  C CA    . ASN A 1 51 ? -0.891  -9.930  6.556   1.00 33.70 ? 118 ASN A CA    1 
ATOM   375  C C     . ASN A 1 51 ? -1.860  -8.768  6.294   1.00 38.64 ? 118 ASN A C     1 
ATOM   376  O O     . ASN A 1 51 ? -1.490  -7.608  6.453   1.00 36.93 ? 118 ASN A O     1 
ATOM   377  C CB    . ASN A 1 51 ? 0.463   -9.605  5.928   1.00 35.75 ? 118 ASN A CB    1 
ATOM   378  C CG    . ASN A 1 51 ? 1.475   -10.722 6.119   1.00 46.02 ? 118 ASN A CG    1 
ATOM   379  O OD1   . ASN A 1 51 ? 2.217   -10.733 7.105   1.00 43.90 ? 118 ASN A OD1   1 
ATOM   380  N ND2   . ASN A 1 51 ? 1.508   -11.676 5.176   1.00 33.47 ? 118 ASN A ND2   1 
ATOM   381  N N     . GLY A 1 52 ? -3.094  -9.069  5.903   1.00 34.45 ? 119 GLY A N     1 
ATOM   382  C CA    . GLY A 1 52 ? -4.045  -8.026  5.546   1.00 28.99 ? 119 GLY A CA    1 
ATOM   383  C C     . GLY A 1 52 ? -4.739  -7.348  6.716   1.00 35.25 ? 119 GLY A C     1 
ATOM   384  O O     . GLY A 1 52 ? -5.268  -6.247  6.576   1.00 37.49 ? 119 GLY A O     1 
ATOM   385  N N     . GLU A 1 53 ? -4.740  -7.994  7.879   1.00 29.75 ? 120 GLU A N     1 
ATOM   386  C CA    . GLU A 1 53 ? -5.422  -7.452  9.055   1.00 34.63 ? 120 GLU A CA    1 
ATOM   387  C C     . GLU A 1 53 ? -4.651  -6.331  9.746   1.00 34.27 ? 120 GLU A C     1 
ATOM   388  O O     . GLU A 1 53 ? -3.425  -6.371  9.852   1.00 39.24 ? 120 GLU A O     1 
ATOM   389  C CB    . GLU A 1 53 ? -5.656  -8.543  10.100  1.00 34.60 ? 120 GLU A CB    1 
ATOM   390  C CG    . GLU A 1 53 ? -6.408  -9.745  9.623   1.00 39.39 ? 120 GLU A CG    1 
ATOM   391  C CD    . GLU A 1 53 ? -6.416  -10.847 10.666  1.00 37.88 ? 120 GLU A CD    1 
ATOM   392  O OE1   . GLU A 1 53 ? -7.522  -11.267 11.075  1.00 42.39 ? 120 GLU A OE1   1 
ATOM   393  O OE2   . GLU A 1 53 ? -5.315  -11.282 11.084  1.00 37.87 ? 120 GLU A OE2   1 
ATOM   394  N N     . THR A 1 54 ? -5.397  -5.354  10.246  1.00 29.75 ? 121 THR A N     1 
ATOM   395  C CA    . THR A 1 54 ? -4.860  -4.285  11.081  1.00 28.93 ? 121 THR A CA    1 
ATOM   396  C C     . THR A 1 54 ? -5.648  -4.321  12.383  1.00 28.54 ? 121 THR A C     1 
ATOM   397  O O     . THR A 1 54 ? -6.857  -4.525  12.357  1.00 32.40 ? 121 THR A O     1 
ATOM   398  C CB    . THR A 1 54 ? -5.061  -2.919  10.399  1.00 30.29 ? 121 THR A CB    1 
ATOM   399  O OG1   . THR A 1 54 ? -4.077  -2.752  9.368   1.00 45.04 ? 121 THR A OG1   1 
ATOM   400  C CG2   . THR A 1 54 ? -4.950  -1.772  11.404  1.00 46.30 ? 121 THR A CG2   1 
ATOM   401  N N     . PHE A 1 55 ? -4.979  -4.150  13.520  1.00 36.54 ? 122 PHE A N     1 
ATOM   402  C CA    . PHE A 1 55 ? -5.659  -4.170  14.813  1.00 25.36 ? 122 PHE A CA    1 
ATOM   403  C C     . PHE A 1 55 ? -5.428  -2.874  15.573  1.00 32.25 ? 122 PHE A C     1 
ATOM   404  O O     . PHE A 1 55 ? -4.472  -2.154  15.301  1.00 32.65 ? 122 PHE A O     1 
ATOM   405  C CB    . PHE A 1 55 ? -5.152  -5.335  15.661  1.00 31.03 ? 122 PHE A CB    1 
ATOM   406  C CG    . PHE A 1 55 ? -5.287  -6.685  14.998  1.00 29.52 ? 122 PHE A CG    1 
ATOM   407  C CD1   . PHE A 1 55 ? -6.424  -7.453  15.192  1.00 27.00 ? 122 PHE A CD1   1 
ATOM   408  C CD2   . PHE A 1 55 ? -4.277  -7.185  14.192  1.00 24.56 ? 122 PHE A CD2   1 
ATOM   409  C CE1   . PHE A 1 55 ? -6.555  -8.693  14.593  1.00 25.59 ? 122 PHE A CE1   1 
ATOM   410  C CE2   . PHE A 1 55 ? -4.402  -8.429  13.593  1.00 29.97 ? 122 PHE A CE2   1 
ATOM   411  C CZ    . PHE A 1 55 ? -5.544  -9.180  13.793  1.00 23.79 ? 122 PHE A CZ    1 
ATOM   412  N N     . LEU A 1 56 ? -6.295  -2.598  16.545  1.00 31.30 ? 123 LEU A N     1 
ATOM   413  C CA    . LEU A 1 56 ? -6.226  -1.374  17.331  1.00 32.17 ? 123 LEU A CA    1 
ATOM   414  C C     . LEU A 1 56 ? -6.341  -1.668  18.824  1.00 33.93 ? 123 LEU A C     1 
ATOM   415  O O     . LEU A 1 56 ? -7.085  -2.561  19.235  1.00 33.93 ? 123 LEU A O     1 
ATOM   416  C CB    . LEU A 1 56 ? -7.344  -0.415  16.908  1.00 32.83 ? 123 LEU A CB    1 
ATOM   417  C CG    . LEU A 1 56 ? -7.175  0.324   15.582  1.00 32.73 ? 123 LEU A CG    1 
ATOM   418  C CD1   . LEU A 1 56 ? -8.435  1.086   15.271  1.00 30.90 ? 123 LEU A CD1   1 
ATOM   419  C CD2   . LEU A 1 56 ? -6.001  1.276   15.685  1.00 29.75 ? 123 LEU A CD2   1 
ATOM   420  N N     . LYS A 1 57 ? -5.605  -0.907  19.628  1.00 34.51 ? 124 LYS A N     1 
ATOM   421  C CA    . LYS A 1 57 ? -5.682  -1.015  21.081  1.00 38.39 ? 124 LYS A CA    1 
ATOM   422  C C     . LYS A 1 57 ? -5.964  0.355   21.682  1.00 31.17 ? 124 LYS A C     1 
ATOM   423  O O     . LYS A 1 57 ? -5.745  1.368   21.024  1.00 30.45 ? 124 LYS A O     1 
ATOM   424  C CB    . LYS A 1 57 ? -4.379  -1.591  21.645  1.00 37.04 ? 124 LYS A CB    1 
ATOM   425  C CG    . LYS A 1 57 ? -4.176  -3.051  21.302  1.00 35.25 ? 124 LYS A CG    1 
ATOM   426  C CD    . LYS A 1 57 ? -3.207  -3.702  22.270  1.00 43.93 ? 124 LYS A CD    1 
ATOM   427  C CE    . LYS A 1 57 ? -1.783  -3.474  21.833  1.00 43.21 ? 124 LYS A CE    1 
ATOM   428  N NZ    . LYS A 1 57 ? -1.494  -4.164  20.553  1.00 52.15 ? 124 LYS A NZ    1 
ATOM   429  N N     . PRO A 1 58 ? -6.481  0.390   22.925  1.00 38.46 ? 125 PRO A N     1 
ATOM   430  C CA    . PRO A 1 58 ? -6.750  1.668   23.596  1.00 39.22 ? 125 PRO A CA    1 
ATOM   431  C C     . PRO A 1 58 ? -5.502  2.526   23.718  1.00 36.80 ? 125 PRO A C     1 
ATOM   432  O O     . PRO A 1 58 ? -5.593  3.748   23.772  1.00 41.12 ? 125 PRO A O     1 
ATOM   433  C CB    . PRO A 1 58 ? -7.221  1.238   24.987  1.00 35.12 ? 125 PRO A CB    1 
ATOM   434  C CG    . PRO A 1 58 ? -7.880  -0.076  24.747  1.00 36.11 ? 125 PRO A CG    1 
ATOM   435  C CD    . PRO A 1 58 ? -7.079  -0.746  23.652  1.00 36.56 ? 125 PRO A CD    1 
ATOM   436  N N     A GLU A 1 59 ? -4.348  1.881   23.744  0.46 37.51 ? 126 GLU A N     1 
ATOM   437  N N     B GLU A 1 59 ? -4.347  1.880   23.743  0.54 37.55 ? 126 GLU A N     1 
ATOM   438  C CA    A GLU A 1 59 ? -3.071  2.573   23.889  0.46 35.70 ? 126 GLU A CA    1 
ATOM   439  C CA    B GLU A 1 59 ? -3.074  2.578   23.894  0.54 35.70 ? 126 GLU A CA    1 
ATOM   440  C C     A GLU A 1 59 ? -2.686  3.317   22.616  0.46 38.05 ? 126 GLU A C     1 
ATOM   441  C C     B GLU A 1 59 ? -2.653  3.280   22.605  0.54 38.08 ? 126 GLU A C     1 
ATOM   442  O O     A GLU A 1 59 ? -1.766  4.137   22.627  0.46 35.87 ? 126 GLU A O     1 
ATOM   443  O O     B GLU A 1 59 ? -1.680  4.037   22.595  0.54 35.86 ? 126 GLU A O     1 
ATOM   444  C CB    A GLU A 1 59 ? -1.967  1.566   24.220  0.46 37.83 ? 126 GLU A CB    1 
ATOM   445  C CB    B GLU A 1 59 ? -1.974  1.604   24.345  0.54 37.80 ? 126 GLU A CB    1 
ATOM   446  C CG    A GLU A 1 59 ? -1.737  0.553   23.102  0.46 38.11 ? 126 GLU A CG    1 
ATOM   447  C CG    B GLU A 1 59 ? -2.377  0.125   24.306  0.54 38.46 ? 126 GLU A CG    1 
ATOM   448  C CD    A GLU A 1 59 ? -0.589  -0.398  23.388  0.46 40.08 ? 126 GLU A CD    1 
ATOM   449  C CD    B GLU A 1 59 ? -3.197  -0.297  25.517  0.54 37.40 ? 126 GLU A CD    1 
ATOM   450  O OE1   A GLU A 1 59 ? 0.182   -0.700  22.449  0.46 40.67 ? 126 GLU A OE1   1 
ATOM   451  O OE1   B GLU A 1 59 ? -3.115  0.388   26.560  0.54 46.77 ? 126 GLU A OE1   1 
ATOM   452  O OE2   A GLU A 1 59 ? -0.460  -0.844  24.546  0.46 38.97 ? 126 GLU A OE2   1 
ATOM   453  O OE2   B GLU A 1 59 ? -3.926  -1.305  25.425  0.54 29.99 ? 126 GLU A OE2   1 
ATOM   454  N N     . ASP A 1 60 ? -3.370  3.019   21.513  1.00 29.10 ? 127 ASP A N     1 
ATOM   455  C CA    . ASP A 1 60 ? -3.054  3.670   20.236  1.00 30.59 ? 127 ASP A CA    1 
ATOM   456  C C     . ASP A 1 60 ? -3.680  5.052   20.188  1.00 29.77 ? 127 ASP A C     1 
ATOM   457  O O     . ASP A 1 60 ? -3.421  5.826   19.274  1.00 31.74 ? 127 ASP A O     1 
ATOM   458  C CB    . ASP A 1 60 ? -3.527  2.840   19.043  1.00 30.77 ? 127 ASP A CB    1 
ATOM   459  C CG    . ASP A 1 60 ? -2.785  1.509   18.923  1.00 37.38 ? 127 ASP A CG    1 
ATOM   460  O OD1   . ASP A 1 60 ? -1.613  1.438   19.356  1.00 40.80 ? 127 ASP A OD1   1 
ATOM   461  O OD2   . ASP A 1 60 ? -3.370  0.534   18.403  1.00 37.30 ? 127 ASP A OD2   1 
ATOM   462  N N     . PHE A 1 61 ? -4.486  5.362   21.203  1.00 31.84 ? 128 PHE A N     1 
ATOM   463  C CA    . PHE A 1 61 ? -5.248  6.605   21.239  1.00 30.18 ? 128 PHE A CA    1 
ATOM   464  C C     . PHE A 1 61 ? -4.873  7.456   22.450  1.00 35.85 ? 128 PHE A C     1 
ATOM   465  O O     . PHE A 1 61 ? -5.047  7.038   23.593  1.00 37.19 ? 128 PHE A O     1 
ATOM   466  C CB    . PHE A 1 61 ? -6.750  6.302   21.243  1.00 23.80 ? 128 PHE A CB    1 
ATOM   467  C CG    . PHE A 1 61 ? -7.238  5.594   19.988  1.00 29.54 ? 128 PHE A CG    1 
ATOM   468  C CD1   . PHE A 1 61 ? -7.710  6.322   18.906  1.00 28.27 ? 128 PHE A CD1   1 
ATOM   469  C CD2   . PHE A 1 61 ? -7.223  4.209   19.896  1.00 27.04 ? 128 PHE A CD2   1 
ATOM   470  C CE1   . PHE A 1 61 ? -8.159  5.686   17.756  1.00 29.70 ? 128 PHE A CE1   1 
ATOM   471  C CE2   . PHE A 1 61 ? -7.679  3.560   18.742  1.00 24.31 ? 128 PHE A CE2   1 
ATOM   472  C CZ    . PHE A 1 61 ? -8.140  4.302   17.676  1.00 27.16 ? 128 PHE A CZ    1 
ATOM   473  N N     . ASN A 1 62 ? -4.370  8.658   22.193  1.00 37.16 ? 129 ASN A N     1 
ATOM   474  C CA    . ASN A 1 62 ? -3.964  9.575   23.259  1.00 37.39 ? 129 ASN A CA    1 
ATOM   475  C C     . ASN A 1 62 ? -5.081  10.556  23.609  1.00 28.55 ? 129 ASN A C     1 
ATOM   476  O O     . ASN A 1 62 ? -5.357  11.481  22.848  1.00 35.22 ? 129 ASN A O     1 
ATOM   477  C CB    . ASN A 1 62 ? -2.711  10.337  22.806  1.00 43.95 ? 129 ASN A CB    1 
ATOM   478  C CG    . ASN A 1 62 ? -2.080  11.183  23.914  1.00 48.58 ? 129 ASN A CG    1 
ATOM   479  O OD1   . ASN A 1 62 ? -2.501  11.149  25.078  1.00 42.77 ? 129 ASN A OD1   1 
ATOM   480  N ND2   . ASN A 1 62 ? -1.042  11.938  23.546  1.00 44.86 ? 129 ASN A ND2   1 
ATOM   481  N N     . PHE A 1 63 ? -5.714  10.371  24.765  1.00 30.79 ? 130 PHE A N     1 
ATOM   482  C CA    . PHE A 1 63 ? -6.772  11.281  25.209  1.00 34.99 ? 130 PHE A CA    1 
ATOM   483  C C     . PHE A 1 63 ? -6.267  12.413  26.100  1.00 37.17 ? 130 PHE A C     1 
ATOM   484  O O     . PHE A 1 63 ? -7.066  13.169  26.655  1.00 42.14 ? 130 PHE A O     1 
ATOM   485  C CB    . PHE A 1 63 ? -7.852  10.525  25.978  1.00 35.07 ? 130 PHE A CB    1 
ATOM   486  C CG    . PHE A 1 63 ? -8.876  9.852   25.104  1.00 34.44 ? 130 PHE A CG    1 
ATOM   487  C CD1   . PHE A 1 63 ? -8.682  8.556   24.655  1.00 30.01 ? 130 PHE A CD1   1 
ATOM   488  C CD2   . PHE A 1 63 ? -10.049 10.507  24.761  1.00 27.85 ? 130 PHE A CD2   1 
ATOM   489  C CE1   . PHE A 1 63 ? -9.639  7.921   23.871  1.00 27.40 ? 130 PHE A CE1   1 
ATOM   490  C CE2   . PHE A 1 63 ? -11.010 9.883   23.972  1.00 30.76 ? 130 PHE A CE2   1 
ATOM   491  C CZ    . PHE A 1 63 ? -10.804 8.587   23.524  1.00 29.81 ? 130 PHE A CZ    1 
ATOM   492  N N     . THR A 1 64 ? -4.954  12.532  26.252  1.00 37.47 ? 131 THR A N     1 
ATOM   493  C CA    . THR A 1 64 ? -4.412  13.503  27.200  1.00 44.04 ? 131 THR A CA    1 
ATOM   494  C C     . THR A 1 64 ? -3.745  14.702  26.522  1.00 37.20 ? 131 THR A C     1 
ATOM   495  O O     . THR A 1 64 ? -3.143  14.578  25.456  1.00 35.92 ? 131 THR A O     1 
ATOM   496  C CB    . THR A 1 64 ? -3.439  12.836  28.219  1.00 41.38 ? 131 THR A CB    1 
ATOM   497  O OG1   . THR A 1 64 ? -2.209  12.489  27.572  1.00 40.94 ? 131 THR A OG1   1 
ATOM   498  C CG2   . THR A 1 64 ? -4.067  11.578  28.802  1.00 47.65 ? 131 THR A CG2   1 
ATOM   499  N N     . VAL A 1 65 ? -3.880  15.865  27.153  1.00 37.66 ? 132 VAL A N     1 
ATOM   500  C CA    . VAL A 1 65 ? -3.179  17.069  26.736  1.00 42.89 ? 132 VAL A CA    1 
ATOM   501  C C     . VAL A 1 65 ? -1.937  17.301  27.612  1.00 51.35 ? 132 VAL A C     1 
ATOM   502  O O     . VAL A 1 65 ? -2.039  17.384  28.834  1.00 48.51 ? 132 VAL A O     1 
ATOM   503  C CB    . VAL A 1 65 ? -4.105  18.303  26.807  1.00 37.26 ? 132 VAL A CB    1 
ATOM   504  C CG1   . VAL A 1 65 ? -3.304  19.576  26.607  1.00 40.05 ? 132 VAL A CG1   1 
ATOM   505  C CG2   . VAL A 1 65 ? -5.205  18.199  25.764  1.00 31.92 ? 132 VAL A CG2   1 
ATOM   506  N N     . LEU A 1 66 ? -0.771  17.403  26.971  1.00 56.22 ? 133 LEU A N     1 
ATOM   507  C CA    . LEU A 1 66 ? 0.520   17.536  27.661  1.00 54.73 ? 133 LEU A CA    1 
ATOM   508  C C     . LEU A 1 66 ? 0.610   18.790  28.534  1.00 55.19 ? 133 LEU A C     1 
ATOM   509  O O     . LEU A 1 66 ? -0.125  19.758  28.317  1.00 54.01 ? 133 LEU A O     1 
ATOM   510  C CB    . LEU A 1 66 ? 1.681   17.546  26.646  1.00 59.01 ? 133 LEU A CB    1 
ATOM   511  C CG    . LEU A 1 66 ? 2.168   16.264  25.951  1.00 69.56 ? 133 LEU A CG    1 
ATOM   512  C CD1   . LEU A 1 66 ? 1.130   15.690  24.973  1.00 64.03 ? 133 LEU A CD1   1 
ATOM   513  C CD2   . LEU A 1 66 ? 3.500   16.533  25.238  1.00 63.51 ? 133 LEU A CD2   1 
ATOM   514  N N     . PRO A 1 67 ? 1.515   18.771  29.532  1.00 72.27 ? 134 PRO A N     1 
ATOM   515  C CA    . PRO A 1 67 ? 1.814   19.962  30.336  1.00 67.63 ? 134 PRO A CA    1 
ATOM   516  C C     . PRO A 1 67 ? 2.939   20.789  29.711  1.00 66.03 ? 134 PRO A C     1 
ATOM   517  O O     . PRO A 1 67 ? 3.146   21.937  30.117  1.00 71.61 ? 134 PRO A O     1 
ATOM   518  C CB    . PRO A 1 67 ? 2.277   19.374  31.683  1.00 72.72 ? 134 PRO A CB    1 
ATOM   519  C CG    . PRO A 1 67 ? 2.112   17.863  31.568  1.00 76.75 ? 134 PRO A CG    1 
ATOM   520  C CD    . PRO A 1 67 ? 2.140   17.567  30.105  1.00 67.52 ? 134 PRO A CD    1 
ATOM   521  O "O5'" . DG  B 2 1  ? -0.128  -25.058 -34.165 1.00 32.94 ? 1   DG  B "O5'" 1 
ATOM   522  C "C5'" . DG  B 2 1  ? -0.110  -23.652 -33.977 1.00 39.11 ? 1   DG  B "C5'" 1 
ATOM   523  C "C4'" . DG  B 2 1  ? -0.832  -22.985 -35.137 1.00 39.00 ? 1   DG  B "C4'" 1 
ATOM   524  O "O4'" . DG  B 2 1  ? -2.222  -23.399 -35.159 1.00 34.37 ? 1   DG  B "O4'" 1 
ATOM   525  C "C3'" . DG  B 2 1  ? -0.844  -21.469 -35.033 1.00 39.31 ? 1   DG  B "C3'" 1 
ATOM   526  O "O3'" . DG  B 2 1  ? 0.190   -20.962 -35.839 1.00 41.42 ? 1   DG  B "O3'" 1 
ATOM   527  C "C2'" . DG  B 2 1  ? -2.202  -21.041 -35.586 1.00 34.01 ? 1   DG  B "C2'" 1 
ATOM   528  C "C1'" . DG  B 2 1  ? -3.058  -22.250 -35.252 1.00 30.40 ? 1   DG  B "C1'" 1 
ATOM   529  N N9    . DG  B 2 1  ? -3.926  -22.165 -34.075 1.00 32.38 ? 1   DG  B N9    1 
ATOM   530  C C8    . DG  B 2 1  ? -3.887  -22.950 -32.943 1.00 30.44 ? 1   DG  B C8    1 
ATOM   531  N N7    . DG  B 2 1  ? -4.822  -22.654 -32.067 1.00 31.08 ? 1   DG  B N7    1 
ATOM   532  C C5    . DG  B 2 1  ? -5.532  -21.617 -32.662 1.00 26.59 ? 1   DG  B C5    1 
ATOM   533  C C6    . DG  B 2 1  ? -6.665  -20.907 -32.202 1.00 24.19 ? 1   DG  B C6    1 
ATOM   534  O O6    . DG  B 2 1  ? -7.300  -21.052 -31.148 1.00 30.02 ? 1   DG  B O6    1 
ATOM   535  N N1    . DG  B 2 1  ? -7.062  -19.933 -33.116 1.00 27.94 ? 1   DG  B N1    1 
ATOM   536  C C2    . DG  B 2 1  ? -6.452  -19.686 -34.324 1.00 27.26 ? 1   DG  B C2    1 
ATOM   537  N N2    . DG  B 2 1  ? -6.998  -18.700 -35.059 1.00 28.48 ? 1   DG  B N2    1 
ATOM   538  N N3    . DG  B 2 1  ? -5.398  -20.354 -34.774 1.00 29.93 ? 1   DG  B N3    1 
ATOM   539  C C4    . DG  B 2 1  ? -4.995  -21.307 -33.898 1.00 30.11 ? 1   DG  B C4    1 
ATOM   540  P P     . DT  B 2 2  ? 0.904   -19.583 -35.444 1.00 41.51 ? 2   DT  B P     1 
ATOM   541  O OP1   . DT  B 2 2  ? 2.060   -19.398 -36.353 1.00 53.84 ? 2   DT  B OP1   1 
ATOM   542  O OP2   . DT  B 2 2  ? 1.053   -19.550 -33.963 1.00 37.19 ? 2   DT  B OP2   1 
ATOM   543  O "O5'" . DT  B 2 2  ? -0.205  -18.482 -35.788 1.00 31.07 ? 2   DT  B "O5'" 1 
ATOM   544  C "C5'" . DT  B 2 2  ? -0.640  -18.305 -37.124 1.00 40.59 ? 2   DT  B "C5'" 1 
ATOM   545  C "C4'" . DT  B 2 2  ? -1.664  -17.194 -37.125 1.00 35.69 ? 2   DT  B "C4'" 1 
ATOM   546  O "O4'" . DT  B 2 2  ? -2.749  -17.534 -36.224 1.00 35.41 ? 2   DT  B "O4'" 1 
ATOM   547  C "C3'" . DT  B 2 2  ? -1.124  -15.854 -36.642 1.00 36.89 ? 2   DT  B "C3'" 1 
ATOM   548  O "O3'" . DT  B 2 2  ? -1.654  -14.843 -37.485 1.00 48.08 ? 2   DT  B "O3'" 1 
ATOM   549  C "C2'" . DT  B 2 2  ? -1.661  -15.721 -35.214 1.00 32.04 ? 2   DT  B "C2'" 1 
ATOM   550  C "C1'" . DT  B 2 2  ? -2.994  -16.463 -35.327 1.00 36.52 ? 2   DT  B "C1'" 1 
ATOM   551  N N1    . DT  B 2 2  ? -3.508  -17.063 -34.068 1.00 31.91 ? 2   DT  B N1    1 
ATOM   552  C C2    . DT  B 2 2  ? -4.721  -16.653 -33.575 1.00 33.08 ? 2   DT  B C2    1 
ATOM   553  O O2    . DT  B 2 2  ? -5.394  -15.800 -34.117 1.00 37.45 ? 2   DT  B O2    1 
ATOM   554  N N3    . DT  B 2 2  ? -5.118  -17.272 -32.410 1.00 31.56 ? 2   DT  B N3    1 
ATOM   555  C C4    . DT  B 2 2  ? -4.435  -18.250 -31.710 1.00 28.37 ? 2   DT  B C4    1 
ATOM   556  O O4    . DT  B 2 2  ? -4.897  -18.743 -30.678 1.00 35.02 ? 2   DT  B O4    1 
ATOM   557  C C5    . DT  B 2 2  ? -3.168  -18.645 -32.282 1.00 28.41 ? 2   DT  B C5    1 
ATOM   558  C C7    . DT  B 2 2  ? -2.309  -19.696 -31.615 1.00 26.82 ? 2   DT  B C7    1 
ATOM   559  C C6    . DT  B 2 2  ? -2.780  -18.039 -33.420 1.00 29.84 ? 2   DT  B C6    1 
ATOM   560  P P     . DC  B 2 3  ? -1.022  -13.367 -37.464 1.00 54.47 ? 3   DC  B P     1 
ATOM   561  O OP1   . DC  B 2 3  ? -1.205  -12.778 -38.808 1.00 54.82 ? 3   DC  B OP1   1 
ATOM   562  O OP2   . DC  B 2 3  ? 0.331   -13.458 -36.855 1.00 45.18 ? 3   DC  B OP2   1 
ATOM   563  O "O5'" . DC  B 2 3  ? -1.935  -12.591 -36.413 1.00 48.19 ? 3   DC  B "O5'" 1 
ATOM   564  C "C5'" . DC  B 2 3  ? -3.267  -12.261 -36.762 1.00 44.30 ? 3   DC  B "C5'" 1 
ATOM   565  C "C4'" . DC  B 2 3  ? -3.955  -11.651 -35.552 1.00 50.26 ? 3   DC  B "C4'" 1 
ATOM   566  O "O4'" . DC  B 2 3  ? -4.129  -12.682 -34.550 1.00 47.08 ? 3   DC  B "O4'" 1 
ATOM   567  C "C3'" . DC  B 2 3  ? -3.191  -10.519 -34.853 1.00 54.91 ? 3   DC  B "C3'" 1 
ATOM   568  O "O3'" . DC  B 2 3  ? -3.949  -9.308  -34.981 1.00 52.46 ? 3   DC  B "O3'" 1 
ATOM   569  C "C2'" . DC  B 2 3  ? -3.046  -10.976 -33.394 1.00 44.52 ? 3   DC  B "C2'" 1 
ATOM   570  C "C1'" . DC  B 2 3  ? -4.107  -12.071 -33.279 1.00 47.49 ? 3   DC  B "C1'" 1 
ATOM   571  N N1    . DC  B 2 3  ? -3.800  -13.159 -32.305 1.00 37.91 ? 3   DC  B N1    1 
ATOM   572  C C2    . DC  B 2 3  ? -4.755  -13.541 -31.353 1.00 37.76 ? 3   DC  B C2    1 
ATOM   573  O O2    . DC  B 2 3  ? -5.859  -12.967 -31.317 1.00 39.04 ? 3   DC  B O2    1 
ATOM   574  N N3    . DC  B 2 3  ? -4.442  -14.544 -30.489 1.00 33.00 ? 3   DC  B N3    1 
ATOM   575  C C4    . DC  B 2 3  ? -3.255  -15.146 -30.544 1.00 28.44 ? 3   DC  B C4    1 
ATOM   576  N N4    . DC  B 2 3  ? -3.017  -16.128 -29.666 1.00 26.74 ? 3   DC  B N4    1 
ATOM   577  C C5    . DC  B 2 3  ? -2.270  -14.770 -31.504 1.00 33.46 ? 3   DC  B C5    1 
ATOM   578  C C6    . DC  B 2 3  ? -2.589  -13.789 -32.360 1.00 37.74 ? 3   DC  B C6    1 
ATOM   579  P P     . DA  B 2 4  ? -3.357  -7.914  -34.435 1.00 62.19 ? 4   DA  B P     1 
ATOM   580  O OP1   . DA  B 2 4  ? -3.842  -6.835  -35.326 1.00 61.63 ? 4   DA  B OP1   1 
ATOM   581  O OP2   . DA  B 2 4  ? -1.904  -8.096  -34.174 1.00 55.35 ? 4   DA  B OP2   1 
ATOM   582  O "O5'" . DA  B 2 4  ? -4.036  -7.761  -33.003 1.00 56.68 ? 4   DA  B "O5'" 1 
ATOM   583  C "C5'" . DA  B 2 4  ? -5.454  -7.857  -32.889 1.00 49.27 ? 4   DA  B "C5'" 1 
ATOM   584  C "C4'" . DA  B 2 4  ? -5.786  -7.847  -31.413 1.00 53.22 ? 4   DA  B "C4'" 1 
ATOM   585  O "O4'" . DA  B 2 4  ? -5.471  -9.144  -30.835 1.00 46.81 ? 4   DA  B "O4'" 1 
ATOM   586  C "C3'" . DA  B 2 4  ? -4.985  -6.802  -30.634 1.00 54.59 ? 4   DA  B "C3'" 1 
ATOM   587  O "O3'" . DA  B 2 4  ? -5.912  -6.039  -29.869 1.00 57.93 ? 4   DA  B "O3'" 1 
ATOM   588  C "C2'" . DA  B 2 4  ? -4.028  -7.634  -29.775 1.00 53.57 ? 4   DA  B "C2'" 1 
ATOM   589  C "C1'" . DA  B 2 4  ? -4.803  -8.942  -29.607 1.00 53.32 ? 4   DA  B "C1'" 1 
ATOM   590  N N9    . DA  B 2 4  ? -3.964  -10.097 -29.283 1.00 39.81 ? 4   DA  B N9    1 
ATOM   591  C C8    . DA  B 2 4  ? -2.754  -10.416 -29.843 1.00 44.55 ? 4   DA  B C8    1 
ATOM   592  N N7    . DA  B 2 4  ? -2.218  -11.514 -29.348 1.00 41.99 ? 4   DA  B N7    1 
ATOM   593  C C5    . DA  B 2 4  ? -3.144  -11.946 -28.404 1.00 37.40 ? 4   DA  B C5    1 
ATOM   594  C C6    . DA  B 2 4  ? -3.163  -13.050 -27.528 1.00 34.51 ? 4   DA  B C6    1 
ATOM   595  N N6    . DA  B 2 4  ? -2.181  -13.963 -27.477 1.00 36.26 ? 4   DA  B N6    1 
ATOM   596  N N1    . DA  B 2 4  ? -4.229  -13.176 -26.710 1.00 33.39 ? 4   DA  B N1    1 
ATOM   597  C C2    . DA  B 2 4  ? -5.211  -12.264 -26.773 1.00 38.52 ? 4   DA  B C2    1 
ATOM   598  N N3    . DA  B 2 4  ? -5.301  -11.184 -27.548 1.00 39.54 ? 4   DA  B N3    1 
ATOM   599  C C4    . DA  B 2 4  ? -4.225  -11.082 -28.349 1.00 34.41 ? 4   DA  B C4    1 
ATOM   600  P P     . DC  B 2 5  ? -5.456  -4.679  -29.140 1.00 66.67 ? 5   DC  B P     1 
ATOM   601  O OP1   . DC  B 2 5  ? -6.570  -3.708  -29.260 1.00 69.84 ? 5   DC  B OP1   1 
ATOM   602  O OP2   . DC  B 2 5  ? -4.089  -4.327  -29.617 1.00 53.96 ? 5   DC  B OP2   1 
ATOM   603  O "O5'" . DC  B 2 5  ? -5.348  -5.108  -27.608 1.00 65.77 ? 5   DC  B "O5'" 1 
ATOM   604  C "C5'" . DC  B 2 5  ? -6.477  -5.776  -27.050 1.00 60.01 ? 5   DC  B "C5'" 1 
ATOM   605  C "C4'" . DC  B 2 5  ? -6.085  -6.616  -25.846 1.00 63.26 ? 5   DC  B "C4'" 1 
ATOM   606  O "O4'" . DC  B 2 5  ? -5.291  -7.763  -26.243 1.00 56.76 ? 5   DC  B "O4'" 1 
ATOM   607  C "C3'" . DC  B 2 5  ? -5.226  -5.893  -24.810 1.00 59.86 ? 5   DC  B "C3'" 1 
ATOM   608  O "O3'" . DC  B 2 5  ? -6.067  -5.471  -23.743 1.00 67.86 ? 5   DC  B "O3'" 1 
ATOM   609  C "C2'" . DC  B 2 5  ? -4.236  -6.959  -24.343 1.00 52.87 ? 5   DC  B "C2'" 1 
ATOM   610  C "C1'" . DC  B 2 5  ? -4.700  -8.229  -25.058 1.00 47.51 ? 5   DC  B "C1'" 1 
ATOM   611  N N1    . DC  B 2 5  ? -3.551  -9.106  -25.358 1.00 39.31 ? 5   DC  B N1    1 
ATOM   612  C C2    . DC  B 2 5  ? -3.465  -10.352 -24.732 1.00 38.94 ? 5   DC  B C2    1 
ATOM   613  O O2    . DC  B 2 5  ? -4.375  -10.714 -23.970 1.00 40.59 ? 5   DC  B O2    1 
ATOM   614  N N3    . DC  B 2 5  ? -2.387  -11.133 -24.986 1.00 34.03 ? 5   DC  B N3    1 
ATOM   615  C C4    . DC  B 2 5  ? -1.436  -10.707 -25.827 1.00 36.90 ? 5   DC  B C4    1 
ATOM   616  N N4    . DC  B 2 5  ? -0.393  -11.519 -26.058 1.00 37.99 ? 5   DC  B N4    1 
ATOM   617  C C5    . DC  B 2 5  ? -1.503  -9.428  -26.460 1.00 37.26 ? 5   DC  B C5    1 
ATOM   618  C C6    . DC  B 2 5  ? -2.568  -8.664  -26.193 1.00 40.27 ? 5   DC  B C6    1 
ATOM   619  P P     . DT  B 2 6  ? -5.470  -4.597  -22.532 1.00 78.83 ? 6   DT  B P     1 
ATOM   620  O OP1   . DT  B 2 6  ? -6.562  -3.736  -22.020 1.00 68.99 ? 6   DT  B OP1   1 
ATOM   621  O OP2   . DT  B 2 6  ? -4.169  -4.023  -22.971 1.00 58.64 ? 6   DT  B OP2   1 
ATOM   622  O "O5'" . DT  B 2 6  ? -5.121  -5.695  -21.422 1.00 60.45 ? 6   DT  B "O5'" 1 
ATOM   623  C "C5'" . DT  B 2 6  ? -6.117  -6.647  -21.088 1.00 52.78 ? 6   DT  B "C5'" 1 
ATOM   624  C "C4'" . DT  B 2 6  ? -5.555  -7.668  -20.125 1.00 52.55 ? 6   DT  B "C4'" 1 
ATOM   625  O "O4'" . DT  B 2 6  ? -4.621  -8.561  -20.782 1.00 50.91 ? 6   DT  B "O4'" 1 
ATOM   626  C "C3'" . DT  B 2 6  ? -4.804  -7.060  -18.950 1.00 45.60 ? 6   DT  B "C3'" 1 
ATOM   627  O "O3'" . DT  B 2 6  ? -5.364  -7.671  -17.821 1.00 49.47 ? 6   DT  B "O3'" 1 
ATOM   628  C "C2'" . DT  B 2 6  ? -3.347  -7.463  -19.170 1.00 42.01 ? 6   DT  B "C2'" 1 
ATOM   629  C "C1'" . DT  B 2 6  ? -3.503  -8.767  -19.940 1.00 37.59 ? 6   DT  B "C1'" 1 
ATOM   630  N N1    . DT  B 2 6  ? -2.365  -9.050  -20.836 1.00 44.39 ? 6   DT  B N1    1 
ATOM   631  C C2    . DT  B 2 6  ? -1.679  -10.237 -20.721 1.00 40.79 ? 6   DT  B C2    1 
ATOM   632  O O2    . DT  B 2 6  ? -1.965  -11.088 -19.885 1.00 39.90 ? 6   DT  B O2    1 
ATOM   633  N N3    . DT  B 2 6  ? -0.641  -10.368 -21.617 1.00 35.71 ? 6   DT  B N3    1 
ATOM   634  C C4    . DT  B 2 6  ? -0.249  -9.459  -22.585 1.00 31.61 ? 6   DT  B C4    1 
ATOM   635  O O4    . DT  B 2 6  ? 0.687   -9.659  -23.353 1.00 39.04 ? 6   DT  B O4    1 
ATOM   636  C C5    . DT  B 2 6  ? -1.020  -8.248  -22.643 1.00 39.20 ? 6   DT  B C5    1 
ATOM   637  C C7    . DT  B 2 6  ? -0.687  -7.188  -23.649 1.00 44.84 ? 6   DT  B C7    1 
ATOM   638  C C6    . DT  B 2 6  ? -2.025  -8.108  -21.782 1.00 40.28 ? 6   DT  B C6    1 
ATOM   639  P P     . DA  B 2 7  ? -5.099  -7.062  -16.363 1.00 59.20 ? 7   DA  B P     1 
ATOM   640  O OP1   . DA  B 2 7  ? -6.328  -7.277  -15.558 1.00 47.97 ? 7   DA  B OP1   1 
ATOM   641  O OP2   . DA  B 2 7  ? -4.528  -5.699  -16.530 1.00 51.69 ? 7   DA  B OP2   1 
ATOM   642  O "O5'" . DA  B 2 7  ? -3.919  -7.978  -15.800 1.00 44.77 ? 7   DA  B "O5'" 1 
ATOM   643  C "C5'" . DA  B 2 7  ? -4.084  -9.386  -15.792 1.00 41.12 ? 7   DA  B "C5'" 1 
ATOM   644  C "C4'" . DA  B 2 7  ? -2.777  -10.035 -15.372 1.00 40.88 ? 7   DA  B "C4'" 1 
ATOM   645  O "O4'" . DA  B 2 7  ? -1.881  -10.126 -16.510 1.00 38.26 ? 7   DA  B "O4'" 1 
ATOM   646  C "C3'" . DA  B 2 7  ? -2.012  -9.295  -14.281 1.00 33.98 ? 7   DA  B "C3'" 1 
ATOM   647  O "O3'" . DA  B 2 7  ? -1.883  -10.211 -13.173 1.00 34.58 ? 7   DA  B "O3'" 1 
ATOM   648  C "C2'" . DA  B 2 7  ? -0.678  -8.898  -14.944 1.00 31.98 ? 7   DA  B "C2'" 1 
ATOM   649  C "C1'" . DA  B 2 7  ? -0.555  -9.898  -16.096 1.00 36.21 ? 7   DA  B "C1'" 1 
ATOM   650  N N9    . DA  B 2 7  ? 0.153   -9.439  -17.292 1.00 36.91 ? 7   DA  B N9    1 
ATOM   651  C C8    . DA  B 2 7  ? -0.065  -8.275  -17.987 1.00 36.77 ? 7   DA  B C8    1 
ATOM   652  N N7    . DA  B 2 7  ? 0.719   -8.132  -19.042 1.00 31.53 ? 7   DA  B N7    1 
ATOM   653  C C5    . DA  B 2 7  ? 1.500   -9.281  -19.039 1.00 33.14 ? 7   DA  B C5    1 
ATOM   654  C C6    . DA  B 2 7  ? 2.528   -9.738  -19.896 1.00 30.72 ? 7   DA  B C6    1 
ATOM   655  N N6    . DA  B 2 7  ? 2.958   -9.052  -20.963 1.00 35.12 ? 7   DA  B N6    1 
ATOM   656  N N1    . DA  B 2 7  ? 3.103   -10.921 -19.604 1.00 28.78 ? 7   DA  B N1    1 
ATOM   657  C C2    . DA  B 2 7  ? 2.669   -11.600 -18.532 1.00 34.17 ? 7   DA  B C2    1 
ATOM   658  N N3    . DA  B 2 7  ? 1.711   -11.283 -17.658 1.00 38.64 ? 7   DA  B N3    1 
ATOM   659  C C4    . DA  B 2 7  ? 1.160   -10.098 -17.970 1.00 34.26 ? 7   DA  B C4    1 
ATOM   660  P P     . DC  B 2 8  ? -0.946  -9.847  -11.921 1.00 35.05 ? 8   DC  B P     1 
ATOM   661  O OP1   . DC  B 2 8  ? -1.466  -10.573 -10.736 1.00 35.95 ? 8   DC  B OP1   1 
ATOM   662  O OP2   . DC  B 2 8  ? -0.786  -8.372  -11.880 1.00 36.35 ? 8   DC  B OP2   1 
ATOM   663  O "O5'" . DC  B 2 8  ? 0.465   -10.481 -12.324 1.00 37.62 ? 8   DC  B "O5'" 1 
ATOM   664  C "C5'" . DC  B 2 8  ? 0.536   -11.886 -12.598 1.00 28.56 ? 8   DC  B "C5'" 1 
ATOM   665  C "C4'" . DC  B 2 8  ? 1.999   -12.274 -12.622 1.00 31.72 ? 8   DC  B "C4'" 1 
ATOM   666  O "O4'" . DC  B 2 8  ? 2.577   -11.796 -13.858 1.00 29.48 ? 8   DC  B "O4'" 1 
ATOM   667  C "C3'" . DC  B 2 8  ? 2.831   -11.648 -11.497 1.00 28.21 ? 8   DC  B "C3'" 1 
ATOM   668  O "O3'" . DC  B 2 8  ? 3.515   -12.701 -10.854 1.00 31.95 ? 8   DC  B "O3'" 1 
ATOM   669  C "C2'" . DC  B 2 8  ? 3.779   -10.673 -12.208 1.00 29.12 ? 8   DC  B "C2'" 1 
ATOM   670  C "C1'" . DC  B 2 8  ? 3.856   -11.250 -13.624 1.00 28.03 ? 8   DC  B "C1'" 1 
ATOM   671  N N1    . DC  B 2 8  ? 4.034   -10.279 -14.729 1.00 31.37 ? 8   DC  B N1    1 
ATOM   672  C C2    . DC  B 2 8  ? 4.936   -10.565 -15.762 1.00 29.73 ? 8   DC  B C2    1 
ATOM   673  O O2    . DC  B 2 8  ? 5.589   -11.612 -15.722 1.00 35.29 ? 8   DC  B O2    1 
ATOM   674  N N3    . DC  B 2 8  ? 5.083   -9.682  -16.784 1.00 29.54 ? 8   DC  B N3    1 
ATOM   675  C C4    . DC  B 2 8  ? 4.364   -8.556  -16.799 1.00 32.20 ? 8   DC  B C4    1 
ATOM   676  N N4    . DC  B 2 8  ? 4.544   -7.717  -17.833 1.00 32.62 ? 8   DC  B N4    1 
ATOM   677  C C5    . DC  B 2 8  ? 3.434   -8.247  -15.754 1.00 31.98 ? 8   DC  B C5    1 
ATOM   678  C C6    . DC  B 2 8  ? 3.291   -9.132  -14.758 1.00 29.79 ? 8   DC  B C6    1 
HETATM 679  N N1    . 5CM B 2 9  ? 7.807   -9.819  -13.416 1.00 32.61 ? 9   5CM B N1    1 
HETATM 680  C C2    . 5CM B 2 9  ? 8.207   -9.513  -14.689 1.00 32.31 ? 9   5CM B C2    1 
HETATM 681  N N3    . 5CM B 2 9  ? 7.757   -8.377  -15.311 1.00 32.20 ? 9   5CM B N3    1 
HETATM 682  C C4    . 5CM B 2 9  ? 6.914   -7.533  -14.688 1.00 31.67 ? 9   5CM B C4    1 
HETATM 683  C C5    . 5CM B 2 9  ? 6.498   -7.828  -13.415 1.00 31.59 ? 9   5CM B C5    1 
HETATM 684  C C5A   . 5CM B 2 9  ? 5.547   -6.914  -12.695 1.00 28.88 ? 9   5CM B C5A   1 
HETATM 685  C C6    . 5CM B 2 9  ? 6.952   -8.973  -12.793 1.00 34.76 ? 9   5CM B C6    1 
HETATM 686  O O2    . 5CM B 2 9  ? 8.983   -10.241 -15.293 1.00 35.63 ? 9   5CM B O2    1 
HETATM 687  N N4    . 5CM B 2 9  ? 6.480   -6.355  -15.398 1.00 27.45 ? 9   5CM B N4    1 
HETATM 688  C "C1'" . 5CM B 2 9  ? 8.272   -11.027 -12.766 1.00 36.86 ? 9   5CM B "C1'" 1 
HETATM 689  C "C2'" . 5CM B 2 9  ? 8.832   -10.864 -11.388 1.00 36.06 ? 9   5CM B "C2'" 1 
HETATM 690  C "C3'" . 5CM B 2 9  ? 8.774   -12.249 -10.904 1.00 36.03 ? 9   5CM B "C3'" 1 
HETATM 691  C "C4'" . 5CM B 2 9  ? 7.694   -12.860 -11.724 1.00 33.13 ? 9   5CM B "C4'" 1 
HETATM 692  O "O4'" . 5CM B 2 9  ? 7.233   -11.956 -12.688 1.00 30.30 ? 9   5CM B "O4'" 1 
HETATM 693  O "O3'" . 5CM B 2 9  ? 9.875   -12.937 -11.330 1.00 49.30 ? 9   5CM B "O3'" 1 
HETATM 694  C "C5'" . 5CM B 2 9  ? 6.556   -13.330 -10.886 1.00 33.89 ? 9   5CM B "C5'" 1 
HETATM 695  O "O5'" . 5CM B 2 9  ? 5.909   -12.222 -10.381 1.00 38.13 ? 9   5CM B "O5'" 1 
HETATM 696  P P     . 5CM B 2 9  ? 4.537   -12.396 -9.661  1.00 33.07 ? 9   5CM B P     1 
HETATM 697  O OP1   . 5CM B 2 9  ? 4.120   -11.092 -8.997  1.00 42.03 ? 9   5CM B OP1   1 
HETATM 698  O OP2   . 5CM B 2 9  ? 4.515   -13.573 -8.716  1.00 32.35 ? 9   5CM B OP2   1 
ATOM   699  P P     . DG  B 2 10 ? 11.210  -13.009 -10.441 1.00 46.56 ? 10  DG  B P     1 
ATOM   700  O OP1   . DG  B 2 10 ? 11.344  -14.398 -9.932  1.00 58.47 ? 10  DG  B OP1   1 
ATOM   701  O OP2   . DG  B 2 10 ? 11.206  -11.873 -9.487  1.00 45.80 ? 10  DG  B OP2   1 
ATOM   702  O "O5'" . DG  B 2 10 ? 12.362  -12.756 -11.517 1.00 53.72 ? 10  DG  B "O5'" 1 
ATOM   703  C "C5'" . DG  B 2 10 ? 12.216  -13.429 -12.769 1.00 42.82 ? 10  DG  B "C5'" 1 
ATOM   704  C "C4'" . DG  B 2 10 ? 13.154  -12.848 -13.807 1.00 50.59 ? 10  DG  B "C4'" 1 
ATOM   705  O "O4'" . DG  B 2 10 ? 12.521  -11.708 -14.450 1.00 37.78 ? 10  DG  B "O4'" 1 
ATOM   706  C "C3'" . DG  B 2 10 ? 14.483  -12.371 -13.231 1.00 48.89 ? 10  DG  B "C3'" 1 
ATOM   707  O "O3'" . DG  B 2 10 ? 15.540  -12.769 -14.108 1.00 68.13 ? 10  DG  B "O3'" 1 
ATOM   708  C "C2'" . DG  B 2 10 ? 14.312  -10.854 -13.152 1.00 44.14 ? 10  DG  B "C2'" 1 
ATOM   709  C "C1'" . DG  B 2 10 ? 13.327  -10.558 -14.284 1.00 44.71 ? 10  DG  B "C1'" 1 
ATOM   710  N N9    . DG  B 2 10 ? 12.444  -9.408  -14.080 1.00 41.51 ? 10  DG  B N9    1 
ATOM   711  C C8    . DG  B 2 10 ? 11.636  -9.131  -12.997 1.00 35.11 ? 10  DG  B C8    1 
ATOM   712  N N7    . DG  B 2 10 ? 10.958  -8.019  -13.138 1.00 34.01 ? 10  DG  B N7    1 
ATOM   713  C C5    . DG  B 2 10 ? 11.343  -7.530  -14.384 1.00 30.08 ? 10  DG  B C5    1 
ATOM   714  C C6    . DG  B 2 10 ? 10.945  -6.364  -15.077 1.00 28.31 ? 10  DG  B C6    1 
ATOM   715  O O6    . DG  B 2 10 ? 10.140  -5.489  -14.722 1.00 27.52 ? 10  DG  B O6    1 
ATOM   716  N N1    . DG  B 2 10 ? 11.576  -6.265  -16.315 1.00 33.90 ? 10  DG  B N1    1 
ATOM   717  C C2    . DG  B 2 10 ? 12.485  -7.169  -16.823 1.00 32.67 ? 10  DG  B C2    1 
ATOM   718  N N2    . DG  B 2 10 ? 13.005  -6.898  -18.036 1.00 27.95 ? 10  DG  B N2    1 
ATOM   719  N N3    . DG  B 2 10 ? 12.859  -8.264  -16.182 1.00 35.19 ? 10  DG  B N3    1 
ATOM   720  C C4    . DG  B 2 10 ? 12.248  -8.381  -14.977 1.00 34.07 ? 10  DG  B C4    1 
ATOM   721  P P     . DG  B 2 11 ? 17.068  -12.775 -13.597 1.00 67.59 ? 11  DG  B P     1 
ATOM   722  O OP1   . DG  B 2 11 ? 17.664  -14.075 -13.973 1.00 73.04 ? 11  DG  B OP1   1 
ATOM   723  O OP2   . DG  B 2 11 ? 17.095  -12.300 -12.191 1.00 50.47 ? 11  DG  B OP2   1 
ATOM   724  O "O5'" . DG  B 2 11 ? 17.742  -11.639 -14.471 1.00 50.68 ? 11  DG  B "O5'" 1 
ATOM   725  C "C5'" . DG  B 2 11 ? 17.415  -11.683 -15.839 1.00 39.46 ? 11  DG  B "C5'" 1 
ATOM   726  C "C4'" . DG  B 2 11 ? 17.816  -10.372 -16.468 1.00 52.57 ? 11  DG  B "C4'" 1 
ATOM   727  O "O4'" . DG  B 2 11 ? 16.798  -9.357  -16.259 1.00 48.14 ? 11  DG  B "O4'" 1 
ATOM   728  C "C3'" . DG  B 2 11 ? 19.118  -9.808  -15.915 1.00 57.21 ? 11  DG  B "C3'" 1 
ATOM   729  O "O3'" . DG  B 2 11 ? 19.795  -9.356  -17.063 1.00 66.90 ? 11  DG  B "O3'" 1 
ATOM   730  C "C2'" . DG  B 2 11 ? 18.671  -8.674  -14.991 1.00 43.99 ? 11  DG  B "C2'" 1 
ATOM   731  C "C1'" . DG  B 2 11 ? 17.388  -8.207  -15.684 1.00 41.32 ? 11  DG  B "C1'" 1 
ATOM   732  N N9    . DG  B 2 11 ? 16.391  -7.584  -14.817 1.00 38.28 ? 11  DG  B N9    1 
ATOM   733  C C8    . DG  B 2 11 ? 15.946  -8.006  -13.590 1.00 37.31 ? 11  DG  B C8    1 
ATOM   734  N N7    . DG  B 2 11 ? 15.020  -7.224  -13.075 1.00 37.47 ? 11  DG  B N7    1 
ATOM   735  C C5    . DG  B 2 11 ? 14.841  -6.222  -14.028 1.00 28.40 ? 11  DG  B C5    1 
ATOM   736  C C6    . DG  B 2 11 ? 13.980  -5.096  -14.021 1.00 31.59 ? 11  DG  B C6    1 
ATOM   737  O O6    . DG  B 2 11 ? 13.164  -4.747  -13.136 1.00 34.32 ? 11  DG  B O6    1 
ATOM   738  N N1    . DG  B 2 11 ? 14.122  -4.350  -15.196 1.00 27.97 ? 11  DG  B N1    1 
ATOM   739  C C2    . DG  B 2 11 ? 14.987  -4.647  -16.224 1.00 34.97 ? 11  DG  B C2    1 
ATOM   740  N N2    . DG  B 2 11 ? 14.994  -3.803  -17.268 1.00 33.94 ? 11  DG  B N2    1 
ATOM   741  N N3    . DG  B 2 11 ? 15.803  -5.698  -16.234 1.00 39.26 ? 11  DG  B N3    1 
ATOM   742  C C4    . DG  B 2 11 ? 15.671  -6.440  -15.106 1.00 36.50 ? 11  DG  B C4    1 
ATOM   743  P P     . DA  B 2 12 ? 21.366  -9.051  -17.011 1.00 62.50 ? 12  DA  B P     1 
ATOM   744  O OP1   . DA  B 2 12 ? 22.014  -9.833  -18.093 1.00 61.48 ? 12  DA  B OP1   1 
ATOM   745  O OP2   . DA  B 2 12 ? 21.808  -9.154  -15.596 1.00 51.64 ? 12  DA  B OP2   1 
ATOM   746  O "O5'" . DA  B 2 12 ? 21.443  -7.518  -17.425 1.00 49.20 ? 12  DA  B "O5'" 1 
ATOM   747  C "C5'" . DA  B 2 12 ? 20.798  -7.160  -18.644 1.00 40.28 ? 12  DA  B "C5'" 1 
ATOM   748  C "C4'" . DA  B 2 12 ? 20.604  -5.662  -18.657 1.00 38.51 ? 12  DA  B "C4'" 1 
ATOM   749  O "O4'" . DA  B 2 12 ? 19.501  -5.323  -17.768 1.00 34.93 ? 12  DA  B "O4'" 1 
ATOM   750  C "C3'" . DA  B 2 12 ? 21.833  -4.911  -18.154 1.00 38.38 ? 12  DA  B "C3'" 1 
ATOM   751  O "O3'" . DA  B 2 12 ? 22.142  -3.910  -19.102 1.00 43.94 ? 12  DA  B "O3'" 1 
ATOM   752  C "C2'" . DA  B 2 12 ? 21.393  -4.319  -16.816 1.00 36.77 ? 12  DA  B "C2'" 1 
ATOM   753  C "C1'" . DA  B 2 12 ? 19.876  -4.201  -16.995 1.00 36.29 ? 12  DA  B "C1'" 1 
ATOM   754  N N9    . DA  B 2 12 ? 19.116  -4.233  -15.753 1.00 32.38 ? 12  DA  B N9    1 
ATOM   755  C C8    . DA  B 2 12 ? 19.184  -5.183  -14.765 1.00 31.29 ? 12  DA  B C8    1 
ATOM   756  N N7    . DA  B 2 12 ? 18.377  -4.941  -13.750 1.00 34.89 ? 12  DA  B N7    1 
ATOM   757  C C5    . DA  B 2 12 ? 17.740  -3.755  -14.108 1.00 29.36 ? 12  DA  B C5    1 
ATOM   758  C C6    . DA  B 2 12 ? 16.771  -2.964  -13.457 1.00 27.79 ? 12  DA  B C6    1 
ATOM   759  N N6    . DA  B 2 12 ? 16.248  -3.295  -12.264 1.00 28.65 ? 12  DA  B N6    1 
ATOM   760  N N1    . DA  B 2 12 ? 16.367  -1.836  -14.085 1.00 27.65 ? 12  DA  B N1    1 
ATOM   761  C C2    . DA  B 2 12 ? 16.887  -1.526  -15.284 1.00 28.34 ? 12  DA  B C2    1 
ATOM   762  N N3    . DA  B 2 12 ? 17.808  -2.188  -15.988 1.00 29.04 ? 12  DA  B N3    1 
ATOM   763  C C4    . DA  B 2 12 ? 18.186  -3.305  -15.340 1.00 24.84 ? 12  DA  B C4    1 
ATOM   764  P P     . DC  B 2 13 ? 23.544  -3.125  -19.030 1.00 55.02 ? 13  DC  B P     1 
ATOM   765  O OP1   . DC  B 2 13 ? 23.818  -2.579  -20.384 1.00 48.19 ? 13  DC  B OP1   1 
ATOM   766  O OP2   . DC  B 2 13 ? 24.527  -3.983  -18.319 1.00 37.88 ? 13  DC  B OP2   1 
ATOM   767  O "O5'" . DC  B 2 13 ? 23.234  -1.902  -18.040 1.00 48.25 ? 13  DC  B "O5'" 1 
ATOM   768  C "C5'" . DC  B 2 13 ? 22.237  -0.973  -18.456 1.00 39.58 ? 13  DC  B "C5'" 1 
ATOM   769  C "C4'" . DC  B 2 13 ? 21.940  0.006   -17.337 1.00 35.30 ? 13  DC  B "C4'" 1 
ATOM   770  O "O4'" . DC  B 2 13 ? 21.156  -0.673  -16.325 1.00 29.38 ? 13  DC  B "O4'" 1 
ATOM   771  C "C3'" . DC  B 2 13 ? 23.169  0.571   -16.618 1.00 32.86 ? 13  DC  B "C3'" 1 
ATOM   772  O "O3'" . DC  B 2 13 ? 23.128  1.990   -16.755 1.00 31.89 ? 13  DC  B "O3'" 1 
ATOM   773  C "C2'" . DC  B 2 13 ? 22.986  0.123   -15.160 1.00 36.96 ? 13  DC  B "C2'" 1 
ATOM   774  C "C1'" . DC  B 2 13 ? 21.465  -0.023  -15.104 1.00 31.32 ? 13  DC  B "C1'" 1 
ATOM   775  N N1    . DC  B 2 13 ? 20.884  -0.833  -13.991 1.00 28.20 ? 13  DC  B N1    1 
ATOM   776  C C2    . DC  B 2 13 ? 19.884  -0.256  -13.197 1.00 26.94 ? 13  DC  B C2    1 
ATOM   777  O O2    . DC  B 2 13 ? 19.517  0.904   -13.431 1.00 30.26 ? 13  DC  B O2    1 
ATOM   778  N N3    . DC  B 2 13 ? 19.343  -0.977  -12.182 1.00 26.29 ? 13  DC  B N3    1 
ATOM   779  C C4    . DC  B 2 13 ? 19.738  -2.228  -11.947 1.00 31.49 ? 13  DC  B C4    1 
ATOM   780  N N4    . DC  B 2 13 ? 19.143  -2.873  -10.923 1.00 30.40 ? 13  DC  B N4    1 
ATOM   781  C C5    . DC  B 2 13 ? 20.765  -2.839  -12.745 1.00 26.56 ? 13  DC  B C5    1 
ATOM   782  C C6    . DC  B 2 13 ? 21.298  -2.116  -13.747 1.00 25.57 ? 13  DC  B C6    1 
ATOM   783  P P     . DA  B 2 14 ? 24.455  2.807   -17.137 1.00 36.35 ? 14  DA  B P     1 
ATOM   784  O OP1   . DA  B 2 14 ? 24.051  4.168   -17.539 1.00 41.69 ? 14  DA  B OP1   1 
ATOM   785  O OP2   . DA  B 2 14 ? 25.269  1.966   -18.054 1.00 38.12 ? 14  DA  B OP2   1 
ATOM   786  O "O5'" . DA  B 2 14 ? 25.235  2.918   -15.739 1.00 35.47 ? 14  DA  B "O5'" 1 
ATOM   787  C "C5'" . DA  B 2 14 ? 24.694  3.633   -14.629 1.00 38.94 ? 14  DA  B "C5'" 1 
ATOM   788  C "C4'" . DA  B 2 14 ? 25.608  3.419   -13.440 1.00 30.75 ? 14  DA  B "C4'" 1 
ATOM   789  O "O4'" . DA  B 2 14 ? 25.865  1.996   -13.321 1.00 32.67 ? 14  DA  B "O4'" 1 
ATOM   790  C "C3'" . DA  B 2 14 ? 27.003  4.000   -13.598 1.00 34.77 ? 14  DA  B "C3'" 1 
ATOM   791  O "O3'" . DA  B 2 14 ? 27.010  5.381   -13.224 1.00 41.80 ? 14  DA  B "O3'" 1 
ATOM   792  C "C2'" . DA  B 2 14 ? 27.813  3.145   -12.625 1.00 26.84 ? 14  DA  B "C2'" 1 
ATOM   793  C "C1'" . DA  B 2 14 ? 27.176  1.778   -12.842 1.00 26.41 ? 14  DA  B "C1'" 1 
ATOM   794  N N9    . DA  B 2 14 ? 27.888  0.902   -13.773 1.00 33.21 ? 14  DA  B N9    1 
ATOM   795  C C8    . DA  B 2 14 ? 27.542  0.589   -15.060 1.00 34.53 ? 14  DA  B C8    1 
ATOM   796  N N7    . DA  B 2 14 ? 28.381  -0.240  -15.650 1.00 32.20 ? 14  DA  B N7    1 
ATOM   797  C C5    . DA  B 2 14 ? 29.343  -0.483  -14.672 1.00 31.85 ? 14  DA  B C5    1 
ATOM   798  C C6    . DA  B 2 14 ? 30.509  -1.280  -14.660 1.00 34.53 ? 14  DA  B C6    1 
ATOM   799  N N6    . DA  B 2 14 ? 30.909  -2.021  -15.716 1.00 37.96 ? 14  DA  B N6    1 
ATOM   800  N N1    . DA  B 2 14 ? 31.234  -1.286  -13.514 1.00 30.41 ? 14  DA  B N1    1 
ATOM   801  C C2    . DA  B 2 14 ? 30.838  -0.555  -12.458 1.00 35.67 ? 14  DA  B C2    1 
ATOM   802  N N3    . DA  B 2 14 ? 29.763  0.228   -12.355 1.00 32.15 ? 14  DA  B N3    1 
ATOM   803  C C4    . DA  B 2 14 ? 29.053  0.213   -13.508 1.00 32.18 ? 14  DA  B C4    1 
ATOM   804  O "O5'" . DG  C 3 1  ? 12.308  2.315   -5.518  1.00 33.45 ? 1   DG  C "O5'" 1 
ATOM   805  C "C5'" . DG  C 3 1  ? 12.467  3.672   -5.097  1.00 24.80 ? 1   DG  C "C5'" 1 
ATOM   806  C "C4'" . DG  C 3 1  ? 13.394  4.411   -6.058  1.00 29.21 ? 1   DG  C "C4'" 1 
ATOM   807  O "O4'" . DG  C 3 1  ? 14.758  3.927   -5.889  1.00 33.99 ? 1   DG  C "O4'" 1 
ATOM   808  C "C3'" . DG  C 3 1  ? 13.104  4.224   -7.543  1.00 29.28 ? 1   DG  C "C3'" 1 
ATOM   809  O "O3'" . DG  C 3 1  ? 12.184  5.220   -8.006  1.00 28.21 ? 1   DG  C "O3'" 1 
ATOM   810  C "C2'" . DG  C 3 1  ? 14.479  4.470   -8.169  1.00 27.78 ? 1   DG  C "C2'" 1 
ATOM   811  C "C1'" . DG  C 3 1  ? 15.393  3.788   -7.153  1.00 28.51 ? 1   DG  C "C1'" 1 
ATOM   812  N N9    . DG  C 3 1  ? 15.651  2.369   -7.432  1.00 26.52 ? 1   DG  C N9    1 
ATOM   813  C C8    . DG  C 3 1  ? 15.240  1.263   -6.719  1.00 26.14 ? 1   DG  C C8    1 
ATOM   814  N N7    . DG  C 3 1  ? 15.651  0.126   -7.234  1.00 24.72 ? 1   DG  C N7    1 
ATOM   815  C C5    . DG  C 3 1  ? 16.366  0.503   -8.369  1.00 26.09 ? 1   DG  C C5    1 
ATOM   816  C C6    . DG  C 3 1  ? 17.052  -0.285  -9.333  1.00 27.28 ? 1   DG  C C6    1 
ATOM   817  O O6    . DG  C 3 1  ? 17.158  -1.528  -9.375  1.00 28.58 ? 1   DG  C O6    1 
ATOM   818  N N1    . DG  C 3 1  ? 17.640  0.511   -10.328 1.00 26.75 ? 1   DG  C N1    1 
ATOM   819  C C2    . DG  C 3 1  ? 17.593  1.888   -10.366 1.00 30.82 ? 1   DG  C C2    1 
ATOM   820  N N2    . DG  C 3 1  ? 18.225  2.498   -11.390 1.00 28.89 ? 1   DG  C N2    1 
ATOM   821  N N3    . DG  C 3 1  ? 16.962  2.627   -9.460  1.00 28.85 ? 1   DG  C N3    1 
ATOM   822  C C4    . DG  C 3 1  ? 16.374  1.875   -8.497  1.00 28.35 ? 1   DG  C C4    1 
ATOM   823  P P     . DT  C 3 2  ? 11.215  4.912   -9.249  1.00 28.68 ? 2   DT  C P     1 
ATOM   824  O OP1   . DT  C 3 2  ? 10.285  6.064   -9.387  1.00 30.25 ? 2   DT  C OP1   1 
ATOM   825  O OP2   . DT  C 3 2  ? 10.687  3.531   -9.091  1.00 29.49 ? 2   DT  C OP2   1 
ATOM   826  O "O5'" . DT  C 3 2  ? 12.228  4.855   -10.506 1.00 31.97 ? 2   DT  C "O5'" 1 
ATOM   827  C "C5'" . DT  C 3 2  ? 12.932  6.032   -10.929 1.00 24.81 ? 2   DT  C "C5'" 1 
ATOM   828  C "C4'" . DT  C 3 2  ? 13.781  5.690   -12.136 1.00 34.20 ? 2   DT  C "C4'" 1 
ATOM   829  O "O4'" . DT  C 3 2  ? 14.731  4.665   -11.760 1.00 28.74 ? 2   DT  C "O4'" 1 
ATOM   830  C "C3'" . DT  C 3 2  ? 12.982  5.072   -13.270 1.00 29.04 ? 2   DT  C "C3'" 1 
ATOM   831  O "O3'" . DT  C 3 2  ? 12.503  6.115   -14.095 1.00 28.46 ? 2   DT  C "O3'" 1 
ATOM   832  C "C2'" . DT  C 3 2  ? 14.044  4.253   -14.000 1.00 32.62 ? 2   DT  C "C2'" 1 
ATOM   833  C "C1'" . DT  C 3 2  ? 14.920  3.780   -12.856 1.00 31.58 ? 2   DT  C "C1'" 1 
ATOM   834  N N1    . DT  C 3 2  ? 14.670  2.383   -12.407 1.00 31.30 ? 2   DT  C N1    1 
ATOM   835  C C2    . DT  C 3 2  ? 15.298  1.375   -13.102 1.00 27.74 ? 2   DT  C C2    1 
ATOM   836  O O2    . DT  C 3 2  ? 16.020  1.567   -14.066 1.00 31.19 ? 2   DT  C O2    1 
ATOM   837  N N3    . DT  C 3 2  ? 15.043  0.119   -12.642 1.00 21.86 ? 2   DT  C N3    1 
ATOM   838  C C4    . DT  C 3 2  ? 14.255  -0.234  -11.569 1.00 25.50 ? 2   DT  C C4    1 
ATOM   839  O O4    . DT  C 3 2  ? 14.112  -1.406  -11.231 1.00 26.25 ? 2   DT  C O4    1 
ATOM   840  C C5    . DT  C 3 2  ? 13.620  0.862   -10.885 1.00 24.58 ? 2   DT  C C5    1 
ATOM   841  C C7    . DT  C 3 2  ? 12.745  0.557   -9.710  1.00 20.70 ? 2   DT  C C7    1 
ATOM   842  C C6    . DT  C 3 2  ? 13.857  2.112   -11.321 1.00 24.79 ? 2   DT  C C6    1 
ATOM   843  P P     . DC  C 3 3  ? 11.250  5.873   -15.063 1.00 27.48 ? 3   DC  C P     1 
ATOM   844  O OP1   . DC  C 3 3  ? 11.064  7.112   -15.870 1.00 29.92 ? 3   DC  C OP1   1 
ATOM   845  O OP2   . DC  C 3 3  ? 10.153  5.281   -14.253 1.00 30.68 ? 3   DC  C OP2   1 
ATOM   846  O "O5'" . DC  C 3 3  ? 11.743  4.686   -16.039 1.00 32.66 ? 3   DC  C "O5'" 1 
ATOM   847  C "C5'" . DC  C 3 3  ? 12.599  4.955   -17.133 1.00 33.75 ? 3   DC  C "C5'" 1 
ATOM   848  C "C4'" . DC  C 3 3  ? 12.991  3.645   -17.795 1.00 35.89 ? 3   DC  C "C4'" 1 
ATOM   849  O "O4'" . DC  C 3 3  ? 13.524  2.760   -16.788 1.00 32.51 ? 3   DC  C "O4'" 1 
ATOM   850  C "C3'" . DC  C 3 3  ? 11.856  2.808   -18.358 1.00 30.26 ? 3   DC  C "C3'" 1 
ATOM   851  O "O3'" . DC  C 3 3  ? 11.499  3.284   -19.643 1.00 28.86 ? 3   DC  C "O3'" 1 
ATOM   852  C "C2'" . DC  C 3 3  ? 12.536  1.446   -18.482 1.00 33.27 ? 3   DC  C "C2'" 1 
ATOM   853  C "C1'" . DC  C 3 3  ? 13.463  1.437   -17.274 1.00 33.83 ? 3   DC  C "C1'" 1 
ATOM   854  N N1    . DC  C 3 3  ? 12.993  0.539   -16.191 1.00 33.38 ? 3   DC  C N1    1 
ATOM   855  C C2    . DC  C 3 3  ? 13.415  -0.787  -16.245 1.00 30.95 ? 3   DC  C C2    1 
ATOM   856  O O2    . DC  C 3 3  ? 14.153  -1.126  -17.183 1.00 36.64 ? 3   DC  C O2    1 
ATOM   857  N N3    . DC  C 3 3  ? 13.007  -1.652  -15.285 1.00 30.10 ? 3   DC  C N3    1 
ATOM   858  C C4    . DC  C 3 3  ? 12.224  -1.222  -14.297 1.00 32.54 ? 3   DC  C C4    1 
ATOM   859  N N4    . DC  C 3 3  ? 11.863  -2.125  -13.377 1.00 33.24 ? 3   DC  C N4    1 
ATOM   860  C C5    . DC  C 3 3  ? 11.775  0.139   -14.224 1.00 30.37 ? 3   DC  C C5    1 
ATOM   861  C C6    . DC  C 3 3  ? 12.177  0.980   -15.189 1.00 31.63 ? 3   DC  C C6    1 
HETATM 862  N N1    . 5CM C 3 4  ? 11.097  -2.298  -19.568 1.00 29.68 ? 4   5CM C N1    1 
HETATM 863  C C2    . 5CM C 3 4  ? 11.378  -3.465  -18.900 1.00 32.15 ? 4   5CM C C2    1 
HETATM 864  N N3    . 5CM C 3 4  ? 10.886  -3.677  -17.639 1.00 32.82 ? 4   5CM C N3    1 
HETATM 865  C C4    . 5CM C 3 4  ? 10.127  -2.751  -17.027 1.00 32.66 ? 4   5CM C C4    1 
HETATM 866  C C5    . 5CM C 3 4  ? 9.853   -1.584  -17.688 1.00 31.49 ? 4   5CM C C5    1 
HETATM 867  C C5A   . 5CM C 3 4  ? 9.021   -0.518  -17.053 1.00 31.35 ? 4   5CM C C5A   1 
HETATM 868  C C6    . 5CM C 3 4  ? 10.339  -1.378  -18.955 1.00 31.76 ? 4   5CM C C6    1 
HETATM 869  O O2    . 5CM C 3 4  ? 12.063  -4.350  -19.408 1.00 36.45 ? 4   5CM C O2    1 
HETATM 870  N N4    . 5CM C 3 4  ? 9.643   -3.027  -15.700 1.00 33.24 ? 4   5CM C N4    1 
HETATM 871  C "C1'" . 5CM C 3 4  ? 11.572  -2.040  -20.907 1.00 30.30 ? 4   5CM C "C1'" 1 
HETATM 872  C "C2'" . 5CM C 3 4  ? 10.423  -2.011  -21.863 1.00 34.81 ? 4   5CM C "C2'" 1 
HETATM 873  C "C3'" . 5CM C 3 4  ? 10.886  -1.109  -22.925 1.00 36.67 ? 4   5CM C "C3'" 1 
HETATM 874  C "C4'" . 5CM C 3 4  ? 11.928  -0.290  -22.232 1.00 39.89 ? 4   5CM C "C4'" 1 
HETATM 875  O "O4'" . 5CM C 3 4  ? 12.297  -0.851  -20.996 1.00 33.75 ? 4   5CM C "O4'" 1 
HETATM 876  O "O3'" . 5CM C 3 4  ? 11.549  -1.765  -23.954 1.00 39.22 ? 4   5CM C "O3'" 1 
HETATM 877  C "C5'" . 5CM C 3 4  ? 11.504  1.139   -22.054 1.00 43.95 ? 4   5CM C "C5'" 1 
HETATM 878  O "O5'" . 5CM C 3 4  ? 10.709  1.276   -20.930 1.00 39.00 ? 4   5CM C "O5'" 1 
HETATM 879  P P     . 5CM C 3 4  ? 10.221  2.677   -20.405 1.00 32.03 ? 4   5CM C P     1 
HETATM 880  O OP1   . 5CM C 3 4  ? 9.839   3.640   -21.508 1.00 34.38 ? 4   5CM C OP1   1 
HETATM 881  O OP2   . 5CM C 3 4  ? 9.141   2.420   -19.378 1.00 35.65 ? 4   5CM C OP2   1 
ATOM   882  P P     . DG  C 3 5  ? 10.806  -2.873  -24.869 1.00 34.05 ? 5   DG  C P     1 
ATOM   883  O OP1   . DG  C 3 5  ? 11.366  -2.776  -26.240 1.00 45.34 ? 5   DG  C OP1   1 
ATOM   884  O OP2   . DG  C 3 5  ? 9.336   -2.744  -24.681 1.00 34.49 ? 5   DG  C OP2   1 
ATOM   885  O "O5'" . DG  C 3 5  ? 11.271  -4.261  -24.225 1.00 32.98 ? 5   DG  C "O5'" 1 
ATOM   886  C "C5'" . DG  C 3 5  ? 12.656  -4.527  -24.135 1.00 34.75 ? 5   DG  C "C5'" 1 
ATOM   887  C "C4'" . DG  C 3 5  ? 12.917  -5.976  -23.759 1.00 40.11 ? 5   DG  C "C4'" 1 
ATOM   888  O "O4'" . DG  C 3 5  ? 12.487  -6.281  -22.403 1.00 34.82 ? 5   DG  C "O4'" 1 
ATOM   889  C "C3'" . DG  C 3 5  ? 12.229  -7.005  -24.638 1.00 40.18 ? 5   DG  C "C3'" 1 
ATOM   890  O "O3'" . DG  C 3 5  ? 13.119  -8.113  -24.733 1.00 46.31 ? 5   DG  C "O3'" 1 
ATOM   891  C "C2'" . DG  C 3 5  ? 10.964  -7.339  -23.846 1.00 37.16 ? 5   DG  C "C2'" 1 
ATOM   892  C "C1'" . DG  C 3 5  ? 11.417  -7.206  -22.389 1.00 30.64 ? 5   DG  C "C1'" 1 
ATOM   893  N N9    . DG  C 3 5  ? 10.386  -6.683  -21.478 1.00 34.33 ? 5   DG  C N9    1 
ATOM   894  C C8    . DG  C 3 5  ? 9.603   -5.566  -21.680 1.00 29.58 ? 5   DG  C C8    1 
ATOM   895  N N7    . DG  C 3 5  ? 8.766   -5.318  -20.702 1.00 32.49 ? 5   DG  C N7    1 
ATOM   896  C C5    . DG  C 3 5  ? 9.009   -6.330  -19.784 1.00 29.59 ? 5   DG  C C5    1 
ATOM   897  C C6    . DG  C 3 5  ? 8.397   -6.570  -18.527 1.00 30.33 ? 5   DG  C C6    1 
ATOM   898  O O6    . DG  C 3 5  ? 7.499   -5.909  -17.975 1.00 33.43 ? 5   DG  C O6    1 
ATOM   899  N N1    . DG  C 3 5  ? 8.926   -7.704  -17.906 1.00 28.56 ? 5   DG  C N1    1 
ATOM   900  C C2    . DG  C 3 5  ? 9.924   -8.497  -18.440 1.00 30.10 ? 5   DG  C C2    1 
ATOM   901  N N2    . DG  C 3 5  ? 10.315  -9.544  -17.693 1.00 26.29 ? 5   DG  C N2    1 
ATOM   902  N N3    . DG  C 3 5  ? 10.508  -8.278  -19.616 1.00 30.98 ? 5   DG  C N3    1 
ATOM   903  C C4    . DG  C 3 5  ? 10.004  -7.178  -20.240 1.00 31.62 ? 5   DG  C C4    1 
ATOM   904  P P     . DG  C 3 6  ? 12.834  -9.302  -25.780 1.00 46.75 ? 6   DG  C P     1 
ATOM   905  O OP1   . DG  C 3 6  ? 14.136  -9.712  -26.359 1.00 42.64 ? 6   DG  C OP1   1 
ATOM   906  O OP2   . DG  C 3 6  ? 11.702  -8.890  -26.651 1.00 37.68 ? 6   DG  C OP2   1 
ATOM   907  O "O5'" . DG  C 3 6  ? 12.291  -10.484 -24.853 1.00 37.43 ? 6   DG  C "O5'" 1 
ATOM   908  C "C5'" . DG  C 3 6  ? 13.163  -10.937 -23.818 1.00 36.65 ? 6   DG  C "C5'" 1 
ATOM   909  C "C4'" . DG  C 3 6  ? 12.567  -12.100 -23.051 1.00 40.19 ? 6   DG  C "C4'" 1 
ATOM   910  O "O4'" . DG  C 3 6  ? 11.618  -11.636 -22.048 1.00 46.23 ? 6   DG  C "O4'" 1 
ATOM   911  C "C3'" . DG  C 3 6  ? 11.822  -13.121 -23.906 1.00 48.94 ? 6   DG  C "C3'" 1 
ATOM   912  O "O3'" . DG  C 3 6  ? 12.160  -14.405 -23.356 1.00 54.47 ? 6   DG  C "O3'" 1 
ATOM   913  C "C2'" . DG  C 3 6  ? 10.354  -12.718 -23.726 1.00 42.12 ? 6   DG  C "C2'" 1 
ATOM   914  C "C1'" . DG  C 3 6  ? 10.337  -12.203 -22.284 1.00 37.37 ? 6   DG  C "C1'" 1 
ATOM   915  N N9    . DG  C 3 6  ? 9.328   -11.179 -21.998 1.00 33.88 ? 6   DG  C N9    1 
ATOM   916  C C8    . DG  C 3 6  ? 8.982   -10.111 -22.787 1.00 35.78 ? 6   DG  C C8    1 
ATOM   917  N N7    . DG  C 3 6  ? 8.058   -9.346  -22.262 1.00 32.91 ? 6   DG  C N7    1 
ATOM   918  C C5    . DG  C 3 6  ? 7.768   -9.946  -21.042 1.00 29.41 ? 6   DG  C C5    1 
ATOM   919  C C6    . DG  C 3 6  ? 6.841   -9.562  -20.033 1.00 29.85 ? 6   DG  C C6    1 
ATOM   920  O O6    . DG  C 3 6  ? 6.067   -8.585  -20.030 1.00 32.98 ? 6   DG  C O6    1 
ATOM   921  N N1    . DG  C 3 6  ? 6.871   -10.444 -18.951 1.00 27.66 ? 6   DG  C N1    1 
ATOM   922  C C2    . DG  C 3 6  ? 7.694   -11.548 -18.862 1.00 30.90 ? 6   DG  C C2    1 
ATOM   923  N N2    . DG  C 3 6  ? 7.580   -12.283 -17.757 1.00 29.55 ? 6   DG  C N2    1 
ATOM   924  N N3    . DG  C 3 6  ? 8.563   -11.921 -19.797 1.00 36.50 ? 6   DG  C N3    1 
ATOM   925  C C4    . DG  C 3 6  ? 8.547   -11.071 -20.863 1.00 34.45 ? 6   DG  C C4    1 
ATOM   926  P P     . DT  C 3 7  ? 11.557  -15.756 -23.991 1.00 54.46 ? 7   DT  C P     1 
ATOM   927  O OP1   . DT  C 3 7  ? 12.490  -16.863 -23.659 1.00 50.71 ? 7   DT  C OP1   1 
ATOM   928  O OP2   . DT  C 3 7  ? 11.154  -15.464 -25.390 1.00 45.82 ? 7   DT  C OP2   1 
ATOM   929  O "O5'" . DT  C 3 7  ? 10.224  -16.000 -23.146 1.00 48.74 ? 7   DT  C "O5'" 1 
ATOM   930  C "C5'" . DT  C 3 7  ? 10.352  -16.190 -21.734 1.00 43.82 ? 7   DT  C "C5'" 1 
ATOM   931  C "C4'" . DT  C 3 7  ? 8.973   -16.294 -21.112 1.00 50.57 ? 7   DT  C "C4'" 1 
ATOM   932  O "O4'" . DT  C 3 7  ? 8.317   -15.009 -21.195 1.00 43.26 ? 7   DT  C "O4'" 1 
ATOM   933  C "C3'" . DT  C 3 7  ? 8.026   -17.256 -21.822 1.00 56.84 ? 7   DT  C "C3'" 1 
ATOM   934  O "O3'" . DT  C 3 7  ? 7.807   -18.347 -20.951 1.00 58.00 ? 7   DT  C "O3'" 1 
ATOM   935  C "C2'" . DT  C 3 7  ? 6.743   -16.452 -22.089 1.00 47.25 ? 7   DT  C "C2'" 1 
ATOM   936  C "C1'" . DT  C 3 7  ? 6.929   -15.231 -21.188 1.00 41.80 ? 7   DT  C "C1'" 1 
ATOM   937  N N1    . DT  C 3 7  ? 6.309   -13.957 -21.657 1.00 36.57 ? 7   DT  C N1    1 
ATOM   938  C C2    . DT  C 3 7  ? 5.463   -13.282 -20.798 1.00 28.45 ? 7   DT  C C2    1 
ATOM   939  O O2    . DT  C 3 7  ? 5.194   -13.693 -19.682 1.00 33.29 ? 7   DT  C O2    1 
ATOM   940  N N3    . DT  C 3 7  ? 4.936   -12.117 -21.289 1.00 24.88 ? 7   DT  C N3    1 
ATOM   941  C C4    . DT  C 3 7  ? 5.182   -11.560 -22.533 1.00 31.21 ? 7   DT  C C4    1 
ATOM   942  O O4    . DT  C 3 7  ? 4.663   -10.501 -22.891 1.00 31.62 ? 7   DT  C O4    1 
ATOM   943  C C5    . DT  C 3 7  ? 6.080   -12.321 -23.378 1.00 38.79 ? 7   DT  C C5    1 
ATOM   944  C C7    . DT  C 3 7  ? 6.415   -11.824 -24.753 1.00 41.69 ? 7   DT  C C7    1 
ATOM   945  C C6    . DT  C 3 7  ? 6.602   -13.463 -22.908 1.00 34.49 ? 7   DT  C C6    1 
ATOM   946  P P     . DA  C 3 8  ? 6.942   -19.609 -21.440 1.00 61.14 ? 8   DA  C P     1 
ATOM   947  O OP1   . DA  C 3 8  ? 7.511   -20.821 -20.801 1.00 70.53 ? 8   DA  C OP1   1 
ATOM   948  O OP2   . DA  C 3 8  ? 6.802   -19.526 -22.916 1.00 67.84 ? 8   DA  C OP2   1 
ATOM   949  O "O5'" . DA  C 3 8  ? 5.507   -19.338 -20.808 1.00 55.09 ? 8   DA  C "O5'" 1 
ATOM   950  C "C5'" . DA  C 3 8  ? 5.452   -19.244 -19.392 1.00 52.56 ? 8   DA  C "C5'" 1 
ATOM   951  C "C4'" . DA  C 3 8  ? 4.081   -18.782 -18.947 1.00 56.82 ? 8   DA  C "C4'" 1 
ATOM   952  O "O4'" . DA  C 3 8  ? 3.849   -17.416 -19.392 1.00 49.06 ? 8   DA  C "O4'" 1 
ATOM   953  C "C3'" . DA  C 3 8  ? 2.930   -19.613 -19.494 1.00 60.91 ? 8   DA  C "C3'" 1 
ATOM   954  O "O3'" . DA  C 3 8  ? 1.997   -19.767 -18.439 1.00 64.38 ? 8   DA  C "O3'" 1 
ATOM   955  C "C2'" . DA  C 3 8  ? 2.383   -18.751 -20.635 1.00 57.63 ? 8   DA  C "C2'" 1 
ATOM   956  C "C1'" . DA  C 3 8  ? 2.609   -17.351 -20.068 1.00 49.29 ? 8   DA  C "C1'" 1 
ATOM   957  N N9    . DA  C 3 8  ? 2.648   -16.273 -21.057 1.00 41.66 ? 8   DA  C N9    1 
ATOM   958  C C8    . DA  C 3 8  ? 3.400   -16.209 -22.196 1.00 40.07 ? 8   DA  C C8    1 
ATOM   959  N N7    . DA  C 3 8  ? 3.218   -15.102 -22.888 1.00 37.97 ? 8   DA  C N7    1 
ATOM   960  C C5    . DA  C 3 8  ? 2.282   -14.387 -22.143 1.00 35.16 ? 8   DA  C C5    1 
ATOM   961  C C6    . DA  C 3 8  ? 1.660   -13.133 -22.333 1.00 32.25 ? 8   DA  C C6    1 
ATOM   962  N N6    . DA  C 3 8  ? 1.905   -12.334 -23.382 1.00 30.79 ? 8   DA  C N6    1 
ATOM   963  N N1    . DA  C 3 8  ? 0.770   -12.735 -21.397 1.00 36.59 ? 8   DA  C N1    1 
ATOM   964  C C2    . DA  C 3 8  ? 0.524   -13.535 -20.347 1.00 38.10 ? 8   DA  C C2    1 
ATOM   965  N N3    . DA  C 3 8  ? 1.044   -14.732 -20.062 1.00 38.67 ? 8   DA  C N3    1 
ATOM   966  C C4    . DA  C 3 8  ? 1.922   -15.101 -21.011 1.00 38.88 ? 8   DA  C C4    1 
ATOM   967  P P     . DG  C 3 9  ? 0.940   -20.974 -18.462 1.00 69.26 ? 9   DG  C P     1 
ATOM   968  O OP1   . DG  C 3 9  ? 0.944   -21.607 -17.119 1.00 57.11 ? 9   DG  C OP1   1 
ATOM   969  O OP2   . DG  C 3 9  ? 1.190   -21.776 -19.683 1.00 66.49 ? 9   DG  C OP2   1 
ATOM   970  O "O5'" . DG  C 3 9  ? -0.460  -20.230 -18.639 1.00 65.72 ? 9   DG  C "O5'" 1 
ATOM   971  C "C5'" . DG  C 3 9  ? -0.904  -19.388 -17.582 1.00 52.64 ? 9   DG  C "C5'" 1 
ATOM   972  C "C4'" . DG  C 3 9  ? -1.924  -18.400 -18.114 1.00 53.71 ? 9   DG  C "C4'" 1 
ATOM   973  O "O4'" . DG  C 3 9  ? -1.250  -17.513 -19.036 1.00 46.17 ? 9   DG  C "O4'" 1 
ATOM   974  C "C3'" . DG  C 3 9  ? -3.075  -19.029 -18.901 1.00 52.96 ? 9   DG  C "C3'" 1 
ATOM   975  O "O3'" . DG  C 3 9  ? -4.261  -19.047 -18.103 1.00 50.21 ? 9   DG  C "O3'" 1 
ATOM   976  C "C2'" . DG  C 3 9  ? -3.247  -18.140 -20.132 1.00 55.16 ? 9   DG  C "C2'" 1 
ATOM   977  C "C1'" . DG  C 3 9  ? -2.220  -17.027 -19.932 1.00 46.52 ? 9   DG  C "C1'" 1 
ATOM   978  N N9    . DG  C 3 9  ? -1.555  -16.618 -21.158 1.00 38.06 ? 9   DG  C N9    1 
ATOM   979  C C8    . DG  C 3 9  ? -0.539  -17.249 -21.842 1.00 43.27 ? 9   DG  C C8    1 
ATOM   980  N N7    . DG  C 3 9  ? -0.165  -16.601 -22.922 1.00 44.00 ? 9   DG  C N7    1 
ATOM   981  C C5    . DG  C 3 9  ? -0.992  -15.476 -22.948 1.00 35.70 ? 9   DG  C C5    1 
ATOM   982  C C6    . DG  C 3 9  ? -1.057  -14.407 -23.873 1.00 30.99 ? 9   DG  C C6    1 
ATOM   983  O O6    . DG  C 3 9  ? -0.359  -14.233 -24.897 1.00 35.18 ? 9   DG  C O6    1 
ATOM   984  N N1    . DG  C 3 9  ? -2.043  -13.488 -23.496 1.00 32.44 ? 9   DG  C N1    1 
ATOM   985  C C2    . DG  C 3 9  ? -2.860  -13.587 -22.385 1.00 39.25 ? 9   DG  C C2    1 
ATOM   986  N N2    . DG  C 3 9  ? -3.760  -12.610 -22.186 1.00 41.07 ? 9   DG  C N2    1 
ATOM   987  N N3    . DG  C 3 9  ? -2.801  -14.583 -21.515 1.00 39.39 ? 9   DG  C N3    1 
ATOM   988  C C4    . DG  C 3 9  ? -1.850  -15.481 -21.866 1.00 37.61 ? 9   DG  C C4    1 
ATOM   989  P P     . DT  C 3 10 ? -5.566  -19.842 -18.611 1.00 63.12 ? 10  DT  C P     1 
ATOM   990  O OP1   . DT  C 3 10 ? -6.329  -20.273 -17.417 1.00 65.35 ? 10  DT  C OP1   1 
ATOM   991  O OP2   . DT  C 3 10 ? -5.133  -20.840 -19.616 1.00 53.85 ? 10  DT  C OP2   1 
ATOM   992  O "O5'" . DT  C 3 10 ? -6.396  -18.726 -19.403 1.00 55.86 ? 10  DT  C "O5'" 1 
ATOM   993  C "C5'" . DT  C 3 10 ? -6.865  -17.574 -18.708 1.00 54.71 ? 10  DT  C "C5'" 1 
ATOM   994  C "C4'" . DT  C 3 10 ? -7.540  -16.620 -19.674 1.00 53.38 ? 10  DT  C "C4'" 1 
ATOM   995  O "O4'" . DT  C 3 10 ? -6.558  -16.059 -20.586 1.00 46.13 ? 10  DT  C "O4'" 1 
ATOM   996  C "C3'" . DT  C 3 10 ? -8.618  -17.285 -20.526 1.00 53.22 ? 10  DT  C "C3'" 1 
ATOM   997  O "O3'" . DT  C 3 10 ? -9.869  -16.670 -20.253 1.00 55.82 ? 10  DT  C "O3'" 1 
ATOM   998  C "C2'" . DT  C 3 10 ? -8.169  -17.078 -21.974 1.00 48.97 ? 10  DT  C "C2'" 1 
ATOM   999  C "C1'" . DT  C 3 10 ? -7.145  -15.950 -21.871 1.00 50.34 ? 10  DT  C "C1'" 1 
ATOM   1000 N N1    . DT  C 3 10 ? -6.057  -16.034 -22.895 1.00 43.91 ? 10  DT  C N1    1 
ATOM   1001 C C2    . DT  C 3 10 ? -5.898  -15.006 -23.794 1.00 37.52 ? 10  DT  C C2    1 
ATOM   1002 O O2    . DT  C 3 10 ? -6.603  -14.010 -23.814 1.00 44.86 ? 10  DT  C O2    1 
ATOM   1003 N N3    . DT  C 3 10 ? -4.865  -15.185 -24.674 1.00 32.89 ? 10  DT  C N3    1 
ATOM   1004 C C4    . DT  C 3 10 ? -4.003  -16.264 -24.756 1.00 33.38 ? 10  DT  C C4    1 
ATOM   1005 O O4    . DT  C 3 10 ? -3.104  -16.328 -25.597 1.00 39.53 ? 10  DT  C O4    1 
ATOM   1006 C C5    . DT  C 3 10 ? -4.230  -17.302 -23.789 1.00 37.73 ? 10  DT  C C5    1 
ATOM   1007 C C7    . DT  C 3 10 ? -3.351  -18.521 -23.781 1.00 40.62 ? 10  DT  C C7    1 
ATOM   1008 C C6    . DT  C 3 10 ? -5.230  -17.137 -22.917 1.00 38.80 ? 10  DT  C C6    1 
ATOM   1009 P P     . DG  C 3 11 ? -11.240 -17.409 -20.654 1.00 66.59 ? 11  DG  C P     1 
ATOM   1010 O OP1   . DG  C 3 11 ? -12.288 -16.963 -19.705 1.00 67.43 ? 11  DG  C OP1   1 
ATOM   1011 O OP2   . DG  C 3 11 ? -10.951 -18.858 -20.832 1.00 52.90 ? 11  DG  C OP2   1 
ATOM   1012 O "O5'" . DG  C 3 11 ? -11.564 -16.824 -22.108 1.00 53.63 ? 11  DG  C "O5'" 1 
ATOM   1013 C "C5'" . DG  C 3 11 ? -11.709 -15.418 -22.296 1.00 45.39 ? 11  DG  C "C5'" 1 
ATOM   1014 C "C4'" . DG  C 3 11 ? -11.806 -15.124 -23.779 1.00 52.49 ? 11  DG  C "C4'" 1 
ATOM   1015 O "O4'" . DG  C 3 11 ? -10.478 -15.114 -24.376 1.00 46.47 ? 11  DG  C "O4'" 1 
ATOM   1016 C "C3'" . DG  C 3 11 ? -12.637 -16.154 -24.549 1.00 51.46 ? 11  DG  C "C3'" 1 
ATOM   1017 O "O3'" . DG  C 3 11 ? -13.492 -15.447 -25.437 1.00 57.46 ? 11  DG  C "O3'" 1 
ATOM   1018 C "C2'" . DG  C 3 11 ? -11.579 -16.983 -25.279 1.00 46.36 ? 11  DG  C "C2'" 1 
ATOM   1019 C "C1'" . DG  C 3 11 ? -10.513 -15.921 -25.536 1.00 43.96 ? 11  DG  C "C1'" 1 
ATOM   1020 N N9    . DG  C 3 11 ? -9.186  -16.447 -25.846 1.00 38.18 ? 11  DG  C N9    1 
ATOM   1021 C C8    . DG  C 3 11 ? -8.563  -17.558 -25.328 1.00 38.31 ? 11  DG  C C8    1 
ATOM   1022 N N7    . DG  C 3 11 ? -7.366  -17.758 -25.835 1.00 41.54 ? 11  DG  C N7    1 
ATOM   1023 C C5    . DG  C 3 11 ? -7.188  -16.723 -26.748 1.00 36.85 ? 11  DG  C C5    1 
ATOM   1024 C C6    . DG  C 3 11 ? -6.095  -16.418 -27.597 1.00 35.21 ? 11  DG  C C6    1 
ATOM   1025 O O6    . DG  C 3 11 ? -5.011  -17.017 -27.725 1.00 38.41 ? 11  DG  C O6    1 
ATOM   1026 N N1    . DG  C 3 11 ? -6.354  -15.279 -28.353 1.00 31.57 ? 11  DG  C N1    1 
ATOM   1027 C C2    . DG  C 3 11 ? -7.503  -14.531 -28.302 1.00 33.59 ? 11  DG  C C2    1 
ATOM   1028 N N2    . DG  C 3 11 ? -7.560  -13.462 -29.120 1.00 37.29 ? 11  DG  C N2    1 
ATOM   1029 N N3    . DG  C 3 11 ? -8.526  -14.803 -27.508 1.00 36.14 ? 11  DG  C N3    1 
ATOM   1030 C C4    . DG  C 3 11 ? -8.303  -15.912 -26.763 1.00 36.88 ? 11  DG  C C4    1 
ATOM   1031 P P     . DA  C 3 12 ? -14.815 -16.143 -26.037 1.00 61.60 ? 12  DA  C P     1 
ATOM   1032 O OP1   . DA  C 3 12 ? -15.981 -15.662 -25.255 1.00 67.18 ? 12  DA  C OP1   1 
ATOM   1033 O OP2   . DA  C 3 12 ? -14.563 -17.604 -26.145 1.00 51.92 ? 12  DA  C OP2   1 
ATOM   1034 O "O5'" . DA  C 3 12 ? -14.900 -15.529 -27.505 1.00 55.18 ? 12  DA  C "O5'" 1 
ATOM   1035 C "C5'" . DA  C 3 12 ? -14.513 -14.155 -27.631 1.00 49.39 ? 12  DA  C "C5'" 1 
ATOM   1036 C "C4'" . DA  C 3 12 ? -14.136 -13.766 -29.054 1.00 49.99 ? 12  DA  C "C4'" 1 
ATOM   1037 O "O4'" . DA  C 3 12 ? -12.709 -13.986 -29.262 1.00 47.37 ? 12  DA  C "O4'" 1 
ATOM   1038 C "C3'" . DA  C 3 12 ? -14.889 -14.505 -30.161 1.00 43.07 ? 12  DA  C "C3'" 1 
ATOM   1039 O "O3'" . DA  C 3 12 ? -15.347 -13.555 -31.146 1.00 51.18 ? 12  DA  C "O3'" 1 
ATOM   1040 C "C2'" . DA  C 3 12 ? -13.851 -15.496 -30.706 1.00 41.94 ? 12  DA  C "C2'" 1 
ATOM   1041 C "C1'" . DA  C 3 12 ? -12.491 -14.897 -30.322 1.00 40.74 ? 12  DA  C "C1'" 1 
ATOM   1042 N N9    . DA  C 3 12 ? -11.476 -15.895 -29.947 1.00 36.76 ? 12  DA  C N9    1 
ATOM   1043 C C8    . DA  C 3 12 ? -11.615 -16.919 -29.048 1.00 33.80 ? 12  DA  C C8    1 
ATOM   1044 N N7    . DA  C 3 12 ? -10.531 -17.669 -28.934 1.00 39.86 ? 12  DA  C N7    1 
ATOM   1045 C C5    . DA  C 3 12 ? -9.620  -17.109 -29.821 1.00 33.80 ? 12  DA  C C5    1 
ATOM   1046 C C6    . DA  C 3 12 ? -8.284  -17.433 -30.167 1.00 31.16 ? 12  DA  C C6    1 
ATOM   1047 N N6    . DA  C 3 12 ? -7.588  -18.464 -29.647 1.00 33.23 ? 12  DA  C N6    1 
ATOM   1048 N N1    . DA  C 3 12 ? -7.686  -16.651 -31.093 1.00 34.33 ? 12  DA  C N1    1 
ATOM   1049 C C2    . DA  C 3 12 ? -8.371  -15.630 -31.629 1.00 31.45 ? 12  DA  C C2    1 
ATOM   1050 N N3    . DA  C 3 12 ? -9.611  -15.231 -31.374 1.00 33.47 ? 12  DA  C N3    1 
ATOM   1051 C C4    . DA  C 3 12 ? -10.190 -16.014 -30.452 1.00 29.83 ? 12  DA  C C4    1 
ATOM   1052 P P     . DC  C 3 13 ? -16.250 -14.036 -32.391 1.00 51.69 ? 13  DC  C P     1 
ATOM   1053 O OP1   . DC  C 3 13 ? -16.946 -12.847 -32.936 1.00 59.34 ? 13  DC  C OP1   1 
ATOM   1054 O OP2   . DC  C 3 13 ? -17.020 -15.239 -31.966 1.00 42.92 ? 13  DC  C OP2   1 
ATOM   1055 O "O5'" . DC  C 3 13 ? -15.170 -14.544 -33.466 1.00 50.64 ? 13  DC  C "O5'" 1 
ATOM   1056 C "C5'" . DC  C 3 13 ? -14.118 -13.704 -33.942 1.00 38.29 ? 13  DC  C "C5'" 1 
ATOM   1057 C "C4'" . DC  C 3 13 ? -13.130 -14.496 -34.792 1.00 41.95 ? 13  DC  C "C4'" 1 
ATOM   1058 O "O4'" . DC  C 3 13 ? -12.269 -15.306 -33.945 1.00 40.60 ? 13  DC  C "O4'" 1 
ATOM   1059 C "C3'" . DC  C 3 13 ? -13.749 -15.452 -35.819 1.00 35.48 ? 13  DC  C "C3'" 1 
ATOM   1060 O "O3'" . DC  C 3 13 ? -13.295 -15.107 -37.131 1.00 44.14 ? 13  DC  C "O3'" 1 
ATOM   1061 C "C2'" . DC  C 3 13 ? -13.223 -16.832 -35.411 1.00 37.93 ? 13  DC  C "C2'" 1 
ATOM   1062 C "C1'" . DC  C 3 13 ? -11.941 -16.482 -34.657 1.00 42.35 ? 13  DC  C "C1'" 1 
ATOM   1063 N N1    . DC  C 3 13 ? -11.454 -17.538 -33.693 1.00 35.34 ? 13  DC  C N1    1 
ATOM   1064 C C2    . DC  C 3 13 ? -10.102 -17.901 -33.680 1.00 32.80 ? 13  DC  C C2    1 
ATOM   1065 O O2    . DC  C 3 13 ? -9.306  -17.351 -34.458 1.00 32.27 ? 13  DC  C O2    1 
ATOM   1066 N N3    . DC  C 3 13 ? -9.689  -18.858 -32.805 1.00 30.87 ? 13  DC  C N3    1 
ATOM   1067 C C4    . DC  C 3 13 ? -10.565 -19.441 -31.967 1.00 36.53 ? 13  DC  C C4    1 
ATOM   1068 N N4    . DC  C 3 13 ? -10.105 -20.374 -31.110 1.00 29.49 ? 13  DC  C N4    1 
ATOM   1069 C C5    . DC  C 3 13 ? -11.947 -19.081 -31.968 1.00 34.72 ? 13  DC  C C5    1 
ATOM   1070 C C6    . DC  C 3 13 ? -12.336 -18.137 -32.838 1.00 36.02 ? 13  DC  C C6    1 
ATOM   1071 P P     . DT  C 3 14 ? -14.067 -13.989 -37.996 1.00 39.63 ? 14  DT  C P     1 
ATOM   1072 O OP1   . DT  C 3 14 ? -13.874 -12.675 -37.331 1.00 43.58 ? 14  DT  C OP1   1 
ATOM   1073 O OP2   . DT  C 3 14 ? -15.450 -14.470 -38.237 1.00 44.06 ? 14  DT  C OP2   1 
ATOM   1074 O "O5'" . DT  C 3 14 ? -13.301 -14.017 -39.389 1.00 37.76 ? 14  DT  C "O5'" 1 
ATOM   1075 C "C5'" . DT  C 3 14 ? -11.925 -13.659 -39.459 1.00 41.37 ? 14  DT  C "C5'" 1 
ATOM   1076 C "C4'" . DT  C 3 14 ? -11.354 -14.105 -40.797 1.00 44.92 ? 14  DT  C "C4'" 1 
ATOM   1077 O "O4'" . DT  C 3 14 ? -11.305 -15.555 -40.841 1.00 48.95 ? 14  DT  C "O4'" 1 
ATOM   1078 C "C3'" . DT  C 3 14 ? -12.133 -13.687 -42.047 1.00 44.00 ? 14  DT  C "C3'" 1 
ATOM   1079 O "O3'" . DT  C 3 14 ? -11.218 -13.451 -43.119 1.00 53.13 ? 14  DT  C "O3'" 1 
ATOM   1080 C "C2'" . DT  C 3 14 ? -12.999 -14.901 -42.352 1.00 40.77 ? 14  DT  C "C2'" 1 
ATOM   1081 C "C1'" . DT  C 3 14 ? -12.078 -16.039 -41.928 1.00 41.70 ? 14  DT  C "C1'" 1 
ATOM   1082 N N1    . DT  C 3 14 ? -12.811 -17.243 -41.451 1.00 41.65 ? 14  DT  C N1    1 
ATOM   1083 C C2    . DT  C 3 14 ? -12.687 -18.417 -42.159 1.00 38.08 ? 14  DT  C C2    1 
ATOM   1084 O O2    . DT  C 3 14 ? -12.007 -18.506 -43.163 1.00 40.45 ? 14  DT  C O2    1 
ATOM   1085 N N3    . DT  C 3 14 ? -13.393 -19.480 -41.648 1.00 37.24 ? 14  DT  C N3    1 
ATOM   1086 C C4    . DT  C 3 14 ? -14.193 -19.472 -40.512 1.00 39.22 ? 14  DT  C C4    1 
ATOM   1087 O O4    . DT  C 3 14 ? -14.790 -20.472 -40.114 1.00 33.02 ? 14  DT  C O4    1 
ATOM   1088 C C5    . DT  C 3 14 ? -14.279 -18.207 -39.822 1.00 38.13 ? 14  DT  C C5    1 
ATOM   1089 C C7    . DT  C 3 14 ? -15.126 -18.096 -38.589 1.00 27.63 ? 14  DT  C C7    1 
ATOM   1090 C C6    . DT  C 3 14 ? -13.591 -17.169 -40.314 1.00 36.51 ? 14  DT  C C6    1 
HETATM 1091 C C     . ACT D 4 .  ? -7.194  -13.447 14.052  1.00 53.22 ? 201 ACT A C     1 
HETATM 1092 O O     . ACT D 4 .  ? -6.610  -13.582 12.954  1.00 48.32 ? 201 ACT A O     1 
HETATM 1093 O OXT   . ACT D 4 .  ? -7.378  -14.478 14.750  1.00 52.48 ? 201 ACT A OXT   1 
HETATM 1094 C CH3   . ACT D 4 .  ? -7.652  -12.098 14.503  1.00 53.12 ? 201 ACT A CH3   1 
HETATM 1095 C C     . ACT E 4 .  ? 2.886   -3.920  -19.012 1.00 59.75 ? 202 ACT A C     1 
HETATM 1096 O O     . ACT E 4 .  ? 2.142   -2.908  -19.052 1.00 55.80 ? 202 ACT A O     1 
HETATM 1097 O OXT   . ACT E 4 .  ? 3.382   -4.265  -20.114 1.00 55.81 ? 202 ACT A OXT   1 
HETATM 1098 C CH3   . ACT E 4 .  ? 3.158   -4.671  -17.730 1.00 41.42 ? 202 ACT A CH3   1 
HETATM 1099 C C     . ACT F 4 .  ? -3.780  6.991   2.262   1.00 53.97 ? 203 ACT A C     1 
HETATM 1100 O O     . ACT F 4 .  ? -2.553  7.257   2.159   1.00 54.87 ? 203 ACT A O     1 
HETATM 1101 O OXT   . ACT F 4 .  ? -4.335  7.342   3.334   1.00 50.83 ? 203 ACT A OXT   1 
HETATM 1102 C CH3   . ACT F 4 .  ? -4.540  6.288   1.164   1.00 43.23 ? 203 ACT A CH3   1 
HETATM 1103 C C     . ACT G 4 .  ? -1.120  -4.050  6.656   1.00 63.34 ? 204 ACT A C     1 
HETATM 1104 O O     . ACT G 4 .  ? -1.390  -4.881  5.754   1.00 53.93 ? 204 ACT A O     1 
HETATM 1105 O OXT   . ACT G 4 .  ? -1.024  -2.854  6.288   1.00 68.14 ? 204 ACT A OXT   1 
HETATM 1106 C CH3   . ACT G 4 .  ? -0.929  -4.462  8.093   1.00 57.86 ? 204 ACT A CH3   1 
HETATM 1107 C C1    . EDO H 5 .  ? 7.937   5.805   -16.989 1.00 37.70 ? 205 EDO A C1    1 
HETATM 1108 O O1    . EDO H 5 .  ? 7.986   6.508   -18.233 1.00 40.91 ? 205 EDO A O1    1 
HETATM 1109 C C2    . EDO H 5 .  ? 8.628   4.455   -17.123 1.00 39.00 ? 205 EDO A C2    1 
HETATM 1110 O O2    . EDO H 5 .  ? 7.692   3.475   -17.590 1.00 36.86 ? 205 EDO A O2    1 
HETATM 1111 C C1    . EDO I 5 .  ? -1.932  -1.826  -16.573 1.00 57.44 ? 206 EDO A C1    1 
HETATM 1112 O O1    . EDO I 5 .  ? -1.930  -2.043  -15.152 1.00 60.48 ? 206 EDO A O1    1 
HETATM 1113 C C2    . EDO I 5 .  ? -3.243  -1.189  -17.028 1.00 51.84 ? 206 EDO A C2    1 
HETATM 1114 O O2    . EDO I 5 .  ? -4.329  -2.114  -16.884 1.00 63.41 ? 206 EDO A O2    1 
HETATM 1115 C C1    . EDO J 5 .  ? -1.396  21.914  30.040  1.00 69.48 ? 207 EDO A C1    1 
HETATM 1116 O O1    . EDO J 5 .  ? -0.166  22.645  30.139  1.00 75.92 ? 207 EDO A O1    1 
HETATM 1117 C C2    . EDO J 5 .  ? -1.911  21.575  31.431  1.00 68.93 ? 207 EDO A C2    1 
HETATM 1118 O O2    . EDO J 5 .  ? -2.554  20.297  31.382  1.00 71.13 ? 207 EDO A O2    1 
HETATM 1119 C C     . ACT K 4 .  ? -7.240  -14.205 -35.979 1.00 63.88 ? 101 ACT B C     1 
HETATM 1120 O O     . ACT K 4 .  ? -6.560  -13.633 -35.096 1.00 51.24 ? 101 ACT B O     1 
HETATM 1121 O OXT   . ACT K 4 .  ? -8.460  -14.398 -35.710 1.00 56.01 ? 101 ACT B OXT   1 
HETATM 1122 C CH3   . ACT K 4 .  ? -6.607  -14.623 -37.279 1.00 49.74 ? 101 ACT B CH3   1 
HETATM 1123 C C     . ACT L 4 .  ? 17.498  2.611   -16.619 1.00 58.38 ? 101 ACT C C     1 
HETATM 1124 O O     . ACT L 4 .  ? 16.669  3.490   -16.271 1.00 50.73 ? 101 ACT C O     1 
HETATM 1125 O OXT   . ACT L 4 .  ? 18.461  2.405   -15.838 1.00 55.04 ? 101 ACT C OXT   1 
HETATM 1126 C CH3   . ACT L 4 .  ? 17.350  1.848   -17.908 1.00 60.97 ? 101 ACT C CH3   1 
HETATM 1127 O O     . HOH M 6 .  ? 4.629   -4.055  -14.407 1.00 37.29 ? 301 HOH A O     1 
HETATM 1128 O O     . HOH M 6 .  ? 3.956   8.395   -11.829 1.00 20.90 ? 302 HOH A O     1 
HETATM 1129 O O     . HOH M 6 .  ? -3.879  9.593   19.267  1.00 35.50 ? 303 HOH A O     1 
HETATM 1130 O O     . HOH M 6 .  ? 5.621   -7.592  -6.521  1.00 35.38 ? 304 HOH A O     1 
HETATM 1131 O O     . HOH M 6 .  ? -5.605  -3.663  7.283   1.00 30.97 ? 305 HOH A O     1 
HETATM 1132 O O     . HOH M 6 .  ? 9.453   -4.046  -1.085  1.00 39.86 ? 306 HOH A O     1 
HETATM 1133 O O     . HOH M 6 .  ? 9.670   8.451   -10.972 1.00 26.46 ? 307 HOH A O     1 
HETATM 1134 O O     . HOH M 6 .  ? 1.791   8.071   -5.591  1.00 34.68 ? 308 HOH A O     1 
HETATM 1135 O O     . HOH M 6 .  ? 8.782   3.447   -5.131  1.00 35.23 ? 309 HOH A O     1 
HETATM 1136 O O     . HOH M 6 .  ? -1.448  7.529   -8.503  1.00 30.49 ? 310 HOH A O     1 
HETATM 1137 O O     . HOH M 6 .  ? 11.646  -2.314  -7.057  1.00 44.87 ? 311 HOH A O     1 
HETATM 1138 O O     . HOH M 6 .  ? 7.660   1.315   -14.385 1.00 34.39 ? 312 HOH A O     1 
HETATM 1139 O O     . HOH M 6 .  ? 1.076   5.357   5.453   1.00 38.93 ? 313 HOH A O     1 
HETATM 1140 O O     . HOH M 6 .  ? -1.958  -3.922  13.370  1.00 36.58 ? 314 HOH A O     1 
HETATM 1141 O O     . HOH M 6 .  ? -9.501  2.736   3.714   1.00 36.99 ? 315 HOH A O     1 
HETATM 1142 O O     . HOH M 6 .  ? 3.403   9.322   -20.924 1.00 44.19 ? 316 HOH A O     1 
HETATM 1143 O O     . HOH M 6 .  ? -0.824  -5.096  15.672  1.00 44.57 ? 317 HOH A O     1 
HETATM 1144 O O     . HOH M 6 .  ? 0.586   -12.758 10.181  1.00 39.49 ? 318 HOH A O     1 
HETATM 1145 O O     . HOH M 6 .  ? 6.127   2.059   -16.419 1.00 34.44 ? 319 HOH A O     1 
HETATM 1146 O O     . HOH M 6 .  ? -3.769  -1.340  5.779   1.00 45.83 ? 320 HOH A O     1 
HETATM 1147 O O     . HOH M 6 .  ? 8.732   -8.855  -8.431  1.00 53.80 ? 321 HOH A O     1 
HETATM 1148 O O     . HOH M 6 .  ? -1.184  -1.208  -20.257 1.00 31.67 ? 322 HOH A O     1 
HETATM 1149 O O     . HOH M 6 .  ? -5.218  -11.000 6.374   1.00 28.19 ? 323 HOH A O     1 
HETATM 1150 O O     . HOH M 6 .  ? 2.177   4.020   1.723   1.00 37.96 ? 324 HOH A O     1 
HETATM 1151 O O     . HOH M 6 .  ? 3.480   -12.071 -1.974  1.00 41.55 ? 325 HOH A O     1 
HETATM 1152 O O     . HOH M 6 .  ? -0.785  -6.066  12.032  1.00 51.50 ? 326 HOH A O     1 
HETATM 1153 O O     . HOH M 6 .  ? 0.766   -5.007  -15.364 1.00 57.60 ? 327 HOH A O     1 
HETATM 1154 O O     . HOH M 6 .  ? -3.114  -10.448 9.691   1.00 46.13 ? 328 HOH A O     1 
HETATM 1155 O O     . HOH M 6 .  ? -1.233  -8.699  10.304  1.00 48.88 ? 329 HOH A O     1 
HETATM 1156 O O     . HOH M 6 .  ? -2.207  -1.951  17.615  1.00 40.07 ? 330 HOH A O     1 
HETATM 1157 O O     . HOH M 6 .  ? 3.072   -6.070  -22.281 1.00 40.99 ? 331 HOH A O     1 
HETATM 1158 O O     . HOH M 6 .  ? 3.294   6.256   1.286   1.00 49.82 ? 332 HOH A O     1 
HETATM 1159 O O     . HOH M 6 .  ? 5.613   21.293  31.536  1.00 56.46 ? 333 HOH A O     1 
HETATM 1160 O O     . HOH M 6 .  ? 1.974   -10.663 10.278  1.00 50.17 ? 334 HOH A O     1 
HETATM 1161 O O     . HOH M 6 .  ? -0.292  -2.994  25.406  1.00 57.72 ? 335 HOH A O     1 
HETATM 1162 O O     . HOH M 6 .  ? -3.737  7.547   -10.174 1.00 36.91 ? 336 HOH A O     1 
HETATM 1163 O O     . HOH M 6 .  ? 6.979   -7.556  -0.560  1.00 53.30 ? 337 HOH A O     1 
HETATM 1164 O O     . HOH M 6 .  ? 4.423   -7.366  6.817   1.00 53.13 ? 338 HOH A O     1 
HETATM 1165 O O     . HOH M 6 .  ? 6.581   -8.561  -2.601  1.00 57.15 ? 339 HOH A O     1 
HETATM 1166 O O     . HOH M 6 .  ? -3.355  -15.848 -3.057  1.00 48.52 ? 340 HOH A O     1 
HETATM 1167 O O     . HOH M 6 .  ? -1.902  -14.962 -5.047  1.00 38.07 ? 341 HOH A O     1 
HETATM 1168 O O     . HOH M 6 .  ? 9.980   -2.098  4.134   1.00 47.59 ? 342 HOH A O     1 
HETATM 1169 O O     . HOH M 6 .  ? 5.072   8.264   -9.087  1.00 41.84 ? 343 HOH A O     1 
HETATM 1170 O O     . HOH M 6 .  ? 9.025   4.785   -1.865  1.00 54.37 ? 344 HOH A O     1 
HETATM 1171 O O     . HOH M 6 .  ? 0.759   -3.213  -13.544 1.00 41.04 ? 345 HOH A O     1 
HETATM 1172 O O     . HOH M 6 .  ? 7.767   -11.608 -6.912  1.00 46.40 ? 346 HOH A O     1 
HETATM 1173 O O     . HOH M 6 .  ? -2.888  -15.067 -10.130 1.00 47.33 ? 347 HOH A O     1 
HETATM 1174 O O     . HOH M 6 .  ? -2.878  0.180   13.869  1.00 48.74 ? 348 HOH A O     1 
HETATM 1175 O O     . HOH M 6 .  ? -1.299  2.934   14.730  1.00 47.69 ? 349 HOH A O     1 
HETATM 1176 O O     . HOH M 6 .  ? 2.888   -15.759 -14.483 1.00 59.43 ? 350 HOH A O     1 
HETATM 1177 O O     . HOH M 6 .  ? 4.157   -16.033 -9.935  1.00 39.80 ? 351 HOH A O     1 
HETATM 1178 O O     . HOH M 6 .  ? 5.331   -6.606  -21.513 1.00 40.07 ? 352 HOH A O     1 
HETATM 1179 O O     . HOH N 6 .  ? 29.473  -2.456  -18.196 1.00 27.79 ? 201 HOH B O     1 
HETATM 1180 O O     . HOH N 6 .  ? 6.022   -9.027  -9.258  1.00 35.14 ? 202 HOH B O     1 
HETATM 1181 O O     . HOH N 6 .  ? -3.636  -12.132 -10.843 1.00 39.83 ? 203 HOH B O     1 
HETATM 1182 O O     . HOH N 6 .  ? 26.406  -0.423  -18.477 1.00 30.35 ? 204 HOH B O     1 
HETATM 1183 O O     . HOH N 6 .  ? 3.352   -14.281 -6.212  1.00 37.31 ? 205 HOH B O     1 
HETATM 1184 O O     . HOH N 6 .  ? 12.681  -5.029  -10.344 1.00 49.60 ? 206 HOH B O     1 
HETATM 1185 O O     . HOH N 6 .  ? 28.821  -0.118  -18.303 0.50 26.76 ? 207 HOH B O     1 
HETATM 1186 O O     . HOH N 6 .  ? 0.843   -17.228 -32.277 1.00 41.81 ? 208 HOH B O     1 
HETATM 1187 O O     . HOH N 6 .  ? 18.668  -6.309  -11.336 1.00 38.35 ? 209 HOH B O     1 
HETATM 1188 O O     . HOH N 6 .  ? -2.751  -6.609  -12.131 1.00 46.56 ? 210 HOH B O     1 
HETATM 1189 O O     . HOH N 6 .  ? 0.798   -5.731  -20.392 1.00 47.70 ? 211 HOH B O     1 
HETATM 1190 O O     . HOH N 6 .  ? 16.732  -5.207  -9.971  1.00 43.49 ? 212 HOH B O     1 
HETATM 1191 O O     . HOH N 6 .  ? -4.282  -25.172 -35.921 1.00 29.14 ? 213 HOH B O     1 
HETATM 1192 O O     . HOH N 6 .  ? 1.421   -6.928  -12.910 1.00 39.18 ? 214 HOH B O     1 
HETATM 1193 O O     . HOH N 6 .  ? 27.809  -4.577  -18.404 1.00 42.13 ? 215 HOH B O     1 
HETATM 1194 O O     . HOH N 6 .  ? -4.495  -19.837 -28.065 1.00 45.72 ? 216 HOH B O     1 
HETATM 1195 O O     . HOH N 6 .  ? -0.055  -17.428 -29.694 1.00 47.74 ? 217 HOH B O     1 
HETATM 1196 O O     . HOH N 6 .  ? -5.806  -23.767 -29.861 1.00 41.02 ? 218 HOH B O     1 
HETATM 1197 O O     . HOH N 6 .  ? 0.827   -14.439 -29.067 1.00 38.05 ? 219 HOH B O     1 
HETATM 1198 O O     . HOH N 6 .  ? 0.101   -12.146 -30.053 1.00 44.76 ? 220 HOH B O     1 
HETATM 1199 O O     . HOH N 6 .  ? 14.404  -9.775  -17.973 1.00 42.45 ? 221 HOH B O     1 
HETATM 1200 O O     . HOH N 6 .  ? 2.550   -25.493 -34.654 1.00 42.07 ? 222 HOH B O     1 
HETATM 1201 O O     . HOH N 6 .  ? -5.682  -6.850  -12.098 1.00 54.04 ? 223 HOH B O     1 
HETATM 1202 O O     . HOH N 6 .  ? 9.878   -12.887 -15.579 1.00 47.63 ? 224 HOH B O     1 
HETATM 1203 O O     . HOH N 6 .  ? 26.572  6.422   -10.578 1.00 43.77 ? 225 HOH B O     1 
HETATM 1204 O O     . HOH N 6 .  ? 18.050  -1.189  -18.847 1.00 41.39 ? 226 HOH B O     1 
HETATM 1205 O O     . HOH N 6 .  ? -3.330  -12.805 -18.045 1.00 55.58 ? 227 HOH B O     1 
HETATM 1206 O O     . HOH N 6 .  ? -6.367  -12.100 -19.398 1.00 57.29 ? 228 HOH B O     1 
HETATM 1207 O O     . HOH N 6 .  ? -8.104  -10.123 -27.215 1.00 43.16 ? 229 HOH B O     1 
HETATM 1208 O O     . HOH N 6 .  ? 17.796  -3.875  -20.092 1.00 49.24 ? 230 HOH B O     1 
HETATM 1209 O O     . HOH N 6 .  ? 17.041  -8.848  -19.839 1.00 50.60 ? 231 HOH B O     1 
HETATM 1210 O O     . HOH N 6 .  ? 6.341   -14.386 -14.531 1.00 49.70 ? 232 HOH B O     1 
HETATM 1211 O O     . HOH O 6 .  ? 8.839   0.044   -10.382 1.00 32.76 ? 201 HOH C O     1 
HETATM 1212 O O     . HOH O 6 .  ? 7.807   -1.744  -13.681 1.00 37.64 ? 202 HOH C O     1 
HETATM 1213 O O     . HOH O 6 .  ? 10.185  2.159   -6.879  1.00 28.57 ? 203 HOH C O     1 
HETATM 1214 O O     . HOH O 6 .  ? 7.848   5.873   -8.398  1.00 28.87 ? 204 HOH C O     1 
HETATM 1215 O O     . HOH O 6 .  ? 9.911   2.806   -13.575 1.00 36.58 ? 205 HOH C O     1 
HETATM 1216 O O     . HOH O 6 .  ? 15.883  -2.386  -5.780  1.00 32.73 ? 206 HOH C O     1 
HETATM 1217 O O     . HOH O 6 .  ? 17.609  5.273   -9.791  1.00 30.62 ? 207 HOH C O     1 
HETATM 1218 O O     . HOH O 6 .  ? 13.933  -2.941  -8.950  1.00 37.44 ? 208 HOH C O     1 
HETATM 1219 O O     . HOH O 6 .  ? 12.098  5.306   -21.991 1.00 48.05 ? 209 HOH C O     1 
HETATM 1220 O O     . HOH O 6 .  ? 13.794  -1.138  -26.529 1.00 48.60 ? 210 HOH C O     1 
HETATM 1221 O O     . HOH O 6 .  ? 7.019   -7.294  -23.919 1.00 39.38 ? 211 HOH C O     1 
HETATM 1222 O O     . HOH O 6 .  ? 1.592   -18.324 -24.801 1.00 50.94 ? 212 HOH C O     1 
HETATM 1223 O O     . HOH O 6 .  ? 5.406   -18.342 -24.946 1.00 51.93 ? 213 HOH C O     1 
HETATM 1224 O O     . HOH O 6 .  ? -16.627 -15.285 -40.826 1.00 40.79 ? 214 HOH C O     1 
HETATM 1225 O O     . HOH O 6 .  ? 9.204   8.815   -14.878 1.00 32.36 ? 215 HOH C O     1 
HETATM 1226 O O     . HOH O 6 .  ? 16.198  -3.494  -8.216  1.00 30.84 ? 216 HOH C O     1 
HETATM 1227 O O     . HOH O 6 .  ? -10.254 -12.873 -33.001 1.00 42.43 ? 217 HOH C O     1 
HETATM 1228 O O     . HOH O 6 .  ? 18.531  4.915   -12.903 1.00 42.20 ? 218 HOH C O     1 
HETATM 1229 O O     . HOH O 6 .  ? 13.973  8.858   -15.365 1.00 52.96 ? 219 HOH C O     1 
HETATM 1230 O O     . HOH O 6 .  ? 21.081  4.161   -13.281 1.00 48.76 ? 220 HOH C O     1 
HETATM 1231 O O     . HOH O 6 .  ? 9.635   -9.865  -26.193 1.00 55.70 ? 221 HOH C O     1 
HETATM 1232 O O     . HOH O 6 .  ? 13.010  9.070   -18.058 1.00 55.02 ? 222 HOH C O     1 
HETATM 1233 O O     . HOH O 6 .  ? 15.428  -0.552  -19.720 1.00 49.53 ? 223 HOH C O     1 
HETATM 1234 O O     . HOH O 6 .  ? -18.540 -16.792 -40.627 1.00 47.94 ? 224 HOH C O     1 
HETATM 1235 O O     . HOH O 6 .  ? -10.009 -20.162 -27.559 1.00 50.55 ? 225 HOH C O     1 
HETATM 1236 O O     . HOH O 6 .  ? 1.368   -15.371 -26.424 1.00 47.52 ? 226 HOH C O     1 
HETATM 1237 O O     . HOH O 6 .  ? -6.195  -20.187 -25.674 1.00 46.93 ? 227 HOH C O     1 
HETATM 1238 O O     . HOH O 6 .  ? 6.183   -1.408  -11.245 1.00 41.37 ? 228 HOH C O     1 
HETATM 1239 O O     . HOH O 6 .  ? -10.069 -11.729 -29.235 1.00 55.43 ? 229 HOH C O     1 
HETATM 1240 O O     . HOH O 6 .  ? 10.328  10.317  -13.060 1.00 29.81 ? 230 HOH C O     1 
HETATM 1241 O O     . HOH O 6 .  ? 12.767  10.298  -13.153 1.00 42.78 ? 231 HOH C O     1 
HETATM 1242 O O     . HOH O 6 .  ? -16.819 -13.267 -42.428 1.00 45.58 ? 232 HOH C O     1 
HETATM 1243 O O     . HOH O 6 .  ? 9.354   2.207   -11.223 1.00 31.11 ? 233 HOH C O     1 
HETATM 1244 O O     . HOH O 6 .  ? 5.040   -15.115 -18.052 1.00 43.60 ? 234 HOH C O     1 
HETATM 1245 O O     . HOH O 6 .  ? 11.650  4.898   -1.486  1.00 38.99 ? 235 HOH C O     1 
HETATM 1246 O O     . HOH O 6 .  ? -8.782  -12.483 -23.726 1.00 49.07 ? 236 HOH C O     1 
HETATM 1247 O O     . HOH O 6 .  ? 14.593  -4.298  -20.714 1.00 42.84 ? 237 HOH C O     1 
HETATM 1248 O O     . HOH O 6 .  ? 12.272  -11.729 -18.691 1.00 53.40 ? 238 HOH C O     1 
HETATM 1249 O O     . HOH O 6 .  ? 10.119  -13.959 -19.059 1.00 46.23 ? 239 HOH C O     1 
# 
